data_2Q7N
#
_entry.id   2Q7N
#
_cell.length_a   193.476
_cell.length_b   240.131
_cell.length_c   202.631
_cell.angle_alpha   90.00
_cell.angle_beta   90.00
_cell.angle_gamma   90.00
#
_symmetry.space_group_name_H-M   'C 2 2 21'
#
loop_
_entity.id
_entity.type
_entity.pdbx_description
1 polymer 'Leukemia inhibitory factor receptor'
2 polymer 'Leukemia inhibitory factor'
3 branched 2-acetamido-2-deoxy-beta-D-glucopyranose-(1-4)-[alpha-L-fucopyranose-(1-6)]2-acetamido-2-deoxy-beta-D-glucopyranose
4 branched 2-acetamido-2-deoxy-beta-D-glucopyranose-(1-4)-2-acetamido-2-deoxy-beta-D-glucopyranose
5 branched alpha-D-mannopyranose-(1-3)-alpha-D-mannopyranose-(1-4)-2-acetamido-2-deoxy-beta-D-glucopyranose-(1-4)-2-acetamido-2-deoxy-beta-D-glucopyranose
6 branched alpha-D-mannopyranose-(1-4)-2-acetamido-2-deoxy-beta-D-glucopyranose-(1-4)-[alpha-L-fucopyranose-(1-6)]2-acetamido-2-deoxy-beta-D-glucopyranose
7 branched alpha-D-mannopyranose-(1-3)-alpha-D-mannopyranose-(1-4)-2-acetamido-2-deoxy-beta-D-glucopyranose-(1-4)-[alpha-L-fucopyranose-(1-6)]2-acetamido-2-deoxy-beta-D-glucopyranose
8 non-polymer 2-acetamido-2-deoxy-beta-D-glucopyranose
#
loop_
_entity_poly.entity_id
_entity_poly.type
_entity_poly.pdbx_seq_one_letter_code
_entity_poly.pdbx_strand_id
1 'polypeptide(L)'
;DYKDDDDKDLKCTTNNMRVWDCTWPAPLGVSPGTVKDICIKDRFHSCHPLETTNVKIPALSPGDHEVTINYLNGFQSKFT
LNEKDVSLIPETPEILDLSADFFTSSLLLKWNDRGSALPHPSNATWEIKVLQNPRTEPVALVLLNTMLSGKDTVQHWNWT
SDLPLQCATHSVSIRWHIDSPHFSGYKEWSDWSPLKNISWIRNTETNVFPQDKVVLAGSNMTICCMSPTKVLSGQIGNTL
RPLIHLYGQTVAIHILNIPVSENSGTNIIFITDDDVYGTVVFAGYPPDVPQKLSCETHDLKEIICSWNPGRITGLVGPRN
TEYTLFESISGKSAVFHRIEGLTNETYRLGVQMHPGQEIHNFTLTGRNPLGQAQSAVVINVTERVAPHDPTSLKVKDINS
TVVTFSWYLPGNFTKINLLCQIEICKANSKKEVRNATIRGAEDSTYHVAVDKLNPYTAYTFRVRCSSKTFWKWSRWSDEK
RHLTTEAT
;
A,C
2 'polypeptide(L)'
;SPLPITPVNATCAIRHPCHNNLMNQIRSQLAQLNGSANALFILYYTAQGEPFPNNLDKLCGPNVTDFPPFHANGTEKAKL
VELYRIVVYLGTSLGNITRDQKILNPSALSLHSKLNATADILRGLLSNVLCRLCSKYHVGHVDVTYGPDTSGKDVFQKKK
LGCQLLGKYKQIIAVLAQAF
;
B,D
#
# COMPACT_ATOMS: atom_id res chain seq x y z
N ASP A 9 -40.44 42.78 -66.66
CA ASP A 9 -41.63 43.40 -65.97
C ASP A 9 -42.35 42.43 -64.97
N LEU A 10 -41.77 41.24 -64.80
CA LEU A 10 -42.36 40.04 -64.17
C LEU A 10 -41.34 39.36 -63.22
N LYS A 11 -41.06 39.95 -62.04
CA LYS A 11 -39.84 39.61 -61.25
C LYS A 11 -39.72 38.18 -60.66
N CYS A 12 -38.58 37.50 -60.94
CA CYS A 12 -38.36 36.07 -60.63
C CYS A 12 -37.35 35.69 -59.52
N THR A 13 -37.38 34.41 -59.09
CA THR A 13 -36.47 33.83 -58.07
C THR A 13 -36.24 32.33 -58.32
N THR A 14 -35.19 31.77 -57.71
CA THR A 14 -34.90 30.33 -57.74
C THR A 14 -34.07 29.92 -56.54
N ASN A 15 -34.39 28.76 -55.95
CA ASN A 15 -33.55 28.20 -54.87
C ASN A 15 -32.38 27.42 -55.47
N ASN A 16 -32.71 26.48 -56.34
CA ASN A 16 -31.74 25.83 -57.19
C ASN A 16 -31.92 26.37 -58.59
N MET A 17 -31.04 25.95 -59.50
CA MET A 17 -31.07 26.53 -60.83
C MET A 17 -31.94 25.70 -61.76
N ARG A 18 -32.91 25.01 -61.17
CA ARG A 18 -33.85 24.19 -61.94
C ARG A 18 -35.25 24.81 -62.14
N VAL A 19 -35.78 25.49 -61.12
CA VAL A 19 -37.18 25.95 -61.14
C VAL A 19 -37.31 27.44 -60.79
N TRP A 20 -37.99 28.20 -61.67
CA TRP A 20 -38.27 29.64 -61.46
C TRP A 20 -39.57 29.88 -60.66
N ASP A 21 -39.50 30.79 -59.69
CA ASP A 21 -40.66 31.17 -58.89
C ASP A 21 -41.01 32.58 -59.28
N CYS A 22 -41.90 32.68 -60.26
CA CYS A 22 -42.19 33.94 -60.88
C CYS A 22 -43.57 34.47 -60.51
N THR A 23 -43.57 35.73 -60.08
CA THR A 23 -44.78 36.51 -59.80
C THR A 23 -44.85 37.79 -60.68
N TRP A 24 -46.05 38.11 -61.17
CA TRP A 24 -46.33 39.35 -61.91
C TRP A 24 -47.48 40.10 -61.21
N PRO A 25 -47.49 41.45 -61.26
CA PRO A 25 -48.72 42.15 -60.82
C PRO A 25 -49.87 42.02 -61.85
N ALA A 26 -51.11 42.02 -61.35
CA ALA A 26 -52.33 41.85 -62.18
C ALA A 26 -52.55 43.05 -63.13
N PRO A 27 -53.15 42.82 -64.34
CA PRO A 27 -53.47 43.95 -65.23
C PRO A 27 -54.68 44.74 -64.70
N LEU A 28 -54.39 45.92 -64.13
CA LEU A 28 -55.37 46.72 -63.40
C LEU A 28 -56.65 46.88 -64.22
N GLY A 29 -57.71 47.29 -63.53
CA GLY A 29 -59.05 47.12 -64.07
C GLY A 29 -59.56 45.79 -63.56
N VAL A 30 -60.35 45.88 -62.46
CA VAL A 30 -60.81 44.74 -61.57
C VAL A 30 -60.74 43.27 -62.17
N SER A 31 -59.50 42.83 -62.45
CA SER A 31 -59.19 41.42 -62.75
C SER A 31 -58.26 40.85 -61.62
N PRO A 32 -58.86 40.08 -60.68
CA PRO A 32 -58.15 39.67 -59.47
C PRO A 32 -57.60 38.25 -59.52
N GLY A 33 -58.38 37.30 -58.98
CA GLY A 33 -58.08 35.87 -58.98
C GLY A 33 -59.03 35.14 -59.93
N THR A 34 -58.96 35.57 -61.19
CA THR A 34 -59.75 35.01 -62.27
C THR A 34 -58.75 34.62 -63.35
N VAL A 35 -57.82 33.75 -62.95
CA VAL A 35 -56.65 33.41 -63.73
C VAL A 35 -56.78 31.97 -64.21
N LYS A 36 -56.69 31.72 -65.51
CA LYS A 36 -56.79 30.35 -65.99
C LYS A 36 -55.42 29.73 -66.33
N ASP A 37 -54.86 30.06 -67.50
CA ASP A 37 -53.58 29.47 -68.00
C ASP A 37 -52.38 30.41 -67.81
N ILE A 38 -51.18 29.83 -67.73
CA ILE A 38 -49.96 30.57 -68.02
C ILE A 38 -49.18 29.72 -68.99
N CYS A 39 -48.95 30.23 -70.19
CA CYS A 39 -48.35 29.42 -71.25
C CYS A 39 -47.02 29.89 -71.67
N ILE A 40 -46.16 28.92 -71.98
CA ILE A 40 -44.81 29.18 -72.40
C ILE A 40 -44.57 28.35 -73.64
N LYS A 41 -43.80 28.92 -74.56
CA LYS A 41 -43.40 28.20 -75.77
C LYS A 41 -41.88 28.03 -75.71
N ASP A 42 -41.46 26.80 -75.39
CA ASP A 42 -40.04 26.41 -75.17
C ASP A 42 -39.96 24.90 -74.85
N ARG A 43 -39.18 24.19 -75.68
CA ARG A 43 -39.13 22.69 -75.78
C ARG A 43 -40.37 22.12 -76.50
N PHE A 44 -41.55 22.39 -75.92
CA PHE A 44 -42.89 22.08 -76.49
C PHE A 44 -43.90 23.25 -76.22
N HIS A 45 -45.18 23.08 -76.60
CA HIS A 45 -46.25 23.99 -76.13
C HIS A 45 -46.87 23.51 -74.79
N SER A 46 -46.24 23.93 -73.69
CA SER A 46 -46.67 23.60 -72.31
C SER A 46 -47.51 24.72 -71.68
N CYS A 47 -48.57 24.33 -70.98
CA CYS A 47 -49.51 25.28 -70.35
C CYS A 47 -49.90 24.92 -68.91
N HIS A 48 -49.53 25.80 -67.97
CA HIS A 48 -49.70 25.58 -66.54
C HIS A 48 -50.87 26.33 -65.94
N PRO A 49 -51.52 25.70 -64.95
CA PRO A 49 -52.69 26.17 -64.20
C PRO A 49 -52.32 27.23 -63.19
N LEU A 50 -53.30 27.97 -62.69
CA LEU A 50 -53.05 29.04 -61.73
C LEU A 50 -54.11 29.11 -60.63
N GLU A 51 -53.69 29.54 -59.43
CA GLU A 51 -54.61 29.81 -58.31
C GLU A 51 -54.64 31.31 -58.04
N THR A 52 -53.46 31.94 -58.13
CA THR A 52 -53.31 33.40 -58.23
C THR A 52 -52.11 33.79 -59.07
N THR A 53 -51.85 35.09 -59.08
CA THR A 53 -50.93 35.79 -59.97
C THR A 53 -49.48 35.32 -60.06
N ASN A 54 -49.13 34.25 -59.35
CA ASN A 54 -47.75 33.78 -59.36
C ASN A 54 -47.66 32.28 -59.54
N VAL A 55 -46.54 31.80 -60.09
CA VAL A 55 -46.46 30.37 -60.38
C VAL A 55 -45.06 29.76 -60.47
N LYS A 56 -45.02 28.43 -60.29
CA LYS A 56 -43.80 27.62 -60.29
C LYS A 56 -43.56 26.88 -61.61
N ILE A 57 -42.60 27.40 -62.39
CA ILE A 57 -42.25 26.91 -63.75
C ILE A 57 -40.83 26.32 -63.87
N PRO A 58 -40.62 25.36 -64.80
CA PRO A 58 -39.27 24.84 -65.07
C PRO A 58 -38.38 25.86 -65.81
N ALA A 59 -37.15 26.03 -65.33
CA ALA A 59 -36.21 26.96 -65.96
C ALA A 59 -36.07 26.61 -67.43
N LEU A 60 -36.06 27.63 -68.28
CA LEU A 60 -36.12 27.46 -69.74
C LEU A 60 -34.79 27.73 -70.45
N SER A 61 -34.83 27.87 -71.79
CA SER A 61 -33.61 28.06 -72.59
C SER A 61 -33.19 29.52 -72.68
N PRO A 62 -31.90 29.82 -72.41
CA PRO A 62 -31.42 31.20 -72.49
C PRO A 62 -31.87 31.93 -73.76
N GLY A 63 -32.41 33.13 -73.57
CA GLY A 63 -32.99 33.92 -74.65
C GLY A 63 -34.32 34.49 -74.20
N ASP A 64 -35.03 35.13 -75.12
CA ASP A 64 -36.33 35.68 -74.82
C ASP A 64 -37.45 34.68 -75.14
N HIS A 65 -38.51 34.66 -74.31
CA HIS A 65 -39.68 33.80 -74.55
C HIS A 65 -41.00 34.52 -74.32
N GLU A 66 -41.98 34.14 -75.14
CA GLU A 66 -43.34 34.62 -74.98
C GLU A 66 -43.94 33.92 -73.78
N VAL A 67 -44.15 34.66 -72.70
CA VAL A 67 -44.91 34.17 -71.56
C VAL A 67 -46.25 34.91 -71.56
N THR A 68 -47.31 34.22 -71.99
CA THR A 68 -48.67 34.76 -71.90
C THR A 68 -49.38 34.18 -70.67
N ILE A 69 -50.22 35.01 -70.05
CA ILE A 69 -51.06 34.61 -68.92
C ILE A 69 -52.49 34.85 -69.33
N ASN A 70 -53.35 33.83 -69.19
CA ASN A 70 -54.76 33.96 -69.52
C ASN A 70 -55.63 34.19 -68.27
N TYR A 71 -56.61 35.09 -68.41
CA TYR A 71 -57.62 35.33 -67.37
C TYR A 71 -58.96 34.82 -67.84
N LEU A 72 -59.80 34.49 -66.87
CA LEU A 72 -60.99 33.75 -67.14
C LEU A 72 -61.87 34.36 -68.23
N ASN A 73 -62.52 35.47 -67.89
CA ASN A 73 -63.45 36.14 -68.77
C ASN A 73 -62.79 36.46 -70.12
N GLY A 74 -62.47 37.73 -70.34
CA GLY A 74 -61.85 38.19 -71.58
C GLY A 74 -60.32 38.02 -71.50
N PHE A 75 -59.69 38.95 -70.77
CA PHE A 75 -58.30 39.33 -71.00
C PHE A 75 -57.21 38.22 -70.98
N GLN A 76 -55.95 38.70 -71.00
CA GLN A 76 -54.74 37.93 -71.27
C GLN A 76 -53.51 38.88 -71.37
N SER A 77 -52.43 38.57 -70.64
CA SER A 77 -51.25 39.46 -70.55
C SER A 77 -50.02 38.92 -71.33
N LYS A 78 -49.30 39.81 -72.02
CA LYS A 78 -48.19 39.44 -72.95
C LYS A 78 -46.81 39.84 -72.39
N PHE A 79 -46.06 38.87 -71.91
CA PHE A 79 -44.86 39.15 -71.11
C PHE A 79 -43.52 38.62 -71.64
N THR A 80 -42.61 39.55 -71.90
CA THR A 80 -41.24 39.24 -72.32
C THR A 80 -40.42 38.90 -71.07
N LEU A 81 -40.00 37.63 -70.97
CA LEU A 81 -39.23 37.11 -69.83
C LEU A 81 -37.92 36.45 -70.30
N ASN A 82 -36.89 36.43 -69.44
CA ASN A 82 -35.51 35.95 -69.79
C ASN A 82 -34.86 35.05 -68.70
N GLU A 83 -33.54 34.83 -68.77
CA GLU A 83 -32.80 34.22 -67.65
C GLU A 83 -32.23 35.31 -66.78
N LYS A 84 -31.93 36.46 -67.37
CA LYS A 84 -31.32 37.58 -66.65
C LYS A 84 -32.28 38.56 -65.95
N ASP A 85 -33.48 38.10 -65.63
CA ASP A 85 -34.38 38.84 -64.73
C ASP A 85 -34.36 38.08 -63.41
N VAL A 86 -34.10 36.78 -63.54
CA VAL A 86 -34.17 35.84 -62.45
C VAL A 86 -32.95 35.99 -61.55
N SER A 87 -33.20 35.93 -60.24
CA SER A 87 -32.15 35.92 -59.23
C SER A 87 -32.09 34.56 -58.53
N LEU A 88 -30.89 34.22 -58.06
CA LEU A 88 -30.61 32.92 -57.49
C LEU A 88 -30.28 33.02 -56.00
N ILE A 89 -31.31 32.95 -55.17
CA ILE A 89 -31.12 32.95 -53.72
C ILE A 89 -31.18 31.52 -53.17
N PRO A 90 -30.01 30.91 -52.96
CA PRO A 90 -29.95 29.51 -52.53
C PRO A 90 -30.69 29.22 -51.24
N GLU A 91 -31.11 27.96 -51.12
CA GLU A 91 -31.73 27.40 -49.94
C GLU A 91 -30.81 27.59 -48.74
N THR A 92 -31.39 27.63 -47.55
CA THR A 92 -30.62 27.67 -46.31
C THR A 92 -30.02 26.28 -46.06
N PRO A 93 -28.69 26.17 -46.01
CA PRO A 93 -28.25 24.80 -45.79
C PRO A 93 -28.29 24.55 -44.30
N GLU A 94 -28.60 23.32 -43.92
CA GLU A 94 -28.68 22.98 -42.50
C GLU A 94 -27.36 22.34 -42.06
N ILE A 95 -26.93 22.69 -40.86
CA ILE A 95 -25.76 22.08 -40.25
C ILE A 95 -26.09 20.63 -39.88
N LEU A 96 -25.34 19.69 -40.45
CA LEU A 96 -25.61 18.29 -40.18
C LEU A 96 -25.30 17.93 -38.72
N ASP A 97 -24.05 18.10 -38.29
CA ASP A 97 -23.71 17.84 -36.89
C ASP A 97 -22.71 18.86 -36.36
N LEU A 98 -22.50 18.84 -35.05
CA LEU A 98 -21.58 19.75 -34.40
C LEU A 98 -20.81 19.08 -33.27
N SER A 99 -20.19 17.95 -33.57
CA SER A 99 -19.29 17.29 -32.62
C SER A 99 -18.18 18.26 -32.22
N ALA A 100 -17.87 18.29 -30.94
CA ALA A 100 -16.92 19.24 -30.43
C ALA A 100 -15.93 18.54 -29.52
N ASP A 101 -14.66 18.87 -29.67
CA ASP A 101 -13.61 18.38 -28.78
C ASP A 101 -13.54 19.28 -27.55
N PHE A 102 -13.29 18.69 -26.39
CA PHE A 102 -13.12 19.45 -25.12
C PHE A 102 -11.66 19.54 -24.69
N PHE A 103 -10.89 18.48 -24.99
CA PHE A 103 -9.47 18.43 -24.65
C PHE A 103 -8.71 19.58 -25.30
N THR A 104 -9.05 19.89 -26.55
CA THR A 104 -8.31 20.86 -27.34
C THR A 104 -9.08 22.15 -27.58
N SER A 105 -10.26 22.27 -26.97
CA SER A 105 -11.04 23.49 -27.11
C SER A 105 -11.21 23.85 -28.58
N SER A 106 -11.99 23.05 -29.30
CA SER A 106 -12.09 23.18 -30.75
C SER A 106 -13.40 22.65 -31.31
N LEU A 107 -13.73 23.07 -32.54
CA LEU A 107 -15.01 22.76 -33.16
C LEU A 107 -14.88 22.08 -34.49
N LEU A 108 -15.85 21.23 -34.80
CA LEU A 108 -15.97 20.67 -36.14
C LEU A 108 -17.36 20.83 -36.71
N LEU A 109 -17.41 21.32 -37.92
CA LEU A 109 -18.66 21.67 -38.54
C LEU A 109 -18.77 21.01 -39.88
N LYS A 110 -19.83 20.22 -40.03
CA LYS A 110 -20.03 19.39 -41.20
C LYS A 110 -21.41 19.63 -41.77
N TRP A 111 -21.48 19.85 -43.07
CA TRP A 111 -22.76 20.10 -43.70
C TRP A 111 -22.92 19.40 -45.02
N ASN A 112 -24.13 19.52 -45.55
CA ASN A 112 -24.47 18.92 -46.82
C ASN A 112 -24.38 19.93 -47.93
N ASP A 113 -23.31 19.79 -48.70
CA ASP A 113 -23.20 20.41 -50.00
C ASP A 113 -24.22 19.69 -50.84
N ARG A 114 -25.33 20.37 -51.05
CA ARG A 114 -26.44 19.76 -51.77
C ARG A 114 -26.12 19.69 -53.27
N GLY A 115 -24.85 19.43 -53.56
CA GLY A 115 -24.32 19.41 -54.92
C GLY A 115 -25.05 18.50 -55.88
N SER A 116 -25.86 17.62 -55.33
CA SER A 116 -26.75 16.79 -56.11
C SER A 116 -27.76 17.65 -56.85
N ALA A 117 -28.08 18.82 -56.31
CA ALA A 117 -29.14 19.65 -56.89
C ALA A 117 -28.67 20.89 -57.66
N LEU A 118 -27.36 20.99 -57.92
CA LEU A 118 -26.81 22.19 -58.59
C LEU A 118 -25.90 21.85 -59.78
N PRO A 119 -26.32 22.21 -61.02
CA PRO A 119 -25.66 21.68 -62.24
C PRO A 119 -24.14 21.93 -62.37
N HIS A 120 -23.48 21.03 -63.11
CA HIS A 120 -22.14 21.19 -63.76
C HIS A 120 -21.04 21.89 -62.90
N PRO A 121 -19.77 21.92 -63.39
CA PRO A 121 -18.70 22.60 -62.61
C PRO A 121 -19.03 24.02 -62.09
N SER A 122 -19.26 24.15 -60.78
CA SER A 122 -19.70 25.41 -60.16
C SER A 122 -19.01 25.78 -58.82
N ASN A 123 -18.20 26.82 -58.86
CA ASN A 123 -17.52 27.42 -57.70
C ASN A 123 -18.52 28.15 -56.78
N ALA A 124 -18.64 27.68 -55.55
CA ALA A 124 -19.58 28.25 -54.58
C ALA A 124 -18.89 28.51 -53.26
N THR A 125 -19.25 29.60 -52.57
CA THR A 125 -18.53 30.00 -51.36
C THR A 125 -19.38 30.26 -50.12
N TRP A 126 -18.81 29.92 -48.96
CA TRP A 126 -19.51 29.80 -47.69
C TRP A 126 -19.02 30.83 -46.68
N GLU A 127 -19.93 31.55 -46.04
CA GLU A 127 -19.53 32.36 -44.90
C GLU A 127 -19.95 31.70 -43.60
N ILE A 128 -19.06 30.90 -43.04
CA ILE A 128 -19.30 30.33 -41.73
C ILE A 128 -19.16 31.46 -40.73
N LYS A 129 -19.74 31.27 -39.55
CA LYS A 129 -19.72 32.30 -38.50
C LYS A 129 -19.99 31.75 -37.10
N VAL A 130 -19.02 31.89 -36.21
CA VAL A 130 -19.18 31.40 -34.85
C VAL A 130 -19.73 32.49 -33.90
N LEU A 131 -19.35 32.45 -32.62
CA LEU A 131 -19.95 33.33 -31.60
C LEU A 131 -19.83 32.69 -30.22
N GLN A 132 -19.81 33.48 -29.15
CA GLN A 132 -20.00 32.88 -27.78
C GLN A 132 -21.22 33.39 -26.95
N ASN A 133 -20.98 34.38 -26.08
CA ASN A 133 -22.02 35.03 -25.27
C ASN A 133 -22.02 36.55 -25.43
N PRO A 134 -20.89 37.16 -25.87
CA PRO A 134 -20.83 38.60 -26.17
C PRO A 134 -21.71 39.02 -27.37
N ARG A 135 -21.93 40.33 -27.50
CA ARG A 135 -22.84 40.91 -28.52
C ARG A 135 -22.45 40.61 -29.99
N THR A 136 -21.19 40.21 -30.19
CA THR A 136 -20.66 39.83 -31.53
C THR A 136 -19.80 38.55 -31.45
N GLU A 137 -19.38 38.05 -32.62
CA GLU A 137 -18.65 36.76 -32.78
C GLU A 137 -17.15 36.80 -32.41
N PRO A 138 -16.57 35.60 -32.14
CA PRO A 138 -15.11 35.47 -32.30
C PRO A 138 -14.76 35.46 -33.78
N VAL A 139 -15.19 34.43 -34.50
CA VAL A 139 -14.76 34.22 -35.89
C VAL A 139 -15.94 34.11 -36.91
N ALA A 140 -15.77 34.75 -38.07
CA ALA A 140 -16.69 34.60 -39.20
C ALA A 140 -15.85 34.56 -40.46
N LEU A 141 -15.46 33.37 -40.85
CA LEU A 141 -14.44 33.19 -41.87
C LEU A 141 -14.96 32.34 -43.02
N VAL A 142 -14.48 32.60 -44.24
CA VAL A 142 -15.11 32.09 -45.49
C VAL A 142 -14.31 31.02 -46.26
N LEU A 143 -14.99 29.98 -46.75
CA LEU A 143 -14.33 28.85 -47.44
C LEU A 143 -14.51 28.80 -48.96
N LEU A 144 -13.39 28.58 -49.65
CA LEU A 144 -13.26 28.69 -51.11
C LEU A 144 -14.15 27.72 -51.90
N ASN A 145 -14.29 26.50 -51.37
CA ASN A 145 -15.01 25.32 -51.97
C ASN A 145 -15.55 25.34 -53.42
N THR A 146 -14.81 24.69 -54.34
CA THR A 146 -15.33 24.30 -55.67
C THR A 146 -16.18 23.02 -55.51
N MET A 147 -17.32 22.98 -56.20
CA MET A 147 -18.30 21.91 -56.04
C MET A 147 -18.21 20.86 -57.17
N LEU A 148 -18.38 19.59 -56.82
CA LEU A 148 -18.37 18.50 -57.81
C LEU A 148 -19.79 18.16 -58.23
N SER A 149 -20.06 18.19 -59.53
CA SER A 149 -21.42 17.98 -60.04
C SER A 149 -21.96 16.61 -59.65
N GLY A 150 -23.29 16.52 -59.52
CA GLY A 150 -23.96 15.28 -59.12
C GLY A 150 -23.68 14.92 -57.68
N LYS A 151 -22.54 14.26 -57.46
CA LYS A 151 -22.16 13.73 -56.15
C LYS A 151 -22.18 14.80 -55.05
N ASP A 152 -23.10 14.63 -54.10
CA ASP A 152 -23.11 15.42 -52.87
C ASP A 152 -21.75 15.28 -52.19
N THR A 153 -21.18 16.40 -51.74
CA THR A 153 -19.96 16.35 -50.92
C THR A 153 -20.26 16.63 -49.44
N VAL A 154 -19.49 15.99 -48.57
CA VAL A 154 -19.67 16.09 -47.14
C VAL A 154 -18.55 16.96 -46.54
N GLN A 155 -18.51 18.25 -46.86
CA GLN A 155 -17.34 19.07 -46.48
C GLN A 155 -17.33 19.59 -45.03
N HIS A 156 -16.11 19.70 -44.49
CA HIS A 156 -15.84 19.97 -43.08
C HIS A 156 -15.26 21.36 -42.87
N TRP A 157 -15.29 21.83 -41.61
CA TRP A 157 -14.50 22.98 -41.16
C TRP A 157 -13.97 22.85 -39.73
N ASN A 158 -12.64 22.81 -39.63
CA ASN A 158 -11.97 22.53 -38.36
C ASN A 158 -11.45 23.82 -37.77
N TRP A 159 -12.28 24.48 -36.96
CA TRP A 159 -11.87 25.70 -36.26
C TRP A 159 -11.52 25.45 -34.80
N THR A 160 -10.64 26.29 -34.26
CA THR A 160 -10.10 26.12 -32.91
C THR A 160 -10.21 27.39 -32.06
N SER A 161 -10.58 27.18 -30.79
CA SER A 161 -10.87 28.28 -29.84
C SER A 161 -9.63 29.05 -29.38
N ASP A 162 -9.30 30.08 -30.19
CA ASP A 162 -8.43 31.25 -29.87
C ASP A 162 -8.33 31.40 -28.32
N LEU A 163 -9.48 31.80 -27.73
CA LEU A 163 -9.67 32.07 -26.28
C LEU A 163 -9.97 30.77 -25.42
N PRO A 164 -11.19 30.68 -24.82
CA PRO A 164 -11.26 29.79 -23.69
C PRO A 164 -11.41 28.38 -24.16
N LEU A 165 -11.91 27.56 -23.25
CA LEU A 165 -11.91 26.13 -23.45
C LEU A 165 -13.28 25.55 -23.07
N GLN A 166 -14.29 26.18 -23.66
CA GLN A 166 -15.67 25.71 -23.69
C GLN A 166 -16.40 25.87 -22.38
N CYS A 167 -15.66 26.28 -21.36
CA CYS A 167 -16.25 26.89 -20.16
C CYS A 167 -17.29 27.97 -20.56
N ALA A 168 -17.24 28.50 -21.79
CA ALA A 168 -18.26 29.45 -22.30
C ALA A 168 -18.88 29.05 -23.67
N THR A 169 -20.16 28.70 -23.65
CA THR A 169 -20.80 27.99 -24.77
C THR A 169 -20.93 28.77 -26.08
N HIS A 170 -20.72 28.06 -27.18
CA HIS A 170 -20.65 28.66 -28.50
C HIS A 170 -21.88 28.41 -29.36
N SER A 171 -22.10 29.33 -30.29
CA SER A 171 -23.06 29.20 -31.40
C SER A 171 -22.32 29.26 -32.73
N VAL A 172 -22.87 28.59 -33.75
CA VAL A 172 -22.24 28.65 -35.05
C VAL A 172 -23.29 28.84 -36.13
N SER A 173 -22.91 29.45 -37.24
CA SER A 173 -23.82 29.73 -38.35
C SER A 173 -23.15 29.68 -39.73
N ILE A 174 -23.93 29.48 -40.79
CA ILE A 174 -23.38 29.35 -42.14
C ILE A 174 -24.34 29.74 -43.26
N ARG A 175 -23.93 30.71 -44.09
CA ARG A 175 -24.66 31.10 -45.32
C ARG A 175 -23.84 30.73 -46.56
N TRP A 176 -24.47 30.25 -47.62
CA TRP A 176 -23.69 29.91 -48.81
C TRP A 176 -24.13 30.62 -50.10
N HIS A 177 -23.19 30.83 -51.01
CA HIS A 177 -23.45 31.52 -52.27
C HIS A 177 -22.89 30.81 -53.50
N ILE A 178 -23.82 30.45 -54.39
CA ILE A 178 -23.50 29.67 -55.57
C ILE A 178 -23.12 30.56 -56.75
N ASP A 179 -22.10 30.16 -57.51
CA ASP A 179 -21.91 30.70 -58.86
C ASP A 179 -22.10 29.61 -59.91
N SER A 180 -22.48 30.03 -61.10
CA SER A 180 -22.40 29.16 -62.25
C SER A 180 -22.07 29.89 -63.55
N PRO A 181 -21.06 29.38 -64.28
CA PRO A 181 -20.75 29.88 -65.60
C PRO A 181 -21.80 29.40 -66.57
N HIS A 182 -22.67 28.47 -66.14
CA HIS A 182 -23.82 28.08 -66.97
C HIS A 182 -25.17 28.66 -66.46
N PHE A 183 -25.05 29.75 -65.72
CA PHE A 183 -26.20 30.55 -65.29
C PHE A 183 -25.93 32.04 -65.54
N SER A 184 -27.00 32.79 -65.80
CA SER A 184 -26.85 34.13 -66.31
C SER A 184 -27.33 35.24 -65.38
N GLY A 185 -28.36 34.96 -64.59
CA GLY A 185 -28.96 35.96 -63.68
C GLY A 185 -28.21 36.28 -62.39
N TYR A 186 -28.65 37.35 -61.71
CA TYR A 186 -27.96 37.85 -60.51
C TYR A 186 -27.64 36.69 -59.56
N LYS A 187 -26.38 36.33 -59.52
CA LYS A 187 -25.89 35.32 -58.58
C LYS A 187 -25.94 35.96 -57.21
N GLU A 188 -26.77 35.38 -56.34
CA GLU A 188 -27.13 36.05 -55.11
C GLU A 188 -26.76 35.33 -53.83
N TRP A 189 -26.65 36.12 -52.76
CA TRP A 189 -26.32 35.65 -51.42
C TRP A 189 -27.52 35.00 -50.73
N SER A 190 -27.35 33.80 -50.19
CA SER A 190 -28.40 33.18 -49.39
C SER A 190 -28.44 33.85 -48.03
N ASP A 191 -29.08 33.19 -47.08
CA ASP A 191 -29.30 33.78 -45.77
C ASP A 191 -28.78 32.85 -44.69
N TRP A 192 -28.82 33.33 -43.46
CA TRP A 192 -28.18 32.65 -42.35
C TRP A 192 -28.88 31.36 -41.94
N SER A 193 -28.08 30.34 -41.63
CA SER A 193 -28.59 29.07 -41.11
C SER A 193 -29.17 29.27 -39.71
N PRO A 194 -30.16 28.45 -39.33
CA PRO A 194 -30.62 28.45 -37.95
C PRO A 194 -29.45 28.07 -37.07
N LEU A 195 -29.18 28.89 -36.06
CA LEU A 195 -27.94 28.80 -35.28
C LEU A 195 -27.76 27.47 -34.53
N LYS A 196 -26.51 27.08 -34.33
CA LYS A 196 -26.22 25.80 -33.66
C LYS A 196 -25.42 25.95 -32.37
N ASN A 197 -25.94 25.32 -31.33
CA ASN A 197 -25.53 25.55 -29.97
C ASN A 197 -24.83 24.33 -29.40
N ILE A 198 -23.59 24.52 -28.94
CA ILE A 198 -22.85 23.49 -28.17
C ILE A 198 -22.60 23.94 -26.75
N SER A 199 -22.46 22.98 -25.83
CA SER A 199 -22.45 23.30 -24.40
C SER A 199 -21.62 22.36 -23.49
N TRP A 200 -21.21 22.85 -22.33
CA TRP A 200 -20.58 21.98 -21.35
C TRP A 200 -21.64 21.23 -20.56
N ILE A 201 -21.49 19.91 -20.45
CA ILE A 201 -22.26 19.14 -19.46
C ILE A 201 -21.34 18.79 -18.28
N ARG A 202 -21.15 19.75 -17.37
CA ARG A 202 -20.11 19.68 -16.33
C ARG A 202 -19.70 18.26 -15.94
N ASN A 203 -18.47 17.89 -16.33
CA ASN A 203 -17.91 16.55 -16.12
C ASN A 203 -17.49 16.31 -14.64
N THR A 204 -16.73 17.28 -14.11
CA THR A 204 -16.17 17.23 -12.75
C THR A 204 -16.56 18.47 -11.97
N GLU A 205 -16.11 18.51 -10.72
CA GLU A 205 -16.18 19.67 -9.85
C GLU A 205 -15.45 20.85 -10.49
N THR A 206 -14.27 20.60 -11.05
CA THR A 206 -13.38 21.65 -11.58
C THR A 206 -14.05 22.88 -12.25
N ASN A 207 -13.41 24.04 -12.08
CA ASN A 207 -13.99 25.33 -12.47
C ASN A 207 -12.98 26.32 -13.06
N VAL A 208 -11.91 25.81 -13.63
CA VAL A 208 -10.91 26.66 -14.24
C VAL A 208 -10.27 25.85 -15.31
N PHE A 209 -10.02 26.49 -16.45
CA PHE A 209 -9.57 25.73 -17.60
C PHE A 209 -8.40 26.32 -18.33
N PRO A 210 -7.57 25.47 -18.94
CA PRO A 210 -7.66 24.04 -18.85
C PRO A 210 -6.61 23.46 -17.93
N GLN A 211 -6.95 22.32 -17.37
CA GLN A 211 -6.09 21.65 -16.47
C GLN A 211 -5.10 20.78 -17.19
N ASP A 212 -3.90 20.68 -16.63
CA ASP A 212 -2.91 19.68 -17.02
C ASP A 212 -2.36 19.90 -18.45
N LYS A 213 -2.62 21.05 -19.06
CA LYS A 213 -2.16 21.30 -20.44
C LYS A 213 -0.65 21.43 -20.47
N VAL A 214 -0.03 21.04 -21.56
CA VAL A 214 1.39 21.29 -21.73
C VAL A 214 1.54 22.18 -22.94
N VAL A 215 2.32 23.25 -22.82
CA VAL A 215 2.50 24.18 -23.96
C VAL A 215 3.89 24.67 -24.15
N LEU A 216 4.10 25.19 -25.34
CA LEU A 216 5.40 25.70 -25.80
C LEU A 216 5.87 26.90 -25.00
N ALA A 217 7.08 26.78 -24.47
CA ALA A 217 7.68 27.84 -23.68
C ALA A 217 7.58 29.18 -24.39
N GLY A 218 6.78 30.06 -23.79
CA GLY A 218 6.52 31.38 -24.35
C GLY A 218 5.39 31.28 -25.33
N SER A 219 4.20 30.98 -24.84
CA SER A 219 3.05 30.83 -25.70
C SER A 219 1.87 31.67 -25.21
N ASN A 220 1.51 32.68 -26.00
CA ASN A 220 0.35 33.56 -25.75
C ASN A 220 -0.96 32.80 -25.37
N MET A 221 -0.90 31.89 -24.40
CA MET A 221 -2.06 31.05 -24.00
C MET A 221 -3.11 31.76 -23.11
N THR A 222 -4.39 31.44 -23.34
CA THR A 222 -5.53 31.99 -22.58
C THR A 222 -6.20 30.95 -21.69
N ILE A 223 -6.58 31.39 -20.49
CA ILE A 223 -7.20 30.51 -19.51
C ILE A 223 -8.39 31.19 -18.79
N CYS A 224 -9.39 30.37 -18.43
CA CYS A 224 -10.70 30.82 -17.95
C CYS A 224 -11.18 30.19 -16.63
N CYS A 225 -12.22 30.79 -16.06
CA CYS A 225 -12.72 30.40 -14.74
C CYS A 225 -14.27 30.46 -14.61
N MET A 226 -14.89 29.28 -14.60
CA MET A 226 -16.29 29.09 -14.20
C MET A 226 -16.43 29.37 -12.70
N SER A 227 -17.25 30.34 -12.33
CA SER A 227 -17.37 30.64 -10.92
C SER A 227 -18.76 30.86 -10.39
N PRO A 228 -18.97 30.48 -9.13
CA PRO A 228 -20.17 30.84 -8.42
C PRO A 228 -20.10 32.28 -7.88
N THR A 229 -18.92 32.70 -7.43
CA THR A 229 -18.75 33.91 -6.60
C THR A 229 -17.85 34.99 -7.24
N LYS A 230 -18.37 36.23 -7.35
CA LYS A 230 -17.64 37.34 -8.00
C LYS A 230 -16.15 37.19 -7.76
N VAL A 231 -15.39 36.92 -8.82
CA VAL A 231 -13.97 36.56 -8.70
C VAL A 231 -13.10 37.76 -8.43
N LEU A 232 -12.36 37.76 -7.33
CA LEU A 232 -11.56 38.94 -6.96
C LEU A 232 -10.18 39.02 -7.63
N SER A 233 -9.50 37.89 -7.80
CA SER A 233 -8.14 37.96 -8.31
C SER A 233 -7.80 36.80 -9.24
N GLY A 234 -6.97 37.05 -10.24
CA GLY A 234 -6.46 35.99 -11.12
C GLY A 234 -4.99 36.17 -11.40
N GLN A 235 -4.18 35.15 -11.09
CA GLN A 235 -2.74 35.29 -11.15
C GLN A 235 -1.97 34.04 -11.51
N ILE A 236 -0.90 34.18 -12.31
CA ILE A 236 0.07 33.09 -12.45
C ILE A 236 1.25 33.43 -11.59
N GLY A 237 1.64 32.45 -10.78
CA GLY A 237 2.75 32.58 -9.82
C GLY A 237 2.94 33.98 -9.26
N ASN A 238 1.96 34.46 -8.51
CA ASN A 238 2.03 35.78 -7.90
C ASN A 238 1.99 37.01 -8.81
N THR A 239 2.31 36.85 -10.09
CA THR A 239 2.12 37.93 -11.04
C THR A 239 0.68 37.88 -11.49
N LEU A 240 -0.17 38.60 -10.79
CA LEU A 240 -1.58 38.57 -11.14
C LEU A 240 -1.74 39.25 -12.47
N ARG A 241 -2.69 38.80 -13.25
CA ARG A 241 -2.98 39.50 -14.46
C ARG A 241 -4.29 40.22 -14.23
N PRO A 242 -4.42 41.44 -14.78
CA PRO A 242 -5.71 41.98 -15.23
C PRO A 242 -6.62 40.95 -15.96
N LEU A 243 -7.65 40.54 -15.22
CA LEU A 243 -8.66 39.55 -15.62
C LEU A 243 -9.91 40.20 -16.18
N ILE A 244 -10.55 39.52 -17.11
CA ILE A 244 -11.59 40.11 -17.92
C ILE A 244 -12.92 39.31 -17.89
N HIS A 245 -13.98 40.01 -17.50
CA HIS A 245 -15.33 39.47 -17.32
C HIS A 245 -15.86 38.94 -18.64
N LEU A 246 -16.29 37.69 -18.63
CA LEU A 246 -16.83 37.08 -19.83
C LEU A 246 -18.33 37.16 -19.85
N TYR A 247 -18.94 36.76 -18.73
CA TYR A 247 -20.41 36.80 -18.60
C TYR A 247 -21.01 36.75 -17.18
N GLY A 248 -20.82 35.66 -16.44
CA GLY A 248 -21.52 35.45 -15.17
C GLY A 248 -20.58 35.24 -14.01
N GLN A 249 -19.81 36.28 -13.71
CA GLN A 249 -18.67 36.23 -12.80
C GLN A 249 -17.70 35.14 -13.18
N THR A 250 -18.07 34.33 -14.16
CA THR A 250 -17.14 33.40 -14.79
C THR A 250 -16.22 34.23 -15.68
N VAL A 251 -14.93 34.19 -15.41
CA VAL A 251 -14.02 35.16 -15.99
C VAL A 251 -12.78 34.51 -16.50
N ALA A 252 -11.91 35.31 -17.14
CA ALA A 252 -10.68 34.76 -17.70
C ALA A 252 -9.51 35.75 -17.77
N ILE A 253 -8.30 35.20 -17.78
CA ILE A 253 -7.05 35.96 -17.89
C ILE A 253 -6.25 35.53 -19.10
N HIS A 254 -5.34 36.39 -19.55
CA HIS A 254 -4.36 35.99 -20.56
C HIS A 254 -2.99 35.79 -19.93
N ILE A 255 -2.37 34.63 -20.16
CA ILE A 255 -0.98 34.51 -19.77
C ILE A 255 -0.21 35.01 -20.95
N LEU A 256 0.23 36.26 -20.84
CA LEU A 256 0.95 36.97 -21.90
C LEU A 256 1.78 36.02 -22.78
N ASN A 257 2.79 35.43 -22.16
CA ASN A 257 3.93 34.86 -22.82
C ASN A 257 4.65 34.14 -21.69
N ILE A 258 4.79 32.82 -21.82
CA ILE A 258 5.01 31.96 -20.67
C ILE A 258 6.41 31.40 -20.52
N PRO A 259 7.09 31.74 -19.40
CA PRO A 259 8.36 31.10 -18.98
C PRO A 259 8.20 29.64 -18.52
N VAL A 260 9.20 28.84 -18.92
CA VAL A 260 9.14 27.39 -18.79
C VAL A 260 9.09 26.97 -17.33
N SER A 261 7.93 26.48 -16.94
CA SER A 261 7.64 26.03 -15.58
C SER A 261 8.68 25.03 -15.12
N GLU A 262 8.87 24.89 -13.81
CA GLU A 262 9.76 23.84 -13.30
C GLU A 262 9.13 22.44 -13.32
N ASN A 263 9.51 21.61 -12.35
CA ASN A 263 9.09 20.23 -12.35
C ASN A 263 7.63 20.13 -11.88
N SER A 264 7.33 20.95 -10.90
CA SER A 264 6.06 20.98 -10.26
C SER A 264 5.02 21.66 -11.14
N GLY A 265 5.47 22.29 -12.22
CA GLY A 265 4.60 23.08 -13.11
C GLY A 265 4.26 24.47 -12.58
N THR A 266 3.99 25.44 -13.47
CA THR A 266 3.55 26.76 -12.98
C THR A 266 2.07 26.71 -12.54
N ASN A 267 1.79 27.39 -11.43
CA ASN A 267 0.48 27.48 -10.84
C ASN A 267 -0.23 28.78 -11.26
N ILE A 268 -1.50 28.66 -11.66
CA ILE A 268 -2.31 29.82 -11.92
C ILE A 268 -3.54 29.71 -11.12
N ILE A 269 -3.74 30.64 -10.22
CA ILE A 269 -4.81 30.54 -9.27
C ILE A 269 -5.72 31.74 -9.22
N PHE A 270 -6.98 31.44 -8.91
CA PHE A 270 -7.98 32.47 -8.70
C PHE A 270 -8.47 32.47 -7.25
N ILE A 271 -8.77 33.66 -6.72
CA ILE A 271 -9.37 33.78 -5.40
C ILE A 271 -10.61 34.62 -5.44
N THR A 272 -11.70 34.06 -4.92
CA THR A 272 -12.88 34.85 -4.56
C THR A 272 -12.87 35.03 -3.06
N ASP A 273 -13.65 35.97 -2.56
CA ASP A 273 -13.79 36.20 -1.13
C ASP A 273 -13.74 34.89 -0.36
N ASP A 274 -14.47 33.92 -0.90
CA ASP A 274 -14.60 32.61 -0.30
C ASP A 274 -13.44 31.66 -0.59
N ASP A 275 -13.52 30.93 -1.70
CA ASP A 275 -12.60 29.82 -1.94
C ASP A 275 -11.55 30.15 -3.00
N VAL A 276 -10.73 29.15 -3.33
CA VAL A 276 -9.58 29.31 -4.21
C VAL A 276 -9.54 28.22 -5.27
N TYR A 277 -9.76 28.62 -6.51
CA TYR A 277 -9.80 27.69 -7.63
C TYR A 277 -8.56 27.97 -8.46
N GLY A 278 -7.79 26.91 -8.76
CA GLY A 278 -6.50 27.08 -9.45
C GLY A 278 -6.08 25.95 -10.37
N THR A 279 -5.02 26.18 -11.16
CA THR A 279 -4.62 25.30 -12.30
C THR A 279 -3.12 25.18 -12.51
N VAL A 280 -2.64 23.95 -12.77
CA VAL A 280 -1.25 23.82 -13.17
C VAL A 280 -1.15 23.76 -14.68
N VAL A 281 -0.17 24.50 -15.20
CA VAL A 281 0.28 24.37 -16.60
C VAL A 281 1.80 24.10 -16.62
N PHE A 282 2.20 23.21 -17.53
CA PHE A 282 3.60 22.91 -17.84
C PHE A 282 4.07 23.61 -19.11
N ALA A 283 5.14 24.39 -18.97
CA ALA A 283 5.69 25.14 -20.10
C ALA A 283 6.89 24.40 -20.59
N GLY A 284 6.94 24.16 -21.89
CA GLY A 284 7.94 23.26 -22.44
C GLY A 284 8.79 23.71 -23.62
N TYR A 285 9.99 23.14 -23.70
CA TYR A 285 10.76 23.14 -24.91
C TYR A 285 10.65 21.75 -25.49
N PRO A 286 10.40 21.65 -26.81
CA PRO A 286 10.41 20.34 -27.40
C PRO A 286 11.83 19.86 -27.27
N PRO A 287 12.02 18.55 -27.35
CA PRO A 287 13.38 18.03 -27.23
C PRO A 287 14.31 18.57 -28.34
N ASP A 288 15.60 18.63 -28.03
CA ASP A 288 16.56 19.13 -29.01
C ASP A 288 17.30 17.98 -29.63
N VAL A 289 17.46 18.11 -30.95
CA VAL A 289 18.32 17.26 -31.76
C VAL A 289 19.44 16.67 -30.93
N PRO A 290 19.42 15.34 -30.74
CA PRO A 290 20.32 14.85 -29.72
C PRO A 290 21.75 14.85 -30.24
N GLN A 291 22.72 15.14 -29.38
CA GLN A 291 24.01 15.69 -29.81
C GLN A 291 25.16 14.75 -30.18
N LYS A 292 26.09 14.53 -29.25
CA LYS A 292 27.42 13.99 -29.59
C LYS A 292 27.43 12.49 -29.94
N LEU A 293 26.39 12.06 -30.66
CA LEU A 293 26.02 10.64 -30.86
C LEU A 293 27.11 9.76 -31.45
N SER A 294 27.58 8.78 -30.68
CA SER A 294 28.49 7.76 -31.23
C SER A 294 28.45 6.41 -30.50
N CYS A 295 28.10 5.37 -31.28
CA CYS A 295 27.92 4.01 -30.76
C CYS A 295 29.20 3.19 -30.97
N GLU A 296 29.41 2.20 -30.10
CA GLU A 296 30.54 1.26 -30.18
C GLU A 296 30.13 -0.13 -29.70
N THR A 297 31.10 -0.99 -29.42
CA THR A 297 30.79 -2.19 -28.68
C THR A 297 31.97 -2.69 -27.86
N HIS A 298 31.73 -3.00 -26.58
CA HIS A 298 32.78 -3.52 -25.69
C HIS A 298 32.83 -5.05 -25.72
N ASP A 299 31.71 -5.65 -26.06
CA ASP A 299 31.54 -7.09 -26.20
C ASP A 299 31.07 -7.19 -27.64
N LEU A 300 30.96 -8.38 -28.21
CA LEU A 300 30.27 -8.40 -29.50
C LEU A 300 28.82 -8.86 -29.43
N LYS A 301 28.27 -8.88 -28.22
CA LYS A 301 26.86 -9.15 -27.96
C LYS A 301 25.97 -7.97 -28.31
N GLU A 302 26.30 -6.79 -27.75
CA GLU A 302 25.44 -5.60 -27.90
C GLU A 302 26.15 -4.29 -28.26
N ILE A 303 25.44 -3.45 -28.99
CA ILE A 303 25.93 -2.12 -29.31
C ILE A 303 25.36 -1.14 -28.30
N ILE A 304 26.11 -0.07 -28.02
CA ILE A 304 25.70 0.97 -27.07
C ILE A 304 25.88 2.32 -27.74
N CYS A 305 24.94 3.24 -27.55
CA CYS A 305 25.15 4.58 -28.11
C CYS A 305 25.27 5.69 -27.11
N SER A 306 26.42 6.36 -27.15
CA SER A 306 26.63 7.53 -26.35
C SER A 306 25.89 8.65 -27.07
N TRP A 307 25.31 9.58 -26.31
CA TRP A 307 24.75 10.85 -26.86
C TRP A 307 24.45 11.89 -25.78
N ASN A 308 24.36 13.15 -26.19
CA ASN A 308 24.02 14.21 -25.24
C ASN A 308 22.68 14.82 -25.55
N PRO A 309 21.83 14.91 -24.54
CA PRO A 309 20.46 15.39 -24.56
C PRO A 309 20.24 16.68 -25.35
N GLY A 310 21.17 17.62 -25.19
CA GLY A 310 21.04 18.95 -25.77
C GLY A 310 20.46 19.96 -24.79
N ARG A 311 19.70 20.93 -25.31
CA ARG A 311 18.96 21.85 -24.45
C ARG A 311 17.98 21.00 -23.71
N ILE A 312 17.95 21.20 -22.41
CA ILE A 312 17.06 20.42 -21.60
C ILE A 312 15.71 21.09 -21.59
N THR A 313 14.71 20.25 -21.78
CA THR A 313 13.36 20.61 -22.15
C THR A 313 12.53 21.09 -20.96
N GLY A 314 13.17 21.06 -19.80
CA GLY A 314 12.60 21.56 -18.55
C GLY A 314 11.48 20.73 -17.95
N LEU A 315 11.27 19.53 -18.49
CA LEU A 315 10.13 18.70 -18.11
C LEU A 315 10.53 17.36 -17.55
N VAL A 316 9.55 16.73 -16.90
CA VAL A 316 9.81 15.65 -15.96
C VAL A 316 8.88 14.43 -16.09
N GLY A 317 9.48 13.25 -15.96
CA GLY A 317 8.75 11.99 -16.07
C GLY A 317 7.91 11.87 -17.34
N PRO A 318 6.60 11.72 -17.18
CA PRO A 318 5.75 11.54 -18.32
C PRO A 318 6.21 12.45 -19.46
N ARG A 319 6.53 13.71 -19.13
CA ARG A 319 6.88 14.77 -20.12
C ARG A 319 8.36 14.80 -20.58
N ASN A 320 9.27 14.58 -19.64
CA ASN A 320 10.65 14.35 -20.00
C ASN A 320 10.72 13.60 -21.32
N THR A 321 11.61 14.00 -22.18
CA THR A 321 11.76 13.28 -23.44
C THR A 321 12.01 11.75 -23.33
N GLU A 322 11.51 11.01 -24.32
CA GLU A 322 11.62 9.54 -24.46
C GLU A 322 12.48 9.12 -25.67
N TYR A 323 13.78 9.07 -25.47
CA TYR A 323 14.69 8.74 -26.56
C TYR A 323 14.54 7.27 -26.97
N THR A 324 14.45 7.01 -28.27
CA THR A 324 14.29 5.65 -28.79
C THR A 324 15.30 5.32 -29.87
N LEU A 325 16.10 4.33 -29.59
CA LEU A 325 17.13 4.00 -30.52
C LEU A 325 16.75 2.82 -31.36
N PHE A 326 16.92 3.03 -32.66
CA PHE A 326 16.39 2.19 -33.70
C PHE A 326 17.44 1.82 -34.74
N GLU A 327 17.84 0.56 -34.68
CA GLU A 327 18.68 0.02 -35.71
C GLU A 327 17.78 -0.32 -36.88
N SER A 328 18.00 0.32 -38.01
CA SER A 328 17.25 -0.01 -39.24
C SER A 328 17.38 -1.45 -39.75
N ILE A 329 18.54 -1.82 -40.29
CA ILE A 329 18.75 -3.14 -40.89
C ILE A 329 18.34 -4.30 -39.97
N SER A 330 18.71 -4.19 -38.68
CA SER A 330 18.29 -5.13 -37.62
C SER A 330 16.77 -5.28 -37.61
N GLY A 331 16.10 -4.23 -37.14
CA GLY A 331 14.70 -4.28 -36.76
C GLY A 331 14.65 -4.16 -35.24
N LYS A 332 15.76 -4.57 -34.61
CA LYS A 332 15.93 -4.55 -33.16
C LYS A 332 16.00 -3.10 -32.70
N SER A 333 15.44 -2.81 -31.53
CA SER A 333 15.44 -1.44 -30.97
C SER A 333 15.13 -1.33 -29.47
N ALA A 334 15.62 -0.24 -28.88
CA ALA A 334 15.39 0.03 -27.47
C ALA A 334 15.10 1.51 -27.14
N VAL A 335 14.84 1.75 -25.87
CA VAL A 335 14.04 2.88 -25.41
C VAL A 335 14.63 3.49 -24.14
N PHE A 336 14.59 4.83 -24.06
CA PHE A 336 15.07 5.55 -22.88
C PHE A 336 14.06 6.51 -22.29
N HIS A 337 13.81 6.35 -21.00
CA HIS A 337 12.93 7.25 -20.31
C HIS A 337 13.28 7.43 -18.88
N ARG A 338 13.74 8.62 -18.56
CA ARG A 338 14.13 8.94 -17.19
C ARG A 338 13.12 9.91 -16.60
N ILE A 339 12.71 9.62 -15.38
CA ILE A 339 11.67 10.40 -14.75
C ILE A 339 12.32 11.68 -14.28
N GLU A 340 13.45 11.56 -13.59
CA GLU A 340 14.19 12.74 -13.20
C GLU A 340 14.62 13.49 -14.45
N GLY A 341 14.85 14.79 -14.30
CA GLY A 341 15.21 15.66 -15.42
C GLY A 341 16.58 15.36 -15.98
N LEU A 342 16.81 15.74 -17.23
CA LEU A 342 18.09 15.47 -17.87
C LEU A 342 19.13 16.55 -17.59
N THR A 343 20.42 16.25 -17.83
CA THR A 343 21.56 17.12 -17.46
C THR A 343 22.29 17.75 -18.65
N ASN A 344 23.55 18.17 -18.45
CA ASN A 344 24.44 18.41 -19.59
C ASN A 344 25.22 17.12 -19.86
N GLU A 345 25.33 16.26 -18.84
CA GLU A 345 25.89 14.90 -18.92
C GLU A 345 25.42 14.09 -20.18
N THR A 346 26.16 13.05 -20.55
CA THR A 346 25.79 12.17 -21.69
C THR A 346 25.31 10.77 -21.28
N TYR A 347 24.21 10.33 -21.87
CA TYR A 347 23.64 9.03 -21.55
C TYR A 347 23.88 8.06 -22.68
N ARG A 348 23.71 6.76 -22.38
CA ARG A 348 23.99 5.68 -23.34
C ARG A 348 22.79 4.72 -23.43
N LEU A 349 22.52 4.18 -24.63
CA LEU A 349 21.41 3.22 -24.78
C LEU A 349 21.74 1.81 -25.31
N GLY A 350 21.39 0.82 -24.48
CA GLY A 350 21.79 -0.58 -24.64
C GLY A 350 20.99 -1.48 -25.56
N VAL A 351 21.34 -1.40 -26.85
CA VAL A 351 20.71 -2.15 -27.96
C VAL A 351 21.40 -3.48 -28.24
N GLN A 352 20.63 -4.51 -28.51
CA GLN A 352 21.19 -5.79 -28.91
C GLN A 352 21.52 -5.79 -30.42
N MET A 353 22.43 -6.66 -30.87
CA MET A 353 22.66 -6.91 -32.30
C MET A 353 22.68 -8.42 -32.56
N HIS A 354 22.06 -8.88 -33.65
CA HIS A 354 22.17 -10.29 -34.09
C HIS A 354 23.63 -10.58 -34.46
N PRO A 355 24.12 -11.79 -34.17
CA PRO A 355 25.51 -12.22 -34.45
C PRO A 355 26.18 -11.66 -35.73
N GLY A 356 27.34 -11.01 -35.56
CA GLY A 356 28.10 -10.45 -36.69
C GLY A 356 27.43 -9.24 -37.35
N GLN A 357 26.56 -9.52 -38.33
CA GLN A 357 25.78 -8.50 -39.02
C GLN A 357 26.65 -7.44 -39.71
N GLU A 358 27.16 -6.49 -38.91
CA GLU A 358 28.12 -5.40 -39.33
C GLU A 358 27.50 -4.03 -39.71
N ILE A 359 27.16 -3.83 -40.98
CA ILE A 359 26.39 -2.67 -41.39
C ILE A 359 25.39 -2.32 -40.30
N HIS A 360 25.43 -1.09 -39.82
CA HIS A 360 24.50 -0.67 -38.76
C HIS A 360 23.98 0.77 -38.90
N ASN A 361 22.66 0.89 -39.10
CA ASN A 361 21.99 2.17 -39.39
C ASN A 361 21.24 2.67 -38.13
N PHE A 362 21.85 3.57 -37.37
CA PHE A 362 21.26 4.02 -36.11
C PHE A 362 20.44 5.30 -36.15
N THR A 363 19.25 5.22 -35.57
CA THR A 363 18.33 6.34 -35.54
C THR A 363 17.84 6.60 -34.12
N LEU A 364 18.31 7.72 -33.58
CA LEU A 364 17.96 8.10 -32.23
C LEU A 364 16.92 9.19 -32.26
N THR A 365 15.75 8.87 -31.75
CA THR A 365 14.59 9.73 -31.89
C THR A 365 14.15 10.13 -30.50
N GLY A 366 14.32 11.40 -30.17
CA GLY A 366 13.84 11.91 -28.86
C GLY A 366 12.44 12.47 -29.01
N ARG A 367 11.50 11.95 -28.22
CA ARG A 367 10.09 12.39 -28.32
C ARG A 367 9.64 12.86 -26.98
N ASN A 368 8.66 13.75 -27.00
CA ASN A 368 8.33 14.52 -25.83
C ASN A 368 7.12 15.27 -26.29
N PRO A 369 6.04 15.19 -25.52
CA PRO A 369 4.77 15.60 -26.07
C PRO A 369 4.79 17.09 -26.44
N LEU A 370 5.54 17.46 -27.48
CA LEU A 370 5.59 18.84 -27.95
C LEU A 370 6.27 18.90 -29.32
N GLY A 371 7.31 18.09 -29.47
CA GLY A 371 7.99 17.93 -30.77
C GLY A 371 8.94 16.74 -30.85
N GLN A 372 9.52 16.52 -32.02
CA GLN A 372 10.46 15.42 -32.22
C GLN A 372 11.84 15.93 -32.56
N ALA A 373 12.84 15.10 -32.30
CA ALA A 373 14.20 15.35 -32.77
C ALA A 373 14.96 14.04 -33.04
N GLN A 374 15.85 14.07 -34.03
CA GLN A 374 16.47 12.85 -34.55
C GLN A 374 17.84 13.01 -35.24
N SER A 375 18.88 12.38 -34.69
CA SER A 375 20.13 12.19 -35.45
C SER A 375 20.51 10.73 -35.63
N ALA A 376 21.19 10.47 -36.75
CA ALA A 376 21.50 9.12 -37.18
C ALA A 376 23.00 8.93 -37.25
N VAL A 377 23.44 7.68 -37.06
CA VAL A 377 24.83 7.29 -37.37
C VAL A 377 24.92 5.93 -38.03
N VAL A 378 26.05 5.70 -38.69
CA VAL A 378 26.26 4.50 -39.51
C VAL A 378 27.64 3.87 -39.20
N ILE A 379 27.64 2.63 -38.75
CA ILE A 379 28.78 2.04 -38.05
C ILE A 379 29.17 0.63 -38.54
N ASN A 380 30.44 0.41 -38.86
CA ASN A 380 30.91 -0.96 -39.20
C ASN A 380 31.32 -1.71 -37.94
N VAL A 381 30.34 -2.25 -37.22
CA VAL A 381 30.56 -2.79 -35.86
C VAL A 381 32.01 -3.29 -35.68
N THR A 382 32.40 -4.27 -36.50
CA THR A 382 33.70 -4.96 -36.33
C THR A 382 34.87 -3.94 -36.42
N GLU A 383 34.51 -2.69 -36.63
CA GLU A 383 35.44 -1.58 -36.64
C GLU A 383 35.35 -0.82 -35.33
N ARG A 384 34.51 -1.27 -34.41
CA ARG A 384 34.29 -0.53 -33.17
C ARG A 384 34.59 -1.31 -31.86
N VAL A 385 34.66 -2.63 -31.96
CA VAL A 385 35.35 -3.45 -30.98
C VAL A 385 36.30 -2.66 -30.05
N ALA A 386 35.84 -2.28 -28.87
CA ALA A 386 36.76 -1.54 -27.95
C ALA A 386 36.68 -2.02 -26.49
N PRO A 387 37.18 -3.24 -26.24
CA PRO A 387 36.72 -4.21 -25.28
C PRO A 387 36.85 -3.74 -23.87
N HIS A 388 36.22 -4.48 -22.97
CA HIS A 388 36.36 -4.28 -21.55
C HIS A 388 37.83 -4.37 -21.16
N ASP A 389 38.06 -4.37 -19.87
CA ASP A 389 39.38 -4.46 -19.36
C ASP A 389 39.59 -5.92 -18.99
N PRO A 390 40.73 -6.49 -19.38
CA PRO A 390 41.15 -7.85 -19.06
C PRO A 390 41.33 -8.11 -17.58
N THR A 391 41.12 -9.36 -17.16
CA THR A 391 41.02 -9.69 -15.75
C THR A 391 41.57 -11.05 -15.32
N SER A 392 41.83 -11.13 -14.02
CA SER A 392 42.20 -12.36 -13.33
C SER A 392 43.46 -12.95 -13.93
N LEU A 393 44.51 -12.15 -14.00
CA LEU A 393 45.75 -12.64 -14.61
C LEU A 393 46.39 -13.74 -13.74
N LYS A 394 46.54 -14.92 -14.33
CA LYS A 394 47.30 -15.98 -13.71
C LYS A 394 48.62 -16.15 -14.47
N VAL A 395 49.70 -16.40 -13.73
CA VAL A 395 51.00 -16.74 -14.32
C VAL A 395 51.46 -18.13 -13.90
N LYS A 396 51.98 -18.86 -14.88
CA LYS A 396 52.37 -20.26 -14.74
C LYS A 396 53.77 -20.43 -15.25
N ASP A 397 54.60 -21.10 -14.47
CA ASP A 397 56.00 -21.35 -14.80
C ASP A 397 56.19 -22.40 -15.90
N ILE A 398 57.17 -22.21 -16.78
CA ILE A 398 57.57 -23.27 -17.75
C ILE A 398 59.04 -23.70 -17.64
N ASN A 399 59.99 -22.85 -18.04
CA ASN A 399 61.32 -22.97 -17.43
C ASN A 399 61.69 -21.76 -16.56
N SER A 400 62.97 -21.71 -16.23
CA SER A 400 63.55 -20.61 -15.49
C SER A 400 63.26 -19.32 -16.23
N THR A 401 63.56 -19.34 -17.53
CA THR A 401 63.54 -18.17 -18.43
C THR A 401 62.20 -17.90 -19.12
N VAL A 402 61.16 -18.66 -18.79
CA VAL A 402 59.89 -18.50 -19.51
C VAL A 402 58.63 -18.72 -18.63
N VAL A 403 57.53 -18.06 -18.98
CA VAL A 403 56.27 -18.08 -18.24
C VAL A 403 55.02 -18.06 -19.12
N THR A 404 53.94 -18.66 -18.61
CA THR A 404 52.64 -18.64 -19.27
C THR A 404 51.71 -17.60 -18.62
N PHE A 405 51.61 -16.47 -19.30
CA PHE A 405 50.81 -15.35 -18.87
C PHE A 405 49.46 -15.46 -19.55
N SER A 406 48.39 -15.36 -18.75
CA SER A 406 47.05 -15.68 -19.20
C SER A 406 45.99 -14.90 -18.44
N TRP A 407 44.90 -14.59 -19.12
CA TRP A 407 43.79 -13.83 -18.52
C TRP A 407 42.39 -14.25 -19.05
N TYR A 408 41.38 -13.40 -18.86
CA TYR A 408 40.00 -13.68 -19.30
C TYR A 408 39.31 -12.40 -19.68
N LEU A 409 38.88 -12.34 -20.91
CA LEU A 409 38.35 -11.11 -21.41
C LEU A 409 36.98 -11.45 -21.97
N PRO A 410 35.94 -10.89 -21.36
CA PRO A 410 34.54 -10.97 -21.82
C PRO A 410 34.36 -10.50 -23.28
N GLY A 411 33.51 -11.22 -24.03
CA GLY A 411 33.09 -10.89 -25.42
C GLY A 411 33.15 -12.06 -26.40
N ASN A 412 32.18 -12.10 -27.34
CA ASN A 412 32.16 -13.06 -28.47
C ASN A 412 33.22 -12.57 -29.46
N PHE A 413 34.33 -13.28 -29.57
CA PHE A 413 35.43 -12.76 -30.38
C PHE A 413 35.90 -13.78 -31.34
N THR A 414 35.00 -14.67 -31.72
CA THR A 414 35.40 -15.85 -32.45
C THR A 414 35.65 -15.51 -33.90
N LYS A 415 34.88 -14.56 -34.40
CA LYS A 415 35.07 -14.05 -35.76
C LYS A 415 36.35 -13.20 -35.85
N ILE A 416 36.61 -12.44 -34.80
CA ILE A 416 37.70 -11.50 -34.84
C ILE A 416 38.94 -12.09 -34.16
N ASN A 417 40.07 -11.40 -34.32
CA ASN A 417 41.26 -11.63 -33.49
C ASN A 417 41.83 -10.32 -32.93
N LEU A 418 42.21 -10.40 -31.67
CA LEU A 418 42.66 -9.28 -30.90
C LEU A 418 44.16 -9.34 -30.80
N LEU A 419 44.81 -8.18 -30.66
CA LEU A 419 46.23 -8.12 -30.29
C LEU A 419 46.42 -7.36 -28.99
N CYS A 420 47.15 -8.00 -28.09
CA CYS A 420 47.28 -7.50 -26.74
C CYS A 420 48.74 -7.18 -26.44
N GLN A 421 48.93 -6.41 -25.38
CA GLN A 421 50.22 -5.93 -24.96
C GLN A 421 50.57 -6.52 -23.61
N ILE A 422 51.87 -6.72 -23.36
CA ILE A 422 52.31 -7.19 -22.07
C ILE A 422 53.39 -6.33 -21.41
N GLU A 423 52.99 -5.50 -20.46
CA GLU A 423 53.96 -4.69 -19.80
C GLU A 423 54.67 -5.57 -18.80
N ILE A 424 55.75 -6.17 -19.26
CA ILE A 424 56.61 -6.88 -18.35
C ILE A 424 57.46 -5.86 -17.65
N CYS A 425 57.00 -5.41 -16.50
CA CYS A 425 57.83 -4.52 -15.73
C CYS A 425 58.64 -5.31 -14.70
N LYS A 426 59.96 -5.23 -14.82
CA LYS A 426 60.88 -5.76 -13.81
C LYS A 426 61.42 -4.60 -12.96
N ALA A 427 62.06 -4.96 -11.86
CA ALA A 427 62.40 -4.02 -10.82
C ALA A 427 63.59 -3.15 -11.20
N ASN A 428 63.44 -1.84 -11.13
CA ASN A 428 64.53 -0.90 -11.41
C ASN A 428 65.06 -0.99 -12.87
N SER A 429 64.11 -1.09 -13.81
CA SER A 429 64.39 -1.18 -15.28
C SER A 429 63.31 -0.52 -16.15
N LYS A 430 63.63 -0.31 -17.43
CA LYS A 430 62.65 0.21 -18.39
C LYS A 430 61.48 -0.75 -18.58
N LYS A 431 60.32 -0.18 -18.91
CA LYS A 431 59.07 -0.92 -19.17
C LYS A 431 59.19 -1.71 -20.48
N GLU A 432 59.41 -3.02 -20.37
CA GLU A 432 59.40 -3.88 -21.56
C GLU A 432 57.93 -4.20 -21.98
N VAL A 433 57.56 -3.72 -23.17
CA VAL A 433 56.20 -3.91 -23.71
C VAL A 433 56.24 -4.82 -24.94
N ARG A 434 55.45 -5.90 -24.86
CA ARG A 434 55.39 -6.92 -25.93
C ARG A 434 54.08 -6.93 -26.70
N ASN A 435 54.21 -6.98 -28.02
CA ASN A 435 53.07 -6.94 -28.93
C ASN A 435 52.86 -8.25 -29.68
N ALA A 436 52.07 -9.14 -29.09
CA ALA A 436 51.69 -10.40 -29.75
C ALA A 436 50.17 -10.52 -29.94
N THR A 437 49.80 -11.15 -31.06
CA THR A 437 48.42 -11.31 -31.54
C THR A 437 47.85 -12.66 -31.17
N ILE A 438 46.57 -12.74 -30.84
CA ILE A 438 45.94 -14.05 -30.64
C ILE A 438 44.56 -14.20 -31.30
N ARG A 439 44.20 -15.45 -31.61
CA ARG A 439 42.86 -15.77 -32.06
C ARG A 439 41.86 -15.77 -30.90
N GLY A 440 40.78 -15.00 -31.07
CA GLY A 440 39.80 -14.78 -30.03
C GLY A 440 38.69 -15.79 -30.08
N ALA A 441 37.83 -15.77 -29.07
CA ALA A 441 36.67 -16.66 -29.01
C ALA A 441 35.65 -16.21 -27.98
N GLU A 442 34.78 -17.16 -27.60
CA GLU A 442 33.58 -16.89 -26.79
C GLU A 442 33.87 -16.74 -25.27
N ASP A 443 33.87 -15.49 -24.79
CA ASP A 443 34.01 -15.16 -23.35
C ASP A 443 35.10 -16.01 -22.72
N SER A 444 36.31 -15.93 -23.26
CA SER A 444 37.30 -16.96 -22.93
C SER A 444 38.64 -16.45 -22.46
N THR A 445 39.30 -17.30 -21.68
CA THR A 445 40.67 -17.11 -21.22
C THR A 445 41.63 -17.05 -22.43
N TYR A 446 42.63 -16.15 -22.41
CA TYR A 446 43.68 -16.10 -23.47
C TYR A 446 45.09 -16.35 -22.93
N HIS A 447 45.90 -17.03 -23.74
CA HIS A 447 47.17 -17.57 -23.26
C HIS A 447 48.34 -17.01 -24.02
N VAL A 448 49.31 -16.49 -23.29
CA VAL A 448 50.53 -16.03 -23.93
C VAL A 448 51.76 -16.65 -23.31
N ALA A 449 52.60 -17.18 -24.19
CA ALA A 449 53.95 -17.57 -23.86
C ALA A 449 54.83 -16.32 -23.75
N VAL A 450 55.48 -16.14 -22.60
CA VAL A 450 56.34 -14.98 -22.41
C VAL A 450 57.73 -15.47 -22.07
N ASP A 451 58.73 -15.00 -22.82
CA ASP A 451 60.10 -15.57 -22.78
C ASP A 451 61.22 -14.56 -22.55
N LYS A 452 62.46 -15.04 -22.65
CA LYS A 452 63.60 -14.17 -22.50
C LYS A 452 63.53 -13.42 -21.18
N LEU A 453 63.23 -14.17 -20.13
CA LEU A 453 63.15 -13.66 -18.75
C LEU A 453 64.43 -13.94 -17.97
N ASN A 454 64.43 -13.52 -16.70
CA ASN A 454 65.53 -13.78 -15.78
C ASN A 454 65.09 -14.68 -14.62
N PRO A 455 65.84 -15.75 -14.39
CA PRO A 455 65.45 -16.70 -13.38
C PRO A 455 65.61 -16.11 -11.99
N TYR A 456 64.53 -16.16 -11.24
CA TYR A 456 64.51 -15.70 -9.86
C TYR A 456 64.63 -14.20 -9.83
N THR A 457 63.65 -13.53 -10.42
CA THR A 457 63.60 -12.07 -10.44
C THR A 457 62.19 -11.52 -10.27
N ALA A 458 62.13 -10.23 -9.94
CA ALA A 458 60.95 -9.55 -9.43
C ALA A 458 59.95 -9.03 -10.50
N TYR A 459 59.29 -9.96 -11.20
CA TYR A 459 58.40 -9.54 -12.30
C TYR A 459 56.99 -9.03 -11.95
N THR A 460 56.43 -8.26 -12.88
CA THR A 460 55.13 -7.62 -12.74
C THR A 460 54.46 -7.54 -14.11
N PHE A 461 53.23 -8.03 -14.21
CA PHE A 461 52.64 -7.98 -15.52
C PHE A 461 51.40 -7.16 -15.66
N ARG A 462 51.24 -6.65 -16.88
CA ARG A 462 50.08 -5.87 -17.29
C ARG A 462 49.60 -6.33 -18.67
N VAL A 463 48.30 -6.49 -18.80
CA VAL A 463 47.69 -6.77 -20.10
C VAL A 463 46.77 -5.65 -20.59
N ARG A 464 46.68 -5.50 -21.91
CA ARG A 464 46.01 -4.34 -22.52
C ARG A 464 45.60 -4.73 -23.94
N CYS A 465 44.28 -4.77 -24.20
CA CYS A 465 43.75 -5.46 -25.37
C CYS A 465 42.96 -4.64 -26.36
N SER A 466 42.96 -5.10 -27.61
CA SER A 466 42.05 -4.63 -28.64
C SER A 466 42.08 -5.59 -29.77
N SER A 467 41.17 -5.38 -30.74
CA SER A 467 41.09 -6.19 -31.95
C SER A 467 42.20 -5.82 -32.89
N LYS A 468 42.61 -6.80 -33.66
CA LYS A 468 43.63 -6.58 -34.65
C LYS A 468 43.12 -5.58 -35.73
N THR A 469 41.81 -5.32 -35.75
CA THR A 469 41.27 -4.25 -36.61
C THR A 469 41.14 -2.96 -35.81
N PHE A 470 41.10 -3.11 -34.50
CA PHE A 470 41.27 -1.99 -33.58
C PHE A 470 40.34 -0.79 -33.74
N TRP A 471 39.69 -0.49 -32.62
CA TRP A 471 38.95 0.75 -32.46
C TRP A 471 39.63 1.64 -31.45
N LYS A 472 40.02 1.04 -30.34
CA LYS A 472 40.47 1.75 -29.18
C LYS A 472 40.90 0.66 -28.28
N TRP A 473 41.90 0.95 -27.44
CA TRP A 473 42.44 -0.01 -26.49
C TRP A 473 41.53 -0.34 -25.29
N SER A 474 41.72 -1.52 -24.72
CA SER A 474 41.11 -1.83 -23.44
C SER A 474 41.67 -0.83 -22.48
N ARG A 475 41.15 -0.79 -21.25
CA ARG A 475 41.87 -0.07 -20.21
C ARG A 475 43.14 -0.88 -19.95
N TRP A 476 44.02 -0.38 -19.10
CA TRP A 476 45.16 -1.18 -18.70
C TRP A 476 44.76 -2.16 -17.62
N SER A 477 45.32 -3.37 -17.66
CA SER A 477 44.90 -4.45 -16.78
C SER A 477 45.05 -4.07 -15.32
N ASP A 478 45.09 -5.08 -14.46
CA ASP A 478 45.58 -4.84 -13.12
C ASP A 478 47.09 -5.11 -13.01
N GLU A 479 47.49 -5.82 -11.96
CA GLU A 479 48.92 -6.06 -11.68
C GLU A 479 49.16 -7.56 -11.43
N LYS A 480 50.00 -8.18 -12.25
CA LYS A 480 50.13 -9.63 -12.22
C LYS A 480 51.15 -10.08 -11.21
N ARG A 481 52.26 -9.34 -11.14
CA ARG A 481 53.37 -9.52 -10.17
C ARG A 481 53.74 -10.95 -9.76
N HIS A 482 54.85 -11.44 -10.30
CA HIS A 482 55.24 -12.79 -10.01
C HIS A 482 56.75 -12.90 -9.95
N LEU A 483 57.28 -13.97 -9.35
CA LEU A 483 58.74 -14.20 -9.38
C LEU A 483 59.06 -15.20 -10.49
N THR A 484 60.32 -15.58 -10.63
CA THR A 484 60.62 -16.69 -11.56
C THR A 484 61.08 -17.96 -10.82
N THR A 485 61.94 -18.77 -11.43
CA THR A 485 62.20 -20.07 -10.86
C THR A 485 63.57 -20.63 -11.21
N GLU A 486 63.95 -21.76 -10.58
CA GLU A 486 65.32 -22.34 -10.60
C GLU A 486 65.55 -23.65 -11.44
N ALA A 487 66.61 -24.39 -11.10
CA ALA A 487 66.80 -25.79 -11.57
C ALA A 487 66.98 -26.75 -10.40
N THR A 488 67.98 -26.48 -9.56
CA THR A 488 68.16 -27.19 -8.29
C THR A 488 68.01 -26.18 -7.13
N SER B 1 12.24 1.51 -6.17
CA SER B 1 11.64 2.71 -5.50
C SER B 1 11.47 2.56 -3.96
N PRO B 2 11.69 3.68 -3.22
CA PRO B 2 11.38 3.82 -1.79
C PRO B 2 9.89 3.61 -1.40
N LEU B 3 9.63 2.61 -0.56
CA LEU B 3 8.25 2.24 -0.18
C LEU B 3 7.88 2.55 1.31
N PRO B 4 7.07 3.62 1.53
CA PRO B 4 6.64 4.03 2.91
C PRO B 4 5.80 2.95 3.68
N ILE B 5 4.45 3.02 3.53
CA ILE B 5 3.40 2.00 3.92
C ILE B 5 2.91 1.89 5.37
N THR B 6 1.59 1.99 5.49
CA THR B 6 0.88 1.94 6.76
C THR B 6 -0.20 0.86 6.62
N PRO B 7 -0.19 -0.20 7.48
CA PRO B 7 -1.19 -1.27 7.40
C PRO B 7 -2.63 -0.84 7.78
N VAL B 8 -3.61 -1.29 6.99
CA VAL B 8 -5.02 -1.11 7.36
C VAL B 8 -5.46 -2.29 8.20
N ASN B 9 -5.28 -3.52 7.68
CA ASN B 9 -5.72 -4.72 8.42
C ASN B 9 -4.85 -5.09 9.61
N ALA B 10 -4.99 -4.30 10.66
CA ALA B 10 -4.25 -4.50 11.89
C ALA B 10 -5.05 -5.44 12.72
N THR B 11 -4.39 -6.32 13.46
CA THR B 11 -5.09 -7.30 14.28
C THR B 11 -4.23 -7.95 15.37
N CYS B 12 -4.81 -8.13 16.54
CA CYS B 12 -4.15 -8.86 17.62
C CYS B 12 -3.92 -10.27 17.14
N ALA B 13 -4.59 -10.58 16.05
CA ALA B 13 -4.33 -11.79 15.32
C ALA B 13 -3.03 -11.59 14.57
N ILE B 14 -3.00 -10.63 13.67
CA ILE B 14 -1.81 -10.46 12.86
C ILE B 14 -1.26 -9.04 12.82
N ARG B 15 -0.08 -8.94 13.42
CA ARG B 15 0.66 -7.70 13.59
C ARG B 15 2.07 -8.16 13.95
N HIS B 16 3.04 -7.27 13.94
CA HIS B 16 4.40 -7.64 14.34
C HIS B 16 4.63 -7.37 15.83
N PRO B 17 5.11 -8.37 16.61
CA PRO B 17 5.33 -8.19 18.03
C PRO B 17 6.40 -7.15 18.33
N CYS B 18 6.58 -6.81 19.60
CA CYS B 18 7.39 -5.65 19.98
C CYS B 18 8.40 -5.88 21.10
N HIS B 19 9.16 -4.82 21.38
CA HIS B 19 10.18 -4.81 22.41
C HIS B 19 9.54 -4.56 23.80
N ASN B 20 10.20 -3.71 24.58
CA ASN B 20 9.76 -3.36 25.94
C ASN B 20 9.44 -1.85 26.06
N ASN B 21 8.85 -1.49 27.21
CA ASN B 21 8.51 -0.10 27.61
C ASN B 21 7.23 0.45 26.97
N LEU B 22 7.18 0.39 25.64
CA LEU B 22 6.01 0.72 24.82
C LEU B 22 5.48 2.13 24.99
N MET B 23 4.78 2.40 26.07
CA MET B 23 4.24 3.73 26.24
C MET B 23 5.30 4.79 26.05
N ASN B 24 6.43 4.65 26.74
CA ASN B 24 7.50 5.64 26.59
C ASN B 24 8.24 5.60 25.25
N GLN B 25 7.89 4.64 24.40
CA GLN B 25 8.41 4.60 23.03
C GLN B 25 7.52 5.51 22.20
N ILE B 26 6.21 5.29 22.31
CA ILE B 26 5.23 6.05 21.52
C ILE B 26 5.12 7.48 21.99
N ARG B 27 5.61 7.74 23.19
CA ARG B 27 5.74 9.10 23.68
C ARG B 27 6.89 9.74 22.90
N SER B 28 8.07 9.13 23.00
CA SER B 28 9.24 9.54 22.24
C SER B 28 8.91 9.61 20.74
N GLN B 29 8.44 8.51 20.18
CA GLN B 29 8.12 8.44 18.76
C GLN B 29 7.16 9.54 18.36
N LEU B 30 6.17 9.78 19.21
CA LEU B 30 5.13 10.75 18.92
C LEU B 30 5.79 12.09 18.75
N ALA B 31 6.33 12.62 19.85
CA ALA B 31 6.93 13.95 19.87
C ALA B 31 8.15 14.11 18.95
N GLN B 32 8.61 12.98 18.43
CA GLN B 32 9.68 12.98 17.47
C GLN B 32 9.14 13.53 16.15
N LEU B 33 8.02 12.96 15.70
CA LEU B 33 7.33 13.40 14.48
C LEU B 33 7.06 14.88 14.53
N ASN B 34 6.73 15.32 15.75
CA ASN B 34 6.43 16.70 16.02
C ASN B 34 7.61 17.57 15.63
N GLY B 35 8.82 17.05 15.83
CA GLY B 35 10.03 17.72 15.37
C GLY B 35 10.00 18.01 13.88
N SER B 36 10.25 16.99 13.08
CA SER B 36 10.23 17.10 11.64
C SER B 36 9.12 18.05 11.18
N ALA B 37 7.87 17.67 11.48
CA ALA B 37 6.66 18.42 11.09
C ALA B 37 6.91 19.74 10.35
N ASN B 38 7.12 20.84 11.09
CA ASN B 38 7.37 22.17 10.50
C ASN B 38 8.25 22.10 9.26
N ALA B 39 9.51 21.71 9.44
CA ALA B 39 10.42 21.61 8.31
C ALA B 39 9.90 20.77 7.11
N LEU B 40 9.21 19.67 7.40
CA LEU B 40 8.69 18.81 6.34
C LEU B 40 7.55 19.50 5.63
N PHE B 41 6.79 20.27 6.39
CA PHE B 41 5.72 21.07 5.83
C PHE B 41 6.31 22.22 5.06
N ILE B 42 7.29 22.91 5.66
CA ILE B 42 8.02 23.94 4.93
C ILE B 42 8.39 23.30 3.63
N LEU B 43 9.13 22.19 3.71
CA LEU B 43 9.69 21.56 2.53
C LEU B 43 8.65 21.30 1.47
N TYR B 44 7.49 20.78 1.88
CA TYR B 44 6.42 20.48 0.94
C TYR B 44 6.01 21.70 0.17
N TYR B 45 5.34 22.62 0.85
CA TYR B 45 4.83 23.80 0.19
C TYR B 45 5.92 24.55 -0.55
N THR B 46 7.12 24.59 0.03
CA THR B 46 8.27 25.23 -0.60
C THR B 46 8.31 24.91 -2.10
N ALA B 47 8.37 23.62 -2.44
CA ALA B 47 8.65 23.22 -3.81
C ALA B 47 7.42 23.04 -4.70
N GLN B 48 6.25 23.34 -4.16
CA GLN B 48 5.04 23.24 -4.95
C GLN B 48 4.93 24.43 -5.85
N GLY B 49 5.97 25.25 -5.84
CA GLY B 49 6.10 26.40 -6.73
C GLY B 49 5.38 27.63 -6.21
N GLU B 50 5.66 28.77 -6.83
CA GLU B 50 4.89 29.98 -6.56
C GLU B 50 3.47 29.83 -7.13
N PRO B 51 2.48 30.48 -6.52
CA PRO B 51 2.58 31.34 -5.38
C PRO B 51 2.22 30.65 -4.08
N PHE B 52 2.71 29.43 -3.87
CA PHE B 52 2.33 28.70 -2.65
C PHE B 52 2.78 29.27 -1.27
N PRO B 53 3.94 29.96 -1.19
CA PRO B 53 4.32 30.38 0.15
C PRO B 53 3.70 31.70 0.55
N ASN B 54 3.07 32.37 -0.42
CA ASN B 54 2.56 33.70 -0.17
C ASN B 54 1.07 33.69 0.10
N ASN B 55 0.43 32.59 -0.30
CA ASN B 55 -0.96 32.36 0.09
C ASN B 55 -1.12 31.15 0.99
N LEU B 56 -0.15 31.02 1.91
CA LEU B 56 0.03 29.84 2.75
C LEU B 56 -1.22 29.36 3.50
N ASP B 57 -2.06 30.31 3.92
CA ASP B 57 -3.25 30.01 4.72
C ASP B 57 -4.52 29.73 3.90
N LYS B 58 -4.59 30.33 2.71
CA LYS B 58 -5.73 30.14 1.80
C LYS B 58 -5.64 28.78 1.11
N LEU B 59 -4.41 28.37 0.83
CA LEU B 59 -4.15 27.12 0.13
C LEU B 59 -3.77 25.96 1.03
N CYS B 60 -2.79 26.17 1.91
CA CYS B 60 -2.30 25.12 2.82
C CYS B 60 -2.82 25.34 4.22
N GLY B 61 -4.09 25.74 4.28
CA GLY B 61 -4.80 25.97 5.52
C GLY B 61 -5.00 24.67 6.26
N PRO B 62 -4.57 24.64 7.53
CA PRO B 62 -4.82 23.50 8.44
C PRO B 62 -6.32 23.10 8.45
N ASN B 63 -6.80 22.51 7.37
CA ASN B 63 -8.25 22.48 7.13
C ASN B 63 -8.95 21.17 6.77
N VAL B 64 -8.31 20.33 5.97
CA VAL B 64 -9.04 19.22 5.31
C VAL B 64 -9.97 18.46 6.25
N THR B 65 -11.28 18.60 5.99
CA THR B 65 -12.35 18.16 6.92
C THR B 65 -12.40 16.62 7.09
N ASP B 66 -13.58 16.08 7.43
CA ASP B 66 -13.80 14.62 7.55
C ASP B 66 -12.75 13.89 8.41
N PHE B 67 -11.85 14.68 8.99
CA PHE B 67 -10.64 14.23 9.68
C PHE B 67 -11.00 13.50 10.96
N PRO B 68 -10.29 12.38 11.25
CA PRO B 68 -10.44 11.52 12.44
C PRO B 68 -10.36 12.27 13.77
N PRO B 69 -11.39 12.15 14.61
CA PRO B 69 -11.40 13.05 15.75
C PRO B 69 -10.28 12.75 16.75
N PHE B 70 -9.90 13.77 17.54
CA PHE B 70 -9.17 13.59 18.81
C PHE B 70 -9.79 14.41 19.97
N HIS B 71 -9.94 13.71 21.09
CA HIS B 71 -10.43 14.25 22.34
C HIS B 71 -9.27 14.43 23.30
N ALA B 72 -9.26 15.54 24.05
CA ALA B 72 -8.16 15.91 24.97
C ALA B 72 -7.90 14.94 26.15
N ASN B 73 -8.94 14.55 26.89
CA ASN B 73 -8.80 13.74 28.11
C ASN B 73 -9.09 12.27 27.89
N GLY B 74 -9.85 11.66 28.81
CA GLY B 74 -10.27 10.27 28.69
C GLY B 74 -9.16 9.25 28.88
N THR B 75 -9.53 8.00 29.22
CA THR B 75 -8.55 6.96 29.56
C THR B 75 -7.57 6.67 28.44
N GLU B 76 -6.39 6.19 28.83
CA GLU B 76 -5.36 5.73 27.93
C GLU B 76 -5.98 5.09 26.67
N LYS B 77 -6.90 4.16 26.88
CA LYS B 77 -7.61 3.48 25.79
C LYS B 77 -8.07 4.48 24.74
N ALA B 78 -8.93 5.42 25.15
CA ALA B 78 -9.45 6.46 24.26
C ALA B 78 -8.32 7.13 23.49
N LYS B 79 -7.48 7.88 24.19
CA LYS B 79 -6.30 8.48 23.58
C LYS B 79 -5.67 7.52 22.55
N LEU B 80 -5.34 6.30 23.00
CA LEU B 80 -4.65 5.32 22.15
C LEU B 80 -5.43 4.89 20.92
N VAL B 81 -6.68 4.46 21.12
CA VAL B 81 -7.52 4.12 19.97
C VAL B 81 -7.53 5.33 19.04
N GLU B 82 -7.97 6.48 19.55
CA GLU B 82 -8.17 7.68 18.74
C GLU B 82 -6.93 7.96 17.90
N LEU B 83 -5.79 8.09 18.57
CA LEU B 83 -4.52 8.28 17.89
C LEU B 83 -4.37 7.33 16.73
N TYR B 84 -4.54 6.05 17.05
CA TYR B 84 -4.36 4.99 16.11
C TYR B 84 -4.99 5.32 14.78
N ARG B 85 -6.21 5.87 14.83
CA ARG B 85 -6.94 6.22 13.63
C ARG B 85 -6.19 7.29 12.89
N ILE B 86 -5.81 8.34 13.60
CA ILE B 86 -5.14 9.48 12.99
C ILE B 86 -3.89 8.99 12.26
N VAL B 87 -3.14 8.14 12.93
CA VAL B 87 -1.97 7.56 12.32
C VAL B 87 -2.35 6.87 11.02
N VAL B 88 -3.22 5.86 11.11
CA VAL B 88 -3.71 5.14 9.92
C VAL B 88 -3.93 6.16 8.87
N TYR B 89 -4.67 7.19 9.24
CA TYR B 89 -5.12 8.18 8.33
C TYR B 89 -4.02 8.92 7.57
N LEU B 90 -3.06 9.51 8.27
CA LEU B 90 -2.01 10.25 7.58
C LEU B 90 -1.25 9.33 6.63
N GLY B 91 -0.55 8.36 7.20
CA GLY B 91 0.25 7.40 6.46
C GLY B 91 -0.41 6.83 5.22
N THR B 92 -1.74 6.79 5.24
CA THR B 92 -2.46 6.34 4.07
C THR B 92 -2.34 7.43 3.04
N SER B 93 -2.70 8.63 3.45
CA SER B 93 -2.76 9.74 2.54
C SER B 93 -1.35 10.22 2.26
N LEU B 94 -0.50 10.09 3.28
CA LEU B 94 0.87 10.56 3.22
C LEU B 94 1.71 9.83 2.18
N GLY B 95 1.55 8.51 2.13
CA GLY B 95 2.06 7.75 1.00
C GLY B 95 1.68 8.45 -0.30
N ASN B 96 0.38 8.65 -0.51
CA ASN B 96 -0.08 9.22 -1.76
C ASN B 96 0.61 10.52 -2.02
N ILE B 97 0.47 11.49 -1.13
CA ILE B 97 1.10 12.82 -1.31
C ILE B 97 2.55 12.73 -1.85
N THR B 98 3.23 11.61 -1.54
CA THR B 98 4.57 11.28 -2.02
C THR B 98 4.60 10.79 -3.47
N ARG B 99 3.89 9.68 -3.70
CA ARG B 99 3.62 9.06 -5.01
C ARG B 99 3.15 10.09 -6.03
N ASP B 100 2.89 11.28 -5.52
CA ASP B 100 2.60 12.46 -6.31
C ASP B 100 3.95 13.08 -6.53
N GLN B 101 4.48 13.63 -5.44
CA GLN B 101 5.74 14.35 -5.50
C GLN B 101 6.83 13.55 -6.14
N LYS B 102 6.62 12.24 -6.17
CA LYS B 102 7.53 11.33 -6.86
C LYS B 102 7.62 11.64 -8.38
N ILE B 103 6.63 12.35 -8.92
CA ILE B 103 6.57 12.64 -10.36
C ILE B 103 6.42 14.13 -10.64
N LEU B 104 6.14 14.88 -9.61
CA LEU B 104 6.07 16.31 -9.77
C LEU B 104 7.37 16.91 -9.37
N ASN B 105 7.85 16.55 -8.18
CA ASN B 105 9.12 17.06 -7.72
C ASN B 105 10.05 15.93 -7.34
N PRO B 106 10.59 15.29 -8.37
CA PRO B 106 11.42 14.13 -8.20
C PRO B 106 12.85 14.59 -8.05
N SER B 107 13.03 15.87 -7.78
CA SER B 107 14.37 16.38 -7.62
C SER B 107 14.71 16.69 -6.17
N ALA B 108 13.77 17.21 -5.40
CA ALA B 108 14.03 17.48 -3.98
C ALA B 108 14.12 16.18 -3.19
N LEU B 109 15.28 15.54 -3.29
CA LEU B 109 15.66 14.44 -2.43
C LEU B 109 15.38 14.86 -0.99
N SER B 110 15.55 16.17 -0.77
CA SER B 110 15.33 16.89 0.50
C SER B 110 13.95 16.64 1.05
N LEU B 111 12.97 16.63 0.16
CA LEU B 111 11.57 16.44 0.53
C LEU B 111 11.27 14.99 0.79
N HIS B 112 11.69 14.13 -0.14
CA HIS B 112 11.44 12.71 0.02
C HIS B 112 12.02 12.24 1.33
N SER B 113 13.34 12.28 1.44
CA SER B 113 14.00 11.96 2.72
C SER B 113 13.10 12.18 3.95
N LYS B 114 12.54 13.39 4.05
CA LYS B 114 11.56 13.71 5.09
C LYS B 114 10.31 12.86 4.95
N LEU B 115 9.54 13.12 3.89
CA LEU B 115 8.34 12.37 3.56
C LEU B 115 8.48 10.91 3.87
N ASN B 116 9.63 10.35 3.48
CA ASN B 116 9.90 8.95 3.69
C ASN B 116 10.10 8.56 5.14
N ALA B 117 10.92 9.28 5.87
CA ALA B 117 11.11 8.95 7.28
C ALA B 117 9.84 9.20 8.12
N THR B 118 9.15 10.26 7.76
CA THR B 118 7.93 10.67 8.44
C THR B 118 6.83 9.65 8.16
N ALA B 119 7.13 8.69 7.30
CA ALA B 119 6.24 7.54 7.12
C ALA B 119 6.76 6.37 7.96
N ASP B 120 8.07 6.13 7.89
CA ASP B 120 8.73 5.05 8.65
C ASP B 120 8.34 5.17 10.12
N ILE B 121 8.66 6.31 10.70
CA ILE B 121 8.40 6.50 12.10
C ILE B 121 6.90 6.37 12.38
N LEU B 122 6.11 6.85 11.44
CA LEU B 122 4.69 6.82 11.55
C LEU B 122 4.22 5.38 11.64
N ARG B 123 4.83 4.50 10.84
CA ARG B 123 4.48 3.07 10.82
C ARG B 123 4.76 2.41 12.17
N GLY B 124 5.91 2.77 12.76
CA GLY B 124 6.31 2.26 14.08
C GLY B 124 5.28 2.60 15.15
N LEU B 125 5.11 3.91 15.40
CA LEU B 125 4.10 4.40 16.30
C LEU B 125 2.85 3.56 16.17
N LEU B 126 2.52 3.18 14.94
CA LEU B 126 1.37 2.33 14.74
C LEU B 126 1.47 0.95 15.43
N SER B 127 2.35 0.07 14.94
CA SER B 127 2.51 -1.25 15.57
C SER B 127 2.72 -1.13 17.08
N ASN B 128 3.60 -0.21 17.48
CA ASN B 128 3.81 0.10 18.89
C ASN B 128 2.58 0.55 19.61
N VAL B 129 1.71 1.28 18.94
CA VAL B 129 0.49 1.75 19.59
C VAL B 129 -0.49 0.62 19.78
N LEU B 130 -0.78 -0.11 18.72
CA LEU B 130 -1.72 -1.20 18.84
C LEU B 130 -1.14 -2.30 19.74
N CYS B 131 0.17 -2.45 19.70
CA CYS B 131 0.86 -3.43 20.53
C CYS B 131 0.50 -3.24 22.00
N ARG B 132 0.24 -1.99 22.39
CA ARG B 132 -0.26 -1.68 23.74
C ARG B 132 -1.76 -1.81 23.71
N LEU B 133 -2.37 -1.27 22.66
CA LEU B 133 -3.82 -1.34 22.53
C LEU B 133 -4.30 -2.78 22.45
N CYS B 134 -3.38 -3.71 22.74
CA CYS B 134 -3.63 -5.16 22.71
C CYS B 134 -3.23 -5.93 23.95
N SER B 135 -2.03 -5.65 24.47
CA SER B 135 -1.62 -6.11 25.78
C SER B 135 -2.44 -5.31 26.78
N LYS B 136 -2.74 -5.91 27.93
CA LYS B 136 -3.80 -5.42 28.83
C LYS B 136 -4.64 -4.25 28.21
N TYR B 137 -5.40 -4.58 27.16
CA TYR B 137 -6.50 -3.74 26.61
C TYR B 137 -7.50 -4.52 25.77
N HIS B 138 -6.98 -5.41 24.91
CA HIS B 138 -7.75 -6.49 24.28
C HIS B 138 -8.85 -6.08 23.30
N VAL B 139 -8.70 -4.93 22.64
CA VAL B 139 -9.78 -4.49 21.73
C VAL B 139 -9.96 -5.50 20.58
N GLY B 140 -8.84 -6.11 20.15
CA GLY B 140 -8.85 -7.12 19.09
C GLY B 140 -8.52 -6.59 17.70
N HIS B 141 -9.19 -5.49 17.34
CA HIS B 141 -8.94 -4.78 16.09
C HIS B 141 -9.52 -3.38 16.13
N VAL B 142 -8.66 -2.39 16.04
CA VAL B 142 -9.15 -1.03 15.94
C VAL B 142 -9.82 -0.86 14.60
N ASP B 143 -11.10 -0.49 14.68
CA ASP B 143 -11.89 -0.15 13.52
C ASP B 143 -11.41 1.22 13.04
N VAL B 144 -11.38 1.40 11.71
CA VAL B 144 -10.69 2.55 11.10
C VAL B 144 -11.28 3.10 9.78
N THR B 145 -10.78 4.30 9.40
CA THR B 145 -11.06 4.98 8.10
C THR B 145 -9.78 5.15 7.31
N TYR B 146 -9.94 5.26 5.99
CA TYR B 146 -8.82 5.42 5.03
C TYR B 146 -8.69 6.92 4.61
N GLY B 147 -7.47 7.41 4.43
CA GLY B 147 -7.24 8.82 4.05
C GLY B 147 -7.87 9.29 2.74
N PRO B 148 -7.60 10.56 2.34
CA PRO B 148 -8.03 11.11 1.04
C PRO B 148 -7.26 10.63 -0.22
N ASP B 149 -7.70 11.11 -1.39
CA ASP B 149 -7.25 10.72 -2.75
C ASP B 149 -7.86 9.39 -3.19
N THR B 150 -9.10 9.44 -3.69
CA THR B 150 -9.63 8.37 -4.58
C THR B 150 -9.04 8.58 -6.02
N SER B 151 -9.33 9.74 -6.61
CA SER B 151 -8.46 10.31 -7.65
C SER B 151 -7.87 11.55 -6.98
N GLY B 152 -8.59 12.67 -7.13
CA GLY B 152 -8.11 13.98 -6.74
C GLY B 152 -8.01 14.80 -8.01
N LYS B 153 -8.01 14.09 -9.15
CA LYS B 153 -7.69 14.61 -10.49
C LYS B 153 -6.50 15.65 -10.60
N ASP B 154 -6.80 16.94 -10.84
CA ASP B 154 -5.82 18.01 -11.22
C ASP B 154 -4.55 18.05 -10.41
N VAL B 155 -3.44 17.93 -11.12
CA VAL B 155 -2.18 18.32 -10.53
C VAL B 155 -2.47 19.30 -9.40
N PHE B 156 -3.10 20.43 -9.76
CA PHE B 156 -3.27 21.53 -8.83
C PHE B 156 -3.75 21.00 -7.52
N GLN B 157 -4.96 20.46 -7.56
CA GLN B 157 -5.65 20.01 -6.37
C GLN B 157 -4.73 19.11 -5.57
N LYS B 158 -4.07 18.19 -6.27
CA LYS B 158 -3.22 17.23 -5.61
C LYS B 158 -2.15 17.93 -4.77
N LYS B 159 -1.88 19.18 -5.12
CA LYS B 159 -0.96 20.00 -4.36
C LYS B 159 -1.67 20.55 -3.15
N LYS B 160 -2.83 21.17 -3.38
CA LYS B 160 -3.66 21.75 -2.32
C LYS B 160 -3.98 20.69 -1.29
N LEU B 161 -4.52 19.56 -1.75
CA LEU B 161 -4.89 18.45 -0.88
C LEU B 161 -3.72 17.91 -0.08
N GLY B 162 -2.53 18.00 -0.63
CA GLY B 162 -1.31 17.64 0.08
C GLY B 162 -0.80 18.77 0.95
N CYS B 163 -1.07 19.99 0.54
CA CYS B 163 -0.63 21.13 1.29
C CYS B 163 -1.54 21.35 2.47
N GLN B 164 -2.76 20.90 2.31
CA GLN B 164 -3.75 21.05 3.35
C GLN B 164 -3.48 19.97 4.38
N LEU B 165 -3.43 18.72 3.92
CA LEU B 165 -3.20 17.58 4.79
C LEU B 165 -1.98 17.80 5.66
N LEU B 166 -0.87 18.13 5.03
CA LEU B 166 0.34 18.38 5.79
C LEU B 166 0.11 19.46 6.79
N GLY B 167 -0.71 20.44 6.43
CA GLY B 167 -1.07 21.55 7.33
C GLY B 167 -1.68 21.08 8.63
N LYS B 168 -2.80 20.37 8.52
CA LYS B 168 -3.43 19.78 9.69
C LYS B 168 -2.44 18.87 10.45
N TYR B 169 -1.75 17.95 9.77
CA TYR B 169 -0.76 17.08 10.43
C TYR B 169 0.10 17.90 11.39
N LYS B 170 0.74 18.91 10.85
CA LYS B 170 1.53 19.87 11.62
C LYS B 170 0.75 20.40 12.81
N GLN B 171 -0.50 20.76 12.56
CA GLN B 171 -1.39 21.30 13.58
C GLN B 171 -1.81 20.25 14.64
N ILE B 172 -1.76 18.97 14.27
CA ILE B 172 -2.35 17.91 15.10
C ILE B 172 -1.34 17.17 15.94
N ILE B 173 -0.19 16.90 15.36
CA ILE B 173 0.86 16.19 16.06
C ILE B 173 1.21 16.92 17.34
N ALA B 174 1.17 18.26 17.25
CA ALA B 174 1.50 19.18 18.36
C ALA B 174 0.56 19.04 19.56
N VAL B 175 -0.68 18.65 19.28
CA VAL B 175 -1.55 18.24 20.35
C VAL B 175 -1.05 16.85 20.70
N LEU B 176 -1.40 15.86 19.90
CA LEU B 176 -1.10 14.47 20.20
C LEU B 176 0.04 14.25 21.17
N ALA B 177 1.21 14.77 20.79
CA ALA B 177 2.46 14.47 21.49
C ALA B 177 2.60 15.17 22.85
N GLN B 178 1.60 15.98 23.19
CA GLN B 178 1.52 16.60 24.49
C GLN B 178 0.59 15.81 25.42
N ALA B 179 -0.49 15.28 24.85
CA ALA B 179 -1.59 14.72 25.65
C ALA B 179 -1.21 13.47 26.45
N PHE B 180 -0.45 12.58 25.84
CA PHE B 180 -0.14 11.28 26.42
C PHE B 180 1.08 10.74 25.72
N ASP C 9 -44.57 -27.80 71.34
CA ASP C 9 -45.57 -27.20 70.39
C ASP C 9 -45.41 -25.65 70.26
N LEU C 10 -44.23 -25.18 70.63
CA LEU C 10 -43.84 -23.79 70.42
C LEU C 10 -42.59 -23.88 69.54
N LYS C 11 -42.72 -23.77 68.22
CA LYS C 11 -41.57 -23.96 67.32
C LYS C 11 -40.75 -22.67 67.08
N CYS C 12 -39.41 -22.75 67.10
CA CYS C 12 -38.55 -21.54 66.97
C CYS C 12 -37.38 -21.54 65.94
N THR C 13 -37.03 -20.34 65.46
CA THR C 13 -36.14 -20.15 64.30
C THR C 13 -35.27 -18.91 64.51
N THR C 14 -34.04 -18.94 64.01
CA THR C 14 -33.06 -17.86 64.27
C THR C 14 -32.15 -17.54 63.10
N ASN C 15 -32.06 -16.25 62.73
CA ASN C 15 -31.27 -15.79 61.57
C ASN C 15 -29.77 -15.70 61.86
N ASN C 16 -29.44 -15.73 63.14
CA ASN C 16 -28.09 -15.91 63.67
C ASN C 16 -28.24 -16.88 64.82
N MET C 17 -27.39 -16.81 65.84
CA MET C 17 -27.54 -17.73 66.95
C MET C 17 -27.83 -17.02 68.24
N ARG C 18 -28.04 -15.72 68.12
CA ARG C 18 -28.22 -14.82 69.25
C ARG C 18 -29.67 -14.64 69.72
N VAL C 19 -30.61 -14.35 68.80
CA VAL C 19 -32.00 -14.05 69.18
C VAL C 19 -32.95 -15.09 68.65
N TRP C 20 -33.83 -15.61 69.50
CA TRP C 20 -34.81 -16.58 69.05
C TRP C 20 -36.10 -15.94 68.58
N ASP C 21 -36.65 -16.49 67.51
CA ASP C 21 -37.87 -15.97 66.95
C ASP C 21 -38.97 -17.00 67.04
N CYS C 22 -39.87 -16.79 68.00
CA CYS C 22 -40.81 -17.82 68.38
C CYS C 22 -42.24 -17.56 67.98
N THR C 23 -42.80 -18.50 67.24
CA THR C 23 -44.24 -18.56 66.97
C THR C 23 -44.89 -19.81 67.57
N TRP C 24 -45.97 -19.59 68.30
CA TRP C 24 -46.83 -20.65 68.75
C TRP C 24 -48.17 -20.49 68.02
N PRO C 25 -48.91 -21.59 67.81
CA PRO C 25 -50.27 -21.42 67.29
C PRO C 25 -51.23 -20.96 68.41
N ALA C 26 -52.23 -20.16 68.06
CA ALA C 26 -53.25 -19.62 69.00
C ALA C 26 -53.90 -20.68 69.94
N PRO C 27 -54.63 -20.25 71.01
CA PRO C 27 -55.23 -21.21 71.97
C PRO C 27 -56.33 -22.03 71.31
N LEU C 28 -56.66 -23.20 71.89
CA LEU C 28 -57.61 -24.17 71.25
C LEU C 28 -58.96 -23.57 70.76
N GLY C 29 -58.93 -22.98 69.57
CA GLY C 29 -59.98 -22.07 69.10
C GLY C 29 -59.57 -20.60 69.13
N VAL C 30 -60.22 -19.81 68.29
CA VAL C 30 -59.87 -18.40 68.01
C VAL C 30 -59.64 -17.49 69.25
N SER C 31 -58.59 -16.68 69.17
CA SER C 31 -58.52 -15.33 69.77
C SER C 31 -57.10 -14.75 69.56
N PRO C 32 -56.84 -14.14 68.37
CA PRO C 32 -55.47 -13.99 67.85
C PRO C 32 -54.64 -12.89 68.51
N GLY C 33 -55.31 -11.86 69.02
CA GLY C 33 -54.62 -10.72 69.61
C GLY C 33 -55.06 -10.40 71.03
N THR C 34 -55.57 -11.42 71.72
CA THR C 34 -56.06 -11.27 73.10
C THR C 34 -54.94 -11.34 74.16
N VAL C 35 -53.69 -11.51 73.70
CA VAL C 35 -52.58 -11.86 74.57
C VAL C 35 -52.05 -10.69 75.38
N LYS C 36 -51.57 -10.97 76.58
CA LYS C 36 -50.78 -10.02 77.34
C LYS C 36 -49.34 -10.53 77.51
N ASP C 37 -49.14 -11.54 78.38
CA ASP C 37 -47.79 -11.93 78.84
C ASP C 37 -47.19 -13.17 78.20
N ILE C 38 -45.87 -13.17 78.06
CA ILE C 38 -45.13 -14.39 77.81
C ILE C 38 -44.05 -14.37 78.84
N CYS C 39 -43.83 -15.47 79.53
CA CYS C 39 -42.86 -15.43 80.63
C CYS C 39 -41.78 -16.48 80.65
N ILE C 40 -40.55 -15.99 80.63
CA ILE C 40 -39.37 -16.83 80.51
C ILE C 40 -38.69 -17.08 81.84
N LYS C 41 -37.98 -18.20 81.91
CA LYS C 41 -37.35 -18.69 83.13
C LYS C 41 -35.91 -18.17 83.30
N ASP C 42 -34.91 -19.03 83.08
CA ASP C 42 -33.48 -18.70 83.33
C ASP C 42 -32.99 -17.52 82.48
N ARG C 43 -31.81 -17.02 82.82
CA ARG C 43 -31.47 -15.60 82.73
C ARG C 43 -31.85 -15.12 84.12
N PHE C 44 -33.16 -14.92 84.29
CA PHE C 44 -33.82 -14.48 85.51
C PHE C 44 -35.30 -14.35 85.12
N HIS C 45 -36.20 -14.12 86.08
CA HIS C 45 -37.59 -13.86 85.71
C HIS C 45 -37.80 -12.44 85.12
N SER C 46 -38.25 -12.41 83.86
CA SER C 46 -38.51 -11.16 83.14
C SER C 46 -39.64 -11.37 82.10
N CYS C 47 -40.64 -10.48 82.08
CA CYS C 47 -41.90 -10.73 81.36
C CYS C 47 -42.33 -9.75 80.28
N HIS C 48 -42.18 -10.18 79.03
CA HIS C 48 -42.44 -9.36 77.85
C HIS C 48 -43.93 -9.30 77.50
N PRO C 49 -44.40 -8.11 77.09
CA PRO C 49 -45.78 -8.00 76.65
C PRO C 49 -45.87 -8.45 75.21
N LEU C 50 -47.10 -8.71 74.77
CA LEU C 50 -47.33 -9.21 73.42
C LEU C 50 -48.43 -8.42 72.66
N GLU C 51 -48.30 -8.41 71.33
CA GLU C 51 -49.29 -7.83 70.42
C GLU C 51 -50.05 -8.97 69.71
N THR C 52 -49.33 -10.05 69.38
CA THR C 52 -49.94 -11.25 68.78
C THR C 52 -49.34 -12.53 69.38
N THR C 53 -49.25 -13.54 68.54
CA THR C 53 -48.87 -14.88 68.92
C THR C 53 -47.40 -15.15 68.72
N ASN C 54 -46.60 -14.12 68.47
CA ASN C 54 -45.16 -14.35 68.24
C ASN C 54 -44.19 -13.36 68.91
N VAL C 55 -42.99 -13.82 69.22
CA VAL C 55 -42.13 -13.08 70.13
C VAL C 55 -40.65 -13.12 69.78
N LYS C 56 -39.95 -12.09 70.24
CA LYS C 56 -38.51 -12.08 70.16
C LYS C 56 -37.83 -12.23 71.53
N ILE C 57 -37.41 -13.47 71.82
CA ILE C 57 -36.58 -13.82 72.99
C ILE C 57 -35.10 -13.92 72.64
N PRO C 58 -34.24 -13.24 73.42
CA PRO C 58 -32.83 -13.59 73.42
C PRO C 58 -32.65 -15.06 73.77
N ALA C 59 -31.50 -15.61 73.42
CA ALA C 59 -31.23 -17.05 73.49
C ALA C 59 -31.27 -17.57 74.88
N LEU C 60 -31.67 -18.82 75.00
CA LEU C 60 -31.73 -19.40 76.32
C LEU C 60 -30.50 -20.18 76.75
N SER C 61 -30.44 -20.43 78.05
CA SER C 61 -29.49 -21.36 78.58
C SER C 61 -29.77 -22.71 77.90
N PRO C 62 -28.79 -23.62 77.92
CA PRO C 62 -29.08 -24.89 77.30
C PRO C 62 -29.83 -25.75 78.28
N GLY C 63 -30.97 -26.25 77.82
CA GLY C 63 -31.88 -27.01 78.66
C GLY C 63 -33.35 -26.63 78.53
N ASP C 64 -34.18 -27.27 79.35
CA ASP C 64 -35.64 -27.12 79.31
C ASP C 64 -36.08 -25.92 80.15
N HIS C 65 -36.77 -24.98 79.53
CA HIS C 65 -37.26 -23.81 80.23
C HIS C 65 -38.77 -23.65 80.18
N GLU C 66 -39.36 -23.42 81.36
CA GLU C 66 -40.78 -23.09 81.50
C GLU C 66 -41.10 -21.74 80.80
N VAL C 67 -42.01 -21.80 79.84
CA VAL C 67 -42.48 -20.62 79.18
C VAL C 67 -43.96 -20.55 79.44
N THR C 68 -44.37 -19.64 80.32
CA THR C 68 -45.79 -19.44 80.55
C THR C 68 -46.35 -18.62 79.40
N ILE C 69 -47.66 -18.39 79.40
CA ILE C 69 -48.23 -17.47 78.43
C ILE C 69 -49.60 -17.06 78.91
N ASN C 70 -49.85 -15.76 78.96
CA ASN C 70 -51.08 -15.22 79.54
C ASN C 70 -51.84 -14.35 78.55
N TYR C 71 -53.18 -14.48 78.57
CA TYR C 71 -54.08 -13.68 77.71
C TYR C 71 -55.05 -12.85 78.58
N LEU C 72 -55.63 -11.79 78.03
CA LEU C 72 -56.69 -11.03 78.74
C LEU C 72 -57.79 -12.00 79.13
N ASN C 73 -57.88 -13.09 78.37
CA ASN C 73 -58.79 -14.21 78.66
C ASN C 73 -58.64 -14.83 80.03
N GLY C 74 -57.51 -14.56 80.69
CA GLY C 74 -57.07 -15.18 81.95
C GLY C 74 -56.41 -16.50 81.67
N PHE C 75 -56.60 -16.99 80.45
CA PHE C 75 -55.99 -18.21 80.02
C PHE C 75 -54.49 -18.08 80.14
N GLN C 76 -53.86 -19.23 80.25
CA GLN C 76 -52.45 -19.35 80.56
C GLN C 76 -52.13 -20.75 80.11
N SER C 77 -51.37 -20.90 79.01
CA SER C 77 -50.85 -22.23 78.66
C SER C 77 -49.37 -22.33 79.07
N LYS C 78 -48.90 -23.55 79.32
CA LYS C 78 -47.55 -23.79 79.85
C LYS C 78 -46.70 -24.62 78.89
N PHE C 79 -45.85 -23.95 78.12
CA PHE C 79 -44.97 -24.61 77.16
C PHE C 79 -43.57 -24.82 77.75
N THR C 80 -42.74 -25.54 76.99
CA THR C 80 -41.37 -25.86 77.40
C THR C 80 -40.47 -25.91 76.16
N LEU C 81 -39.69 -24.84 75.93
CA LEU C 81 -38.80 -24.74 74.77
C LEU C 81 -37.34 -24.94 75.15
N ASN C 82 -36.56 -25.50 74.24
CA ASN C 82 -35.16 -25.80 74.55
C ASN C 82 -34.34 -25.62 73.29
N GLU C 83 -33.10 -25.12 73.40
CA GLU C 83 -32.25 -24.86 72.22
C GLU C 83 -32.40 -25.98 71.18
N LYS C 84 -32.59 -27.22 71.65
CA LYS C 84 -32.73 -28.40 70.77
C LYS C 84 -33.91 -28.38 69.80
N ASP C 85 -35.00 -27.72 70.19
CA ASP C 85 -36.18 -27.61 69.32
C ASP C 85 -36.13 -26.35 68.40
N VAL C 86 -35.17 -25.46 68.66
CA VAL C 86 -34.96 -24.26 67.83
C VAL C 86 -34.17 -24.66 66.58
N SER C 87 -34.46 -24.03 65.44
CA SER C 87 -33.74 -24.33 64.19
C SER C 87 -32.92 -23.16 63.71
N LEU C 88 -31.94 -23.46 62.85
CA LEU C 88 -31.05 -22.45 62.30
C LEU C 88 -31.19 -22.21 60.78
N ILE C 89 -31.89 -21.13 60.42
CA ILE C 89 -31.94 -20.69 59.04
C ILE C 89 -30.96 -19.55 58.92
N PRO C 90 -29.99 -19.66 57.98
CA PRO C 90 -29.19 -18.48 57.74
C PRO C 90 -29.91 -17.41 56.90
N GLU C 91 -29.70 -16.18 57.35
CA GLU C 91 -29.87 -14.97 56.55
C GLU C 91 -29.71 -15.30 55.08
N THR C 92 -30.82 -15.26 54.37
CA THR C 92 -30.84 -15.49 52.95
C THR C 92 -29.93 -14.48 52.25
N PRO C 93 -28.73 -14.90 51.78
CA PRO C 93 -27.66 -13.93 51.49
C PRO C 93 -27.88 -13.19 50.19
N GLU C 94 -27.24 -12.03 50.08
CA GLU C 94 -27.39 -11.16 48.90
C GLU C 94 -26.09 -11.12 48.06
N ILE C 95 -26.21 -11.25 46.74
CA ILE C 95 -25.06 -11.17 45.85
C ILE C 95 -24.74 -9.70 45.57
N LEU C 96 -23.54 -9.25 45.97
CA LEU C 96 -23.15 -7.84 45.83
C LEU C 96 -22.99 -7.40 44.39
N ASP C 97 -22.07 -8.05 43.69
CA ASP C 97 -21.93 -7.85 42.26
C ASP C 97 -21.25 -9.06 41.62
N LEU C 98 -21.41 -9.16 40.30
CA LEU C 98 -20.88 -10.26 39.51
C LEU C 98 -20.61 -9.78 38.12
N SER C 99 -19.34 -9.55 37.83
CA SER C 99 -18.96 -9.21 36.47
C SER C 99 -18.18 -10.34 35.84
N ALA C 100 -17.92 -10.21 34.54
CA ALA C 100 -17.46 -11.32 33.73
C ALA C 100 -16.08 -11.09 33.13
N ASP C 101 -15.82 -11.80 32.03
CA ASP C 101 -14.63 -11.66 31.16
C ASP C 101 -14.75 -12.49 29.87
N PHE C 102 -15.20 -11.86 28.78
CA PHE C 102 -15.46 -12.60 27.54
C PHE C 102 -14.21 -13.09 26.82
N PHE C 103 -13.07 -12.93 27.48
CA PHE C 103 -11.86 -13.61 27.05
C PHE C 103 -11.64 -14.91 27.84
N THR C 104 -11.22 -14.80 29.11
CA THR C 104 -10.86 -16.00 29.91
C THR C 104 -11.96 -17.04 30.04
N SER C 105 -13.20 -16.62 29.77
CA SER C 105 -14.38 -17.43 30.03
C SER C 105 -14.51 -17.65 31.55
N SER C 106 -14.80 -16.57 32.26
CA SER C 106 -14.69 -16.55 33.71
C SER C 106 -15.75 -15.71 34.41
N LEU C 107 -15.98 -16.05 35.67
CA LEU C 107 -16.98 -15.39 36.48
C LEU C 107 -16.37 -14.94 37.80
N LEU C 108 -16.59 -13.67 38.13
CA LEU C 108 -16.12 -13.04 39.37
C LEU C 108 -17.28 -12.78 40.32
N LEU C 109 -17.48 -13.66 41.30
CA LEU C 109 -18.65 -13.54 42.18
C LEU C 109 -18.36 -13.29 43.68
N LYS C 110 -18.78 -12.13 44.17
CA LYS C 110 -18.48 -11.72 45.55
C LYS C 110 -19.73 -11.32 46.29
N TRP C 111 -19.95 -11.99 47.42
CA TRP C 111 -21.13 -11.77 48.26
C TRP C 111 -20.84 -10.98 49.50
N ASN C 112 -21.31 -11.48 50.65
CA ASN C 112 -21.12 -10.79 51.91
C ASN C 112 -21.10 -11.71 53.13
N ASP C 113 -19.90 -12.05 53.56
CA ASP C 113 -19.68 -12.77 54.79
C ASP C 113 -20.44 -11.98 55.82
N ARG C 114 -21.41 -12.61 56.47
CA ARG C 114 -22.21 -11.88 57.43
C ARG C 114 -21.43 -11.53 58.70
N GLY C 115 -20.73 -12.52 59.25
CA GLY C 115 -19.72 -12.32 60.30
C GLY C 115 -20.15 -11.52 61.52
N SER C 116 -20.02 -10.20 61.39
CA SER C 116 -20.60 -9.27 62.33
C SER C 116 -21.67 -9.92 63.21
N ALA C 117 -22.61 -10.59 62.56
CA ALA C 117 -23.74 -11.18 63.24
C ALA C 117 -23.39 -12.39 64.10
N LEU C 118 -22.36 -13.14 63.72
CA LEU C 118 -22.19 -14.48 64.26
C LEU C 118 -20.98 -14.62 65.18
N PRO C 119 -21.19 -15.26 66.35
CA PRO C 119 -20.28 -15.41 67.54
C PRO C 119 -18.95 -16.09 67.21
N HIS C 120 -17.88 -15.82 67.97
CA HIS C 120 -16.47 -16.04 67.44
C HIS C 120 -16.11 -17.39 66.77
N PRO C 121 -16.49 -18.53 67.35
CA PRO C 121 -16.21 -19.67 66.48
C PRO C 121 -17.40 -19.91 65.55
N SER C 122 -17.17 -19.95 64.23
CA SER C 122 -18.28 -20.24 63.30
C SER C 122 -17.92 -20.55 61.83
N ASN C 123 -17.40 -21.76 61.64
CA ASN C 123 -17.27 -22.39 60.31
C ASN C 123 -18.65 -22.39 59.60
N ALA C 124 -18.81 -21.43 58.69
CA ALA C 124 -20.00 -21.32 57.85
C ALA C 124 -19.64 -21.74 56.41
N THR C 125 -20.43 -22.62 55.80
CA THR C 125 -20.08 -23.13 54.46
C THR C 125 -21.12 -22.88 53.37
N TRP C 126 -20.66 -22.24 52.30
CA TRP C 126 -21.47 -21.73 51.19
C TRP C 126 -21.53 -22.80 50.13
N GLU C 127 -22.53 -22.70 49.27
CA GLU C 127 -22.65 -23.62 48.17
C GLU C 127 -23.07 -22.84 46.94
N ILE C 128 -22.29 -22.95 45.87
CA ILE C 128 -22.57 -22.20 44.64
C ILE C 128 -23.14 -23.02 43.48
N LYS C 129 -23.96 -22.34 42.68
CA LYS C 129 -24.76 -22.97 41.62
C LYS C 129 -24.65 -22.11 40.35
N VAL C 130 -24.21 -22.72 39.25
CA VAL C 130 -24.17 -22.06 37.94
C VAL C 130 -25.23 -22.66 37.03
N LEU C 131 -25.59 -21.94 35.95
CA LEU C 131 -26.57 -22.41 34.93
C LEU C 131 -26.32 -21.83 33.53
N GLN C 132 -27.11 -22.31 32.56
CA GLN C 132 -27.20 -21.66 31.23
C GLN C 132 -28.67 -21.55 30.81
N ASN C 133 -29.05 -22.37 29.84
CA ASN C 133 -30.45 -22.57 29.50
C ASN C 133 -30.91 -24.03 29.63
N PRO C 134 -30.10 -24.90 30.30
CA PRO C 134 -30.57 -26.25 30.62
C PRO C 134 -31.13 -26.36 32.05
N ARG C 135 -31.95 -27.37 32.29
CA ARG C 135 -32.48 -27.70 33.62
C ARG C 135 -31.35 -28.12 34.58
N THR C 136 -30.16 -28.35 34.01
CA THR C 136 -28.95 -28.78 34.76
C THR C 136 -28.10 -27.62 35.32
N GLU C 137 -26.99 -27.97 35.95
CA GLU C 137 -26.10 -26.99 36.57
C GLU C 137 -24.66 -27.33 36.23
N PRO C 138 -23.98 -26.47 35.42
CA PRO C 138 -22.56 -26.63 35.04
C PRO C 138 -21.59 -26.91 36.20
N VAL C 139 -21.91 -26.42 37.40
CA VAL C 139 -21.27 -26.89 38.65
C VAL C 139 -21.99 -26.41 39.91
N ALA C 140 -22.39 -27.37 40.75
CA ALA C 140 -22.68 -27.14 42.15
C ALA C 140 -21.30 -27.27 42.76
N LEU C 141 -20.97 -26.34 43.65
CA LEU C 141 -19.67 -26.33 44.32
C LEU C 141 -19.78 -25.79 45.75
N VAL C 142 -19.47 -26.66 46.74
CA VAL C 142 -19.42 -26.30 48.17
C VAL C 142 -18.06 -25.74 48.58
N LEU C 143 -18.07 -24.48 49.03
CA LEU C 143 -16.86 -23.76 49.42
C LEU C 143 -16.85 -23.60 50.92
N LEU C 144 -15.79 -24.11 51.56
CA LEU C 144 -15.68 -24.09 53.02
C LEU C 144 -15.00 -22.81 53.53
N ASN C 145 -15.77 -21.92 54.17
CA ASN C 145 -15.28 -20.62 54.67
C ASN C 145 -15.39 -20.45 56.17
N THR C 146 -14.26 -20.22 56.85
CA THR C 146 -14.26 -19.89 58.28
C THR C 146 -14.73 -18.46 58.39
N MET C 147 -15.95 -18.30 58.93
CA MET C 147 -16.51 -16.98 59.13
C MET C 147 -15.51 -16.18 60.00
N LEU C 148 -15.36 -14.89 59.66
CA LEU C 148 -14.40 -14.01 60.32
C LEU C 148 -15.14 -12.86 61.00
N SER C 149 -15.78 -13.16 62.11
CA SER C 149 -16.60 -12.16 62.75
C SER C 149 -15.70 -11.09 63.35
N GLY C 150 -16.32 -10.12 64.00
CA GLY C 150 -15.69 -8.85 64.29
C GLY C 150 -16.02 -7.94 63.12
N LYS C 151 -15.92 -8.49 61.91
CA LYS C 151 -16.20 -7.78 60.65
C LYS C 151 -17.14 -8.55 59.71
N ASP C 152 -17.67 -7.83 58.73
CA ASP C 152 -18.25 -8.43 57.52
C ASP C 152 -17.14 -8.41 56.45
N THR C 153 -16.99 -9.52 55.72
CA THR C 153 -15.95 -9.60 54.69
C THR C 153 -16.43 -10.18 53.37
N VAL C 154 -16.33 -9.33 52.36
CA VAL C 154 -16.77 -9.61 50.99
C VAL C 154 -15.89 -10.67 50.31
N GLN C 155 -16.27 -11.94 50.42
CA GLN C 155 -15.39 -13.00 49.91
C GLN C 155 -15.68 -13.34 48.43
N HIS C 156 -14.63 -13.77 47.73
CA HIS C 156 -14.60 -13.86 46.25
C HIS C 156 -14.91 -15.24 45.65
N TRP C 157 -14.99 -15.28 44.32
CA TRP C 157 -15.03 -16.51 43.53
C TRP C 157 -14.70 -16.27 42.06
N ASN C 158 -13.55 -16.78 41.62
CA ASN C 158 -13.14 -16.81 40.20
C ASN C 158 -13.44 -18.21 39.65
N TRP C 159 -14.58 -18.33 38.97
CA TRP C 159 -14.81 -19.54 38.23
C TRP C 159 -14.44 -19.30 36.78
N THR C 160 -13.89 -20.33 36.16
CA THR C 160 -13.56 -20.39 34.74
C THR C 160 -14.52 -21.37 34.08
N SER C 161 -15.33 -20.89 33.14
CA SER C 161 -16.36 -21.72 32.48
C SER C 161 -15.82 -22.45 31.27
N ASP C 162 -14.99 -23.48 31.52
CA ASP C 162 -14.30 -24.25 30.46
C ASP C 162 -15.25 -24.62 29.33
N LEU C 163 -16.53 -24.48 29.64
CA LEU C 163 -17.61 -24.65 28.68
C LEU C 163 -17.68 -23.45 27.64
N PRO C 164 -18.83 -23.23 26.94
CA PRO C 164 -18.75 -22.16 25.93
C PRO C 164 -18.21 -20.87 26.48
N LEU C 165 -17.80 -20.00 25.60
CA LEU C 165 -17.23 -18.76 26.03
C LEU C 165 -18.32 -17.69 25.94
N GLN C 166 -19.27 -17.85 26.86
CA GLN C 166 -20.41 -16.97 27.08
C GLN C 166 -21.35 -16.74 25.87
N CYS C 167 -21.22 -17.59 24.86
CA CYS C 167 -22.19 -17.61 23.76
C CYS C 167 -23.53 -18.23 24.16
N ALA C 168 -23.74 -18.39 25.47
CA ALA C 168 -25.07 -18.75 26.05
C ALA C 168 -25.21 -18.17 27.47
N THR C 169 -26.35 -17.53 27.73
CA THR C 169 -26.45 -16.68 28.90
C THR C 169 -26.57 -17.42 30.23
N HIS C 170 -25.75 -17.00 31.19
CA HIS C 170 -25.58 -17.74 32.45
C HIS C 170 -26.32 -17.21 33.68
N SER C 171 -26.63 -18.11 34.60
CA SER C 171 -27.10 -17.73 35.93
C SER C 171 -26.19 -18.27 37.00
N VAL C 172 -26.23 -17.60 38.14
CA VAL C 172 -25.43 -17.95 39.28
C VAL C 172 -26.25 -17.73 40.55
N SER C 173 -26.01 -18.55 41.58
CA SER C 173 -26.76 -18.48 42.84
C SER C 173 -26.00 -19.12 44.02
N ILE C 174 -26.19 -18.61 45.25
CA ILE C 174 -25.63 -19.26 46.46
C ILE C 174 -26.60 -19.43 47.61
N ARG C 175 -26.19 -20.31 48.50
CA ARG C 175 -26.81 -20.52 49.79
C ARG C 175 -25.67 -21.00 50.67
N TRP C 176 -25.90 -21.13 51.97
CA TRP C 176 -24.85 -21.55 52.88
C TRP C 176 -25.50 -22.06 54.12
N HIS C 177 -24.93 -23.05 54.76
CA HIS C 177 -25.39 -23.38 56.08
C HIS C 177 -24.41 -22.83 57.04
N ILE C 178 -24.80 -22.76 58.30
CA ILE C 178 -23.86 -22.39 59.31
C ILE C 178 -23.64 -23.56 60.21
N ASP C 179 -22.40 -23.72 60.63
CA ASP C 179 -22.10 -24.63 61.69
C ASP C 179 -21.43 -23.81 62.78
N SER C 180 -21.53 -24.29 64.03
CA SER C 180 -20.97 -23.63 65.21
C SER C 180 -21.31 -24.40 66.48
N PRO C 181 -20.39 -24.41 67.46
CA PRO C 181 -20.70 -25.09 68.69
C PRO C 181 -21.64 -24.25 69.53
N HIS C 182 -21.91 -23.02 69.09
CA HIS C 182 -22.78 -22.11 69.83
C HIS C 182 -24.25 -22.51 69.77
N PHE C 183 -24.59 -23.29 68.74
CA PHE C 183 -25.96 -23.70 68.42
C PHE C 183 -26.05 -25.21 68.29
N SER C 184 -26.90 -25.80 69.12
CA SER C 184 -26.92 -27.23 69.27
C SER C 184 -28.19 -27.83 68.71
N GLY C 185 -29.06 -26.97 68.18
CA GLY C 185 -30.35 -27.39 67.65
C GLY C 185 -30.31 -27.82 66.20
N TYR C 186 -31.48 -27.98 65.60
CA TYR C 186 -31.63 -28.38 64.18
C TYR C 186 -31.00 -27.37 63.20
N LYS C 187 -29.90 -27.78 62.57
CA LYS C 187 -29.28 -26.96 61.55
C LYS C 187 -30.11 -27.07 60.28
N GLU C 188 -30.09 -26.04 59.44
CA GLU C 188 -30.94 -25.98 58.26
C GLU C 188 -30.24 -25.23 57.14
N TRP C 189 -30.47 -25.65 55.90
CA TRP C 189 -29.94 -24.98 54.69
C TRP C 189 -30.48 -23.57 54.51
N SER C 190 -29.65 -22.62 54.11
CA SER C 190 -30.16 -21.27 53.88
C SER C 190 -31.14 -21.29 52.73
N ASP C 191 -31.65 -20.11 52.40
CA ASP C 191 -32.46 -20.00 51.22
C ASP C 191 -31.52 -19.76 50.05
N TRP C 192 -32.01 -19.89 48.82
CA TRP C 192 -31.25 -19.55 47.60
C TRP C 192 -31.25 -18.05 47.40
N SER C 193 -30.09 -17.50 47.04
CA SER C 193 -29.98 -16.09 46.71
C SER C 193 -30.96 -15.77 45.60
N PRO C 194 -31.35 -14.49 45.47
CA PRO C 194 -32.02 -14.11 44.22
C PRO C 194 -30.98 -14.15 43.08
N LEU C 195 -31.24 -14.94 42.04
CA LEU C 195 -30.23 -15.35 41.04
C LEU C 195 -29.56 -14.16 40.36
N LYS C 196 -28.33 -14.37 39.87
CA LYS C 196 -27.63 -13.34 39.11
C LYS C 196 -27.42 -13.63 37.63
N ASN C 197 -28.23 -12.94 36.86
CA ASN C 197 -28.26 -13.02 35.43
C ASN C 197 -27.02 -12.27 34.90
N ILE C 198 -26.19 -12.94 34.10
CA ILE C 198 -25.07 -12.29 33.36
C ILE C 198 -24.97 -12.76 31.91
N SER C 199 -24.97 -11.79 31.00
CA SER C 199 -25.33 -12.01 29.60
C SER C 199 -24.48 -11.26 28.57
N TRP C 200 -24.20 -11.94 27.44
CA TRP C 200 -23.44 -11.37 26.33
C TRP C 200 -24.19 -10.21 25.66
N ILE C 201 -23.55 -9.04 25.61
CA ILE C 201 -23.92 -7.97 24.69
C ILE C 201 -23.13 -8.22 23.42
N ARG C 202 -23.79 -8.18 22.26
CA ARG C 202 -23.15 -8.57 20.99
C ARG C 202 -22.10 -7.57 20.47
N ASN C 203 -20.87 -8.05 20.30
CA ASN C 203 -19.75 -7.26 19.75
C ASN C 203 -19.73 -7.25 18.21
N THR C 204 -19.26 -8.36 17.61
CA THR C 204 -18.93 -8.42 16.17
C THR C 204 -19.86 -9.28 15.30
N GLU C 205 -19.75 -9.05 13.99
CA GLU C 205 -20.24 -9.92 12.92
C GLU C 205 -20.29 -11.42 13.29
N THR C 206 -19.32 -11.85 14.10
CA THR C 206 -19.00 -13.27 14.28
C THR C 206 -19.99 -14.09 15.10
N ASN C 207 -19.82 -15.43 15.03
CA ASN C 207 -20.78 -16.40 15.55
C ASN C 207 -20.13 -17.70 16.02
N VAL C 208 -18.86 -17.64 16.37
CA VAL C 208 -18.14 -18.84 16.76
C VAL C 208 -17.07 -18.41 17.72
N PHE C 209 -16.81 -19.24 18.73
CA PHE C 209 -15.94 -18.87 19.82
C PHE C 209 -15.14 -20.02 20.38
N PRO C 210 -13.98 -19.72 20.97
CA PRO C 210 -13.46 -18.38 21.06
C PRO C 210 -12.53 -18.06 19.90
N GLN C 211 -12.37 -16.77 19.64
CA GLN C 211 -11.56 -16.26 18.54
C GLN C 211 -10.06 -16.47 18.73
N ASP C 212 -9.43 -17.16 17.78
CA ASP C 212 -7.97 -17.15 17.70
C ASP C 212 -7.34 -17.23 19.09
N LYS C 213 -7.77 -18.19 19.91
CA LYS C 213 -7.17 -18.35 21.22
C LYS C 213 -5.92 -19.18 21.02
N VAL C 214 -4.97 -19.06 21.93
CA VAL C 214 -3.72 -19.84 21.83
C VAL C 214 -3.69 -20.83 23.00
N VAL C 215 -3.60 -22.13 22.72
CA VAL C 215 -3.69 -23.13 23.80
C VAL C 215 -2.58 -24.17 23.84
N LEU C 216 -2.55 -24.94 24.92
CA LEU C 216 -1.44 -25.84 25.26
C LEU C 216 -1.58 -27.17 24.53
N ALA C 217 -0.54 -27.56 23.81
CA ALA C 217 -0.61 -28.63 22.83
C ALA C 217 -1.11 -29.98 23.34
N GLY C 218 -2.41 -30.18 23.18
CA GLY C 218 -3.10 -31.38 23.66
C GLY C 218 -4.27 -31.08 24.57
N SER C 219 -4.61 -29.80 24.71
CA SER C 219 -5.63 -29.34 25.64
C SER C 219 -7.06 -29.72 25.26
N ASN C 220 -7.84 -30.06 26.28
CA ASN C 220 -9.29 -30.13 26.19
C ASN C 220 -9.78 -28.70 25.90
N MET C 221 -10.81 -28.57 25.09
CA MET C 221 -11.31 -27.26 24.75
C MET C 221 -12.68 -27.32 24.14
N THR C 222 -13.47 -26.29 24.40
CA THR C 222 -14.82 -26.25 23.87
C THR C 222 -15.18 -24.97 23.13
N ILE C 223 -15.62 -25.19 21.90
CA ILE C 223 -15.98 -24.13 21.00
C ILE C 223 -17.48 -24.19 20.76
N CYS C 224 -18.05 -23.12 20.22
CA CYS C 224 -19.49 -23.04 19.99
C CYS C 224 -19.82 -22.34 18.69
N CYS C 225 -21.10 -22.34 18.35
CA CYS C 225 -21.58 -21.55 17.23
C CYS C 225 -22.72 -20.63 17.65
N MET C 226 -23.00 -19.65 16.79
CA MET C 226 -24.15 -18.76 16.92
C MET C 226 -24.91 -18.72 15.58
N SER C 227 -25.39 -19.87 15.14
CA SER C 227 -26.08 -19.95 13.86
C SER C 227 -27.57 -19.69 13.98
N PRO C 228 -28.06 -18.77 13.14
CA PRO C 228 -29.51 -18.53 13.05
C PRO C 228 -30.20 -19.58 12.16
N THR C 229 -29.44 -20.15 11.22
CA THR C 229 -29.92 -21.22 10.31
C THR C 229 -29.37 -22.60 10.76
N LYS C 230 -30.12 -23.68 10.50
CA LYS C 230 -29.82 -25.01 11.04
C LYS C 230 -28.36 -25.48 10.86
N VAL C 231 -27.79 -26.08 11.92
CA VAL C 231 -26.37 -26.48 11.93
C VAL C 231 -26.08 -27.88 11.37
N LEU C 232 -25.54 -27.96 10.15
CA LEU C 232 -25.22 -29.26 9.50
C LEU C 232 -24.03 -29.98 10.16
N SER C 233 -22.82 -29.38 10.15
CA SER C 233 -21.76 -29.76 11.13
C SER C 233 -20.54 -28.86 11.24
N GLY C 234 -19.49 -29.41 11.85
CA GLY C 234 -18.25 -28.73 12.09
C GLY C 234 -17.14 -29.71 12.36
N GLN C 235 -15.92 -29.29 12.06
CA GLN C 235 -14.80 -30.20 12.03
C GLN C 235 -13.52 -29.53 12.48
N ILE C 236 -12.53 -30.34 12.81
CA ILE C 236 -11.18 -29.88 13.12
C ILE C 236 -10.25 -30.59 12.17
N GLY C 237 -9.66 -29.83 11.24
CA GLY C 237 -8.66 -30.35 10.31
C GLY C 237 -9.07 -31.65 9.63
N ASN C 238 -10.19 -31.59 8.91
CA ASN C 238 -10.77 -32.74 8.19
C ASN C 238 -11.08 -34.00 9.04
N THR C 239 -11.34 -33.78 10.32
CA THR C 239 -11.91 -34.77 11.20
C THR C 239 -13.22 -34.19 11.70
N LEU C 240 -14.33 -34.71 11.19
CA LEU C 240 -15.67 -34.25 11.56
C LEU C 240 -16.09 -34.78 12.93
N ARG C 241 -16.57 -33.85 13.76
CA ARG C 241 -16.82 -34.17 15.14
C ARG C 241 -18.23 -33.74 15.53
N PRO C 242 -18.76 -34.30 16.64
CA PRO C 242 -20.16 -34.25 17.07
C PRO C 242 -20.69 -32.89 17.52
N LEU C 243 -21.93 -32.61 17.09
CA LEU C 243 -22.69 -31.46 17.53
C LEU C 243 -23.30 -31.69 18.91
N ILE C 244 -23.52 -30.59 19.62
CA ILE C 244 -24.12 -30.58 20.95
C ILE C 244 -25.21 -29.50 20.96
N HIS C 245 -26.46 -29.93 20.69
CA HIS C 245 -27.67 -29.08 20.67
C HIS C 245 -27.86 -28.21 21.90
N LEU C 246 -27.57 -26.92 21.78
CA LEU C 246 -27.63 -26.00 22.94
C LEU C 246 -28.92 -25.21 23.09
N TYR C 247 -29.53 -24.83 21.97
CA TYR C 247 -30.91 -24.30 21.97
C TYR C 247 -31.47 -24.09 20.56
N GLY C 248 -31.67 -22.84 20.20
CA GLY C 248 -32.10 -22.46 18.87
C GLY C 248 -30.90 -22.45 17.94
N GLN C 249 -30.66 -23.64 17.37
CA GLN C 249 -29.63 -23.90 16.35
C GLN C 249 -28.19 -23.89 16.85
N THR C 250 -27.85 -22.86 17.61
CA THR C 250 -26.49 -22.65 18.10
C THR C 250 -26.00 -23.91 18.85
N VAL C 251 -24.84 -24.44 18.44
CA VAL C 251 -24.29 -25.70 19.00
C VAL C 251 -22.84 -25.56 19.45
N ALA C 252 -22.16 -26.69 19.64
CA ALA C 252 -20.76 -26.69 20.08
C ALA C 252 -20.01 -27.97 19.77
N ILE C 253 -18.68 -27.89 19.76
CA ILE C 253 -17.86 -29.09 19.69
C ILE C 253 -16.84 -29.15 20.84
N HIS C 254 -16.80 -30.31 21.49
CA HIS C 254 -15.77 -30.67 22.47
C HIS C 254 -14.56 -31.21 21.70
N ILE C 255 -13.41 -30.53 21.80
CA ILE C 255 -12.22 -30.92 21.06
C ILE C 255 -11.34 -31.92 21.81
N LEU C 256 -10.81 -32.86 21.04
CA LEU C 256 -10.17 -34.08 21.54
C LEU C 256 -8.82 -33.82 22.23
N ASN C 257 -7.80 -34.57 21.80
CA ASN C 257 -6.40 -34.25 22.04
C ASN C 257 -5.90 -33.40 20.86
N ILE C 258 -5.92 -32.09 21.06
CA ILE C 258 -5.68 -31.16 19.98
C ILE C 258 -4.23 -31.28 19.55
N PRO C 259 -3.99 -31.42 18.23
CA PRO C 259 -2.62 -31.58 17.81
C PRO C 259 -1.87 -30.28 17.96
N VAL C 260 -0.55 -30.37 17.94
CA VAL C 260 0.28 -29.23 17.66
C VAL C 260 -0.24 -28.60 16.36
N SER C 261 -1.17 -27.65 16.47
CA SER C 261 -1.61 -26.93 15.29
C SER C 261 -0.36 -26.28 14.73
N GLU C 262 -0.35 -25.94 13.45
CA GLU C 262 0.87 -25.42 12.81
C GLU C 262 0.95 -23.89 12.57
N ASN C 263 1.74 -23.49 11.56
CA ASN C 263 1.95 -22.11 11.20
C ASN C 263 0.66 -21.31 10.97
N SER C 264 -0.19 -21.82 10.10
CA SER C 264 -1.38 -21.12 9.71
C SER C 264 -2.42 -21.10 10.83
N GLY C 265 -2.34 -22.06 11.75
CA GLY C 265 -3.37 -22.31 12.76
C GLY C 265 -4.26 -23.51 12.41
N THR C 266 -4.84 -24.17 13.40
CA THR C 266 -5.78 -25.26 13.13
C THR C 266 -7.16 -24.65 12.93
N ASN C 267 -7.76 -24.95 11.78
CA ASN C 267 -9.08 -24.43 11.45
C ASN C 267 -10.17 -25.35 12.03
N ILE C 268 -11.14 -24.81 12.77
CA ILE C 268 -12.41 -25.53 13.01
C ILE C 268 -13.53 -24.76 12.36
N ILE C 269 -14.33 -25.44 11.55
CA ILE C 269 -15.37 -24.75 10.81
C ILE C 269 -16.72 -25.34 11.10
N PHE C 270 -17.75 -24.50 10.95
CA PHE C 270 -19.14 -24.93 10.90
C PHE C 270 -19.73 -24.77 9.50
N ILE C 271 -20.79 -25.54 9.21
CA ILE C 271 -21.41 -25.55 7.88
C ILE C 271 -22.94 -25.55 7.94
N THR C 272 -23.57 -24.56 7.31
CA THR C 272 -25.02 -24.53 7.23
C THR C 272 -25.44 -25.05 5.87
N ASP C 273 -26.63 -24.65 5.45
CA ASP C 273 -27.10 -24.88 4.08
C ASP C 273 -26.65 -23.71 3.17
N ASP C 274 -26.41 -22.55 3.80
CA ASP C 274 -26.15 -21.25 3.16
C ASP C 274 -24.67 -20.85 3.20
N ASP C 275 -24.09 -21.00 4.39
CA ASP C 275 -22.90 -20.29 4.78
C ASP C 275 -21.93 -21.15 5.58
N VAL C 276 -20.71 -20.65 5.79
CA VAL C 276 -19.70 -21.33 6.62
C VAL C 276 -19.13 -20.40 7.68
N TYR C 277 -19.27 -20.82 8.92
CA TYR C 277 -18.78 -20.04 10.03
C TYR C 277 -17.57 -20.78 10.55
N GLY C 278 -16.45 -20.10 10.71
CA GLY C 278 -15.28 -20.82 11.22
C GLY C 278 -14.47 -19.99 12.17
N THR C 279 -13.55 -20.64 12.90
CA THR C 279 -12.51 -19.96 13.69
C THR C 279 -11.22 -20.73 13.80
N VAL C 280 -10.11 -20.01 13.81
CA VAL C 280 -8.80 -20.61 13.94
C VAL C 280 -8.39 -20.69 15.39
N VAL C 281 -7.49 -21.63 15.65
CA VAL C 281 -6.97 -21.94 16.97
C VAL C 281 -5.50 -22.36 16.90
N PHE C 282 -4.68 -21.64 17.65
CA PHE C 282 -3.27 -21.92 17.72
C PHE C 282 -2.94 -22.80 18.90
N ALA C 283 -2.44 -24.00 18.63
CA ALA C 283 -1.91 -24.88 19.69
C ALA C 283 -0.41 -25.08 19.53
N GLY C 284 0.31 -24.70 20.58
CA GLY C 284 1.76 -24.86 20.65
C GLY C 284 2.23 -25.06 22.07
N TYR C 285 3.48 -25.49 22.25
CA TYR C 285 4.04 -25.61 23.57
C TYR C 285 4.79 -24.32 23.91
N PRO C 286 4.72 -23.90 25.18
CA PRO C 286 5.55 -22.81 25.63
C PRO C 286 6.98 -23.30 25.59
N PRO C 287 7.93 -22.37 25.39
CA PRO C 287 9.29 -22.75 24.97
C PRO C 287 10.10 -23.58 25.97
N ASP C 288 10.90 -24.50 25.41
CA ASP C 288 11.92 -25.22 26.16
C ASP C 288 13.00 -24.21 26.56
N VAL C 289 13.31 -24.22 27.86
CA VAL C 289 14.40 -23.43 28.41
C VAL C 289 15.63 -23.46 27.47
N PRO C 290 16.08 -22.27 27.02
CA PRO C 290 17.26 -22.09 26.17
C PRO C 290 18.34 -23.10 26.48
N GLN C 291 18.81 -23.79 25.45
CA GLN C 291 19.69 -24.93 25.65
C GLN C 291 21.17 -24.58 25.81
N LYS C 292 21.98 -24.73 24.76
CA LYS C 292 23.43 -24.65 24.91
C LYS C 292 23.91 -23.20 24.96
N LEU C 293 23.82 -22.58 26.13
CA LEU C 293 24.06 -21.14 26.26
C LEU C 293 25.41 -20.77 26.85
N SER C 294 26.12 -19.92 26.10
CA SER C 294 27.48 -19.50 26.45
C SER C 294 27.79 -18.13 25.85
N CYS C 295 27.92 -17.12 26.72
CA CYS C 295 28.25 -15.76 26.26
C CYS C 295 29.74 -15.53 26.16
N GLU C 296 30.16 -14.88 25.10
CA GLU C 296 31.58 -14.55 24.88
C GLU C 296 31.69 -13.10 24.42
N THR C 297 32.87 -12.69 23.95
CA THR C 297 33.02 -11.39 23.27
C THR C 297 34.19 -11.35 22.30
N HIS C 298 33.97 -10.80 21.11
CA HIS C 298 34.96 -10.84 20.03
C HIS C 298 35.82 -9.60 20.02
N ASP C 299 35.14 -8.46 20.14
CA ASP C 299 35.79 -7.18 20.31
C ASP C 299 35.76 -6.99 21.79
N LEU C 300 35.81 -5.75 22.27
CA LEU C 300 35.51 -5.54 23.67
C LEU C 300 34.34 -4.61 23.93
N LYS C 301 33.72 -4.14 22.86
CA LYS C 301 32.61 -3.22 22.99
C LYS C 301 31.30 -3.91 23.43
N GLU C 302 31.11 -5.18 23.07
CA GLU C 302 29.83 -5.87 23.38
C GLU C 302 29.91 -7.39 23.58
N ILE C 303 28.99 -7.93 24.38
CA ILE C 303 28.96 -9.36 24.68
C ILE C 303 27.96 -10.10 23.81
N ILE C 304 28.25 -11.35 23.47
CA ILE C 304 27.42 -12.14 22.57
C ILE C 304 26.95 -13.39 23.29
N CYS C 305 25.64 -13.56 23.35
CA CYS C 305 25.10 -14.75 23.98
C CYS C 305 24.43 -15.60 22.95
N SER C 306 24.86 -16.84 22.94
CA SER C 306 24.38 -17.78 21.95
C SER C 306 23.69 -18.93 22.63
N TRP C 307 22.63 -19.46 21.99
CA TRP C 307 21.85 -20.58 22.55
C TRP C 307 21.08 -21.38 21.52
N ASN C 308 20.31 -22.32 22.06
CA ASN C 308 19.54 -23.25 21.29
C ASN C 308 18.13 -23.33 21.85
N PRO C 309 17.13 -23.03 21.03
CA PRO C 309 15.75 -22.87 21.43
C PRO C 309 15.19 -24.17 21.96
N GLY C 310 15.86 -25.26 21.63
CA GLY C 310 15.47 -26.61 22.04
C GLY C 310 14.23 -27.09 21.33
N ARG C 311 13.18 -27.34 22.12
CA ARG C 311 11.89 -27.79 21.59
C ARG C 311 11.07 -26.62 21.11
N ILE C 312 10.87 -26.64 19.78
CA ILE C 312 10.20 -25.60 19.03
C ILE C 312 8.77 -25.36 19.51
N THR C 313 8.49 -24.09 19.76
CA THR C 313 7.20 -23.66 20.28
C THR C 313 6.06 -24.08 19.32
N GLY C 314 6.30 -23.91 18.02
CA GLY C 314 5.33 -24.23 16.95
C GLY C 314 4.62 -23.00 16.41
N LEU C 315 4.67 -21.94 17.22
CA LEU C 315 3.93 -20.71 16.97
C LEU C 315 4.78 -19.76 16.18
N VAL C 316 4.11 -18.76 15.60
CA VAL C 316 4.74 -17.93 14.59
C VAL C 316 4.32 -16.48 14.70
N GLY C 317 5.32 -15.61 14.61
CA GLY C 317 5.08 -14.17 14.65
C GLY C 317 4.71 -13.72 16.05
N PRO C 318 3.63 -12.96 16.15
CA PRO C 318 3.14 -12.46 17.41
C PRO C 318 3.17 -13.53 18.49
N ARG C 319 3.29 -14.80 18.05
CA ARG C 319 3.29 -15.99 18.94
C ARG C 319 4.68 -16.57 19.19
N ASN C 320 5.65 -16.20 18.37
CA ASN C 320 7.01 -16.68 18.54
C ASN C 320 7.60 -16.32 19.90
N THR C 321 8.47 -17.19 20.39
CA THR C 321 9.15 -16.89 21.63
C THR C 321 9.96 -15.56 21.52
N GLU C 322 9.80 -14.69 22.53
CA GLU C 322 10.41 -13.34 22.63
C GLU C 322 11.66 -13.38 23.54
N TYR C 323 12.67 -14.13 23.11
CA TYR C 323 13.92 -14.27 23.85
C TYR C 323 14.51 -12.90 24.29
N THR C 324 14.52 -12.66 25.61
CA THR C 324 15.03 -11.40 26.21
C THR C 324 16.31 -11.61 27.01
N LEU C 325 17.22 -10.63 26.96
CA LEU C 325 18.47 -10.78 27.67
C LEU C 325 18.73 -9.70 28.72
N PHE C 326 18.52 -10.06 30.00
CA PHE C 326 18.88 -9.16 31.10
C PHE C 326 20.27 -9.42 31.66
N GLU C 327 21.05 -8.34 31.67
CA GLU C 327 22.28 -8.26 32.42
C GLU C 327 21.97 -7.62 33.78
N SER C 328 22.25 -8.36 34.86
CA SER C 328 21.83 -7.98 36.21
C SER C 328 22.66 -6.87 36.90
N ILE C 329 23.97 -6.86 36.72
CA ILE C 329 24.74 -5.75 37.31
C ILE C 329 24.68 -4.47 36.45
N SER C 330 24.99 -4.57 35.16
CA SER C 330 24.95 -3.44 34.19
C SER C 330 23.63 -2.68 34.27
N GLY C 331 22.54 -3.44 34.17
CA GLY C 331 21.22 -2.87 33.98
C GLY C 331 20.97 -2.63 32.50
N LYS C 332 21.67 -3.41 31.67
CA LYS C 332 21.54 -3.31 30.22
C LYS C 332 20.69 -4.48 29.71
N SER C 333 19.76 -4.15 28.81
CA SER C 333 18.81 -5.12 28.25
C SER C 333 18.81 -5.13 26.71
N ALA C 334 18.30 -6.22 26.13
CA ALA C 334 18.11 -6.33 24.68
C ALA C 334 17.33 -7.61 24.31
N VAL C 335 16.62 -7.56 23.17
CA VAL C 335 15.61 -8.57 22.86
C VAL C 335 15.70 -9.15 21.46
N PHE C 336 15.30 -10.40 21.37
CA PHE C 336 15.20 -11.11 20.11
C PHE C 336 13.76 -11.49 19.79
N HIS C 337 13.27 -11.10 18.62
CA HIS C 337 11.94 -11.54 18.16
C HIS C 337 11.89 -11.64 16.66
N ARG C 338 11.97 -12.88 16.17
CA ARG C 338 11.85 -13.18 14.75
C ARG C 338 10.40 -13.54 14.49
N ILE C 339 9.87 -13.14 13.35
CA ILE C 339 8.53 -13.52 13.00
C ILE C 339 8.42 -14.95 12.49
N GLU C 340 9.47 -15.44 11.82
CA GLU C 340 9.45 -16.82 11.31
C GLU C 340 9.69 -17.82 12.43
N GLY C 341 9.16 -19.02 12.26
CA GLY C 341 9.34 -20.10 13.23
C GLY C 341 10.81 -20.42 13.42
N LEU C 342 11.14 -21.02 14.56
CA LEU C 342 12.53 -21.26 14.89
C LEU C 342 13.10 -22.53 14.27
N THR C 343 14.41 -22.67 14.33
CA THR C 343 15.10 -23.84 13.79
C THR C 343 15.54 -24.82 14.89
N ASN C 344 16.53 -25.65 14.55
CA ASN C 344 17.33 -26.37 15.53
C ASN C 344 18.68 -25.63 15.65
N GLU C 345 19.11 -24.90 14.61
CA GLU C 345 20.35 -24.11 14.64
C GLU C 345 20.41 -23.07 15.79
N THR C 346 21.63 -22.70 16.18
CA THR C 346 21.94 -21.86 17.37
C THR C 346 21.87 -20.34 17.13
N TYR C 347 21.04 -19.61 17.90
CA TYR C 347 20.81 -18.15 17.70
C TYR C 347 21.64 -17.21 18.58
N ARG C 348 22.07 -16.09 18.00
CA ARG C 348 22.97 -15.13 18.65
C ARG C 348 22.21 -13.92 19.19
N LEU C 349 22.85 -13.14 20.05
CA LEU C 349 22.24 -11.93 20.60
C LEU C 349 23.27 -10.91 21.09
N GLY C 350 23.03 -9.64 20.76
CA GLY C 350 24.00 -8.57 20.98
C GLY C 350 23.72 -7.56 22.08
N VAL C 351 24.36 -7.76 23.23
CA VAL C 351 24.26 -6.86 24.38
C VAL C 351 25.43 -5.91 24.39
N GLN C 352 25.13 -4.62 24.27
CA GLN C 352 26.12 -3.57 24.52
C GLN C 352 26.59 -3.71 25.98
N MET C 353 27.86 -3.41 26.24
CA MET C 353 28.41 -3.43 27.60
C MET C 353 29.08 -2.12 27.99
N HIS C 354 29.30 -1.96 29.29
CA HIS C 354 29.99 -0.79 29.81
C HIS C 354 31.50 -1.08 29.91
N PRO C 355 32.35 -0.06 29.65
CA PRO C 355 33.81 -0.08 29.84
C PRO C 355 34.35 -0.80 31.09
N GLY C 356 35.50 -1.47 30.94
CA GLY C 356 36.08 -2.28 32.01
C GLY C 356 35.10 -3.39 32.37
N GLN C 357 34.29 -3.14 33.40
CA GLN C 357 33.16 -4.00 33.86
C GLN C 357 33.50 -5.41 34.40
N GLU C 358 33.92 -6.29 33.49
CA GLU C 358 34.28 -7.69 33.75
C GLU C 358 33.06 -8.57 34.06
N ILE C 359 32.53 -8.45 35.28
CA ILE C 359 31.55 -9.40 35.80
C ILE C 359 30.14 -9.25 35.22
N HIS C 360 29.54 -10.40 34.88
CA HIS C 360 28.28 -10.43 34.14
C HIS C 360 27.34 -11.59 34.50
N ASN C 361 26.14 -11.20 34.91
CA ASN C 361 25.01 -12.03 35.37
C ASN C 361 23.98 -12.04 34.22
N PHE C 362 23.87 -13.16 33.50
CA PHE C 362 22.97 -13.17 32.35
C PHE C 362 21.76 -14.06 32.49
N THR C 363 20.62 -13.48 32.17
CA THR C 363 19.40 -14.25 32.15
C THR C 363 18.69 -14.08 30.83
N LEU C 364 18.62 -15.19 30.11
CA LEU C 364 17.87 -15.28 28.88
C LEU C 364 16.48 -15.83 29.20
N THR C 365 15.50 -14.93 29.21
CA THR C 365 14.10 -15.25 29.47
C THR C 365 13.35 -15.41 28.15
N GLY C 366 12.65 -16.53 28.01
CA GLY C 366 11.96 -16.83 26.76
C GLY C 366 10.47 -16.73 26.96
N ARG C 367 9.87 -15.71 26.33
CA ARG C 367 8.46 -15.40 26.56
C ARG C 367 7.56 -15.89 25.43
N ASN C 368 6.77 -16.90 25.75
CA ASN C 368 5.80 -17.44 24.83
C ASN C 368 4.43 -17.08 25.38
N PRO C 369 3.79 -16.00 24.85
CA PRO C 369 2.42 -15.78 25.24
C PRO C 369 1.71 -17.12 25.40
N LEU C 370 1.83 -17.64 26.63
CA LEU C 370 1.46 -19.00 27.06
C LEU C 370 2.17 -19.31 28.40
N GLY C 371 3.51 -19.31 28.35
CA GLY C 371 4.38 -19.47 29.54
C GLY C 371 5.83 -19.00 29.33
N GLN C 372 6.68 -19.23 30.33
CA GLN C 372 8.07 -18.77 30.30
C GLN C 372 9.05 -19.84 30.74
N ALA C 373 10.34 -19.56 30.49
CA ALA C 373 11.48 -20.24 31.13
C ALA C 373 12.76 -19.44 30.90
N GLN C 374 13.74 -19.63 31.78
CA GLN C 374 14.97 -18.83 31.77
C GLN C 374 16.25 -19.64 31.91
N SER C 375 17.28 -19.21 31.21
CA SER C 375 18.55 -19.87 31.35
C SER C 375 19.53 -18.92 32.00
N ALA C 376 20.48 -19.48 32.73
CA ALA C 376 21.30 -18.71 33.66
C ALA C 376 22.82 -18.92 33.54
N VAL C 377 23.53 -17.91 33.08
CA VAL C 377 24.99 -17.98 33.07
C VAL C 377 25.62 -16.82 33.80
N VAL C 378 26.96 -16.85 33.88
CA VAL C 378 27.71 -15.99 34.78
C VAL C 378 29.15 -15.93 34.28
N ILE C 379 29.66 -14.74 33.95
CA ILE C 379 30.96 -14.67 33.24
C ILE C 379 31.99 -13.65 33.73
N ASN C 380 33.25 -14.09 33.84
CA ASN C 380 34.44 -13.23 34.01
C ASN C 380 34.95 -12.81 32.61
N VAL C 381 34.30 -11.81 32.02
CA VAL C 381 34.52 -11.44 30.60
C VAL C 381 35.99 -11.36 30.20
N THR C 382 36.79 -10.71 31.03
CA THR C 382 38.21 -10.58 30.77
C THR C 382 38.84 -11.94 30.38
N GLU C 383 38.05 -13.00 30.56
CA GLU C 383 38.42 -14.35 30.17
C GLU C 383 37.84 -14.63 28.78
N ARG C 384 36.57 -14.30 28.58
CA ARG C 384 35.80 -14.73 27.38
C ARG C 384 36.12 -14.00 26.03
N VAL C 385 37.38 -13.66 25.82
CA VAL C 385 37.78 -12.94 24.62
C VAL C 385 38.07 -13.86 23.47
N ALA C 386 37.43 -13.57 22.34
CA ALA C 386 37.57 -14.40 21.12
C ALA C 386 37.91 -13.58 19.87
N PRO C 387 39.05 -12.87 19.90
CA PRO C 387 39.54 -11.92 18.91
C PRO C 387 39.10 -12.20 17.52
N HIS C 388 38.88 -11.12 16.77
CA HIS C 388 38.42 -11.22 15.41
C HIS C 388 39.50 -11.66 14.45
N ASP C 389 39.39 -11.19 13.23
CA ASP C 389 40.20 -11.70 12.13
C ASP C 389 41.24 -10.71 11.63
N PRO C 390 42.50 -10.90 12.04
CA PRO C 390 43.53 -10.03 11.54
C PRO C 390 43.35 -9.70 10.05
N THR C 391 43.29 -8.41 9.75
CA THR C 391 43.12 -7.87 8.40
C THR C 391 44.36 -7.11 7.96
N SER C 392 44.58 -7.07 6.65
CA SER C 392 45.46 -6.10 6.00
C SER C 392 46.96 -6.29 6.26
N LEU C 393 47.38 -7.51 6.60
CA LEU C 393 48.81 -7.76 6.83
C LEU C 393 49.67 -7.08 5.74
N LYS C 394 50.54 -6.18 6.15
CA LYS C 394 51.51 -5.58 5.24
C LYS C 394 52.92 -5.80 5.82
N VAL C 395 53.93 -5.80 4.96
CA VAL C 395 55.32 -5.95 5.40
C VAL C 395 56.25 -4.93 4.76
N LYS C 396 56.87 -4.11 5.59
CA LYS C 396 57.95 -3.23 5.12
C LYS C 396 59.25 -3.87 5.52
N ASP C 397 60.30 -3.56 4.78
CA ASP C 397 61.59 -4.23 4.95
C ASP C 397 62.51 -3.34 5.75
N ILE C 398 63.16 -3.88 6.77
CA ILE C 398 64.16 -3.11 7.50
C ILE C 398 65.53 -3.35 6.86
N ASN C 399 66.00 -4.59 6.90
CA ASN C 399 67.16 -4.94 6.08
C ASN C 399 66.99 -6.23 5.28
N SER C 400 68.13 -6.86 5.00
CA SER C 400 68.22 -7.99 4.11
C SER C 400 68.03 -9.31 4.85
N THR C 401 68.00 -9.25 6.17
CA THR C 401 67.68 -10.41 7.01
C THR C 401 66.34 -10.22 7.73
N VAL C 402 65.87 -8.98 7.80
CA VAL C 402 64.82 -8.62 8.76
C VAL C 402 63.74 -7.66 8.19
N VAL C 403 62.48 -7.87 8.62
CA VAL C 403 61.29 -7.15 8.14
C VAL C 403 60.20 -6.85 9.20
N THR C 404 59.27 -5.97 8.86
CA THR C 404 58.23 -5.52 9.78
C THR C 404 56.82 -5.89 9.37
N PHE C 405 56.28 -6.85 10.11
CA PHE C 405 54.96 -7.39 9.88
C PHE C 405 53.95 -6.51 10.58
N SER C 406 52.68 -6.49 10.16
CA SER C 406 51.73 -5.54 10.75
C SER C 406 50.30 -5.75 10.33
N TRP C 407 49.39 -5.80 11.29
CA TRP C 407 48.01 -6.19 10.99
C TRP C 407 46.97 -5.58 11.93
N TYR C 408 45.81 -5.25 11.35
CA TYR C 408 44.68 -4.57 12.03
C TYR C 408 43.84 -5.55 12.83
N LEU C 409 43.45 -5.19 14.05
CA LEU C 409 42.69 -6.12 14.87
C LEU C 409 41.70 -5.38 15.75
N PRO C 410 40.44 -5.31 15.28
CA PRO C 410 39.30 -4.65 15.94
C PRO C 410 38.96 -5.09 17.40
N GLY C 411 38.78 -4.08 18.29
CA GLY C 411 38.38 -4.23 19.72
C GLY C 411 39.06 -3.25 20.72
N ASN C 412 38.29 -2.74 21.72
CA ASN C 412 38.80 -1.83 22.79
C ASN C 412 39.83 -2.60 23.61
N PHE C 413 41.02 -2.75 23.04
CA PHE C 413 41.99 -3.69 23.55
C PHE C 413 43.05 -3.10 24.46
N THR C 414 42.95 -1.81 24.78
CA THR C 414 44.01 -1.15 25.57
C THR C 414 44.12 -1.76 26.97
N LYS C 415 42.97 -2.15 27.53
CA LYS C 415 42.95 -2.84 28.81
C LYS C 415 43.98 -3.96 28.83
N ILE C 416 43.86 -4.90 27.89
CA ILE C 416 44.68 -6.10 27.92
C ILE C 416 45.98 -5.97 27.14
N ASN C 417 46.86 -6.95 27.28
CA ASN C 417 47.82 -7.26 26.24
C ASN C 417 47.62 -8.70 25.82
N LEU C 418 47.51 -8.89 24.52
CA LEU C 418 47.22 -10.19 23.93
C LEU C 418 48.50 -10.82 23.38
N LEU C 419 48.41 -12.04 22.86
CA LEU C 419 49.54 -12.68 22.16
C LEU C 419 49.17 -13.18 20.77
N CYS C 420 50.17 -13.22 19.89
CA CYS C 420 49.94 -13.47 18.48
C CYS C 420 50.84 -14.51 17.89
N GLN C 421 50.41 -15.02 16.75
CA GLN C 421 51.14 -16.04 16.06
C GLN C 421 51.46 -15.73 14.62
N ILE C 422 52.74 -15.89 14.30
CA ILE C 422 53.21 -15.66 12.98
C ILE C 422 53.69 -16.97 12.37
N GLU C 423 52.99 -17.38 11.33
CA GLU C 423 53.48 -18.40 10.41
C GLU C 423 54.48 -17.75 9.47
N ILE C 424 55.71 -18.24 9.55
CA ILE C 424 56.72 -17.82 8.61
C ILE C 424 57.05 -19.05 7.80
N CYS C 425 56.32 -19.20 6.71
CA CYS C 425 56.50 -20.37 5.87
C CYS C 425 57.29 -20.12 4.58
N LYS C 426 58.55 -20.53 4.65
CA LYS C 426 59.45 -20.53 3.51
C LYS C 426 59.03 -21.65 2.55
N ALA C 427 59.56 -21.60 1.34
CA ALA C 427 59.39 -22.67 0.37
C ALA C 427 60.22 -23.92 0.74
N ASN C 428 59.55 -25.07 0.87
CA ASN C 428 60.19 -26.37 1.20
C ASN C 428 60.90 -26.49 2.55
N SER C 429 60.38 -25.79 3.56
CA SER C 429 60.88 -25.92 4.94
C SER C 429 59.74 -26.31 5.89
N LYS C 430 60.08 -26.82 7.08
CA LYS C 430 59.09 -26.93 8.13
C LYS C 430 58.56 -25.53 8.45
N LYS C 431 57.39 -25.48 9.10
CA LYS C 431 56.75 -24.21 9.47
C LYS C 431 57.50 -23.52 10.62
N GLU C 432 57.85 -22.26 10.43
CA GLU C 432 58.35 -21.47 11.54
C GLU C 432 57.16 -20.83 12.28
N VAL C 433 57.01 -21.24 13.54
CA VAL C 433 55.93 -20.79 14.38
C VAL C 433 56.50 -19.81 15.40
N ARG C 434 56.10 -18.54 15.28
CA ARG C 434 56.63 -17.46 16.10
C ARG C 434 55.63 -16.79 17.07
N ASN C 435 55.81 -17.03 18.37
CA ASN C 435 54.99 -16.42 19.40
C ASN C 435 55.58 -15.05 19.75
N ALA C 436 54.72 -14.04 19.87
CA ALA C 436 55.13 -12.74 20.40
C ALA C 436 53.97 -12.05 21.12
N THR C 437 54.31 -11.38 22.22
CA THR C 437 53.35 -10.68 23.08
C THR C 437 53.37 -9.17 22.84
N ILE C 438 52.22 -8.60 22.50
CA ILE C 438 52.14 -7.15 22.23
C ILE C 438 51.03 -6.40 22.97
N ARG C 439 51.36 -5.17 23.37
CA ARG C 439 50.45 -4.28 24.09
C ARG C 439 49.19 -4.14 23.27
N GLY C 440 48.04 -4.22 23.94
CA GLY C 440 46.75 -4.06 23.27
C GLY C 440 46.38 -2.61 23.02
N ALA C 441 45.35 -2.38 22.21
CA ALA C 441 44.92 -1.02 21.88
C ALA C 441 43.51 -0.91 21.30
N GLU C 442 42.88 0.25 21.53
CA GLU C 442 41.51 0.54 21.08
C GLU C 442 41.43 0.59 19.56
N ASP C 443 41.15 -0.57 18.95
CA ASP C 443 40.97 -0.72 17.51
C ASP C 443 42.22 -0.28 16.74
N SER C 444 43.34 -0.97 16.94
CA SER C 444 44.61 -0.48 16.35
C SER C 444 45.46 -1.51 15.56
N THR C 445 46.25 -0.98 14.62
CA THR C 445 47.23 -1.76 13.85
C THR C 445 48.46 -2.02 14.69
N TYR C 446 48.88 -3.29 14.69
CA TYR C 446 50.03 -3.72 15.49
C TYR C 446 51.31 -3.90 14.67
N HIS C 447 52.43 -3.68 15.34
CA HIS C 447 53.71 -3.47 14.71
C HIS C 447 54.79 -4.32 15.34
N VAL C 448 55.13 -5.41 14.65
CA VAL C 448 56.07 -6.39 15.19
C VAL C 448 57.22 -6.83 14.26
N ALA C 449 58.39 -6.97 14.87
CA ALA C 449 59.61 -7.30 14.16
C ALA C 449 59.69 -8.79 13.78
N VAL C 450 59.95 -9.06 12.50
CA VAL C 450 60.35 -10.41 12.05
C VAL C 450 61.81 -10.36 11.62
N ASP C 451 62.59 -11.35 12.07
CA ASP C 451 64.06 -11.42 11.84
C ASP C 451 64.54 -12.81 11.44
N LYS C 452 65.85 -12.96 11.24
CA LYS C 452 66.40 -14.29 10.97
C LYS C 452 65.77 -14.94 9.71
N LEU C 453 65.81 -14.20 8.61
CA LEU C 453 65.34 -14.65 7.29
C LEU C 453 66.47 -14.60 6.27
N ASN C 454 66.50 -15.55 5.34
CA ASN C 454 67.50 -15.54 4.29
C ASN C 454 67.18 -14.43 3.29
N PRO C 455 68.20 -13.63 2.93
CA PRO C 455 68.01 -12.53 1.99
C PRO C 455 67.37 -12.99 0.68
N TYR C 456 66.47 -12.17 0.13
CA TYR C 456 65.84 -12.43 -1.18
C TYR C 456 65.08 -13.75 -1.25
N THR C 457 64.07 -13.92 -0.41
CA THR C 457 63.43 -15.22 -0.39
C THR C 457 61.93 -15.20 -0.33
N ALA C 458 61.34 -16.16 -1.03
CA ALA C 458 59.90 -16.29 -1.18
C ALA C 458 59.18 -16.65 0.12
N TYR C 459 59.13 -15.71 1.05
CA TYR C 459 58.47 -15.96 2.32
C TYR C 459 56.96 -15.71 2.27
N THR C 460 56.18 -16.69 2.73
CA THR C 460 54.72 -16.57 2.81
C THR C 460 54.30 -16.42 4.27
N PHE C 461 53.59 -15.34 4.60
CA PHE C 461 53.24 -15.03 6.00
C PHE C 461 51.79 -15.24 6.37
N ARG C 462 51.56 -15.35 7.67
CA ARG C 462 50.21 -15.39 8.23
C ARG C 462 50.24 -14.97 9.69
N VAL C 463 49.17 -14.36 10.16
CA VAL C 463 49.09 -14.00 11.55
C VAL C 463 47.85 -14.57 12.21
N ARG C 464 47.83 -14.53 13.53
CA ARG C 464 46.77 -15.14 14.30
C ARG C 464 46.89 -14.68 15.74
N CYS C 465 45.85 -14.05 16.28
CA CYS C 465 45.95 -13.37 17.58
C CYS C 465 44.89 -13.71 18.60
N SER C 466 45.31 -14.05 19.82
CA SER C 466 44.37 -14.21 20.92
C SER C 466 44.84 -13.38 22.08
N SER C 467 44.13 -13.45 23.20
CA SER C 467 44.55 -12.76 24.39
C SER C 467 45.35 -13.66 25.30
N LYS C 468 46.31 -13.05 25.99
CA LYS C 468 47.13 -13.75 26.97
C LYS C 468 46.30 -14.22 28.19
N THR C 469 45.04 -14.53 27.91
CA THR C 469 44.19 -15.27 28.82
C THR C 469 43.58 -16.45 28.03
N PHE C 470 44.43 -17.06 27.19
CA PHE C 470 44.07 -18.04 26.13
C PHE C 470 42.60 -17.88 25.71
N TRP C 471 41.72 -18.65 26.36
CA TRP C 471 40.36 -18.86 25.88
C TRP C 471 40.42 -19.20 24.39
N LYS C 472 39.74 -18.43 23.55
CA LYS C 472 39.62 -18.75 22.13
C LYS C 472 40.63 -18.00 21.25
N TRP C 473 40.85 -18.52 20.04
CA TRP C 473 41.80 -17.95 19.12
C TRP C 473 41.20 -16.96 18.13
N SER C 474 42.06 -16.25 17.41
CA SER C 474 41.63 -15.53 16.23
C SER C 474 41.64 -16.56 15.13
N ARG C 475 40.77 -16.38 14.14
CA ARG C 475 40.79 -17.25 12.98
C ARG C 475 42.14 -17.03 12.32
N TRP C 476 42.68 -18.07 11.70
CA TRP C 476 43.97 -17.95 11.02
C TRP C 476 43.93 -16.88 9.92
N SER C 477 44.74 -15.83 10.06
CA SER C 477 44.66 -14.66 9.16
C SER C 477 44.77 -15.03 7.70
N ASP C 478 44.38 -14.12 6.82
CA ASP C 478 44.62 -14.33 5.41
C ASP C 478 46.13 -14.44 5.17
N GLU C 479 46.52 -14.94 3.99
CA GLU C 479 47.92 -15.07 3.61
C GLU C 479 48.44 -13.75 3.07
N LYS C 480 49.70 -13.42 3.34
CA LYS C 480 50.29 -12.19 2.82
C LYS C 480 51.70 -12.48 2.38
N ARG C 481 51.91 -12.56 1.08
CA ARG C 481 53.22 -12.98 0.59
C ARG C 481 54.14 -11.80 0.29
N HIS C 482 55.44 -12.09 0.37
CA HIS C 482 56.47 -11.07 0.26
C HIS C 482 57.89 -11.63 0.24
N LEU C 483 58.71 -11.13 -0.69
CA LEU C 483 60.13 -11.48 -0.87
C LEU C 483 61.01 -10.57 -0.01
N THR C 484 62.27 -10.97 0.25
CA THR C 484 63.18 -10.08 0.98
C THR C 484 63.84 -9.10 0.02
N THR C 485 64.97 -8.56 0.43
CA THR C 485 65.65 -7.57 -0.37
C THR C 485 67.17 -7.86 -0.45
N GLU C 486 67.89 -7.06 -1.24
CA GLU C 486 69.29 -7.31 -1.63
C GLU C 486 70.38 -6.51 -0.90
N ALA C 487 71.64 -6.84 -1.21
CA ALA C 487 72.79 -6.09 -0.73
C ALA C 487 72.99 -4.84 -1.57
N THR C 488 73.23 -5.04 -2.88
CA THR C 488 73.23 -4.00 -3.94
C THR C 488 72.63 -4.56 -5.26
N SER D 1 11.36 -7.56 4.41
CA SER D 1 11.13 -6.11 4.07
C SER D 1 10.52 -5.86 2.65
N PRO D 2 10.28 -6.94 1.85
CA PRO D 2 9.99 -6.73 0.42
C PRO D 2 8.53 -6.41 0.14
N LEU D 3 8.26 -5.18 -0.28
CA LEU D 3 6.90 -4.70 -0.42
C LEU D 3 6.47 -4.53 -1.89
N PRO D 4 5.31 -5.10 -2.30
CA PRO D 4 4.77 -4.91 -3.69
C PRO D 4 4.20 -3.48 -3.92
N ILE D 5 3.25 -3.31 -4.87
CA ILE D 5 2.40 -2.07 -4.95
C ILE D 5 1.34 -2.03 -6.08
N THR D 6 0.14 -1.55 -5.74
CA THR D 6 -0.86 -1.07 -6.71
C THR D 6 -1.28 0.32 -6.28
N PRO D 7 -1.20 1.31 -7.20
CA PRO D 7 -1.61 2.72 -7.02
C PRO D 7 -3.09 3.04 -7.29
N VAL D 8 -3.61 4.07 -6.64
CA VAL D 8 -5.00 4.39 -6.81
C VAL D 8 -5.11 5.80 -7.32
N ASN D 9 -4.12 6.60 -6.96
CA ASN D 9 -4.03 8.00 -7.33
C ASN D 9 -3.32 8.16 -8.65
N ALA D 10 -3.99 7.77 -9.72
CA ALA D 10 -3.33 7.68 -10.99
C ALA D 10 -3.96 8.63 -11.97
N THR D 11 -3.13 9.35 -12.71
CA THR D 11 -3.61 10.41 -13.58
C THR D 11 -2.82 10.58 -14.86
N CYS D 12 -3.46 11.20 -15.83
CA CYS D 12 -2.83 11.66 -17.06
C CYS D 12 -1.78 12.76 -16.81
N ALA D 13 -1.85 13.36 -15.64
CA ALA D 13 -0.84 14.29 -15.25
C ALA D 13 0.32 13.49 -14.69
N ILE D 14 0.00 12.60 -13.78
CA ILE D 14 1.04 11.89 -13.08
C ILE D 14 0.82 10.39 -13.09
N ARG D 15 1.59 9.75 -13.95
CA ARG D 15 1.64 8.32 -14.12
C ARG D 15 3.06 8.00 -14.54
N HIS D 16 3.43 6.73 -14.47
CA HIS D 16 4.70 6.30 -15.04
C HIS D 16 4.48 6.09 -16.53
N PRO D 17 5.44 6.54 -17.36
CA PRO D 17 5.35 6.59 -18.82
C PRO D 17 5.68 5.22 -19.43
N CYS D 18 5.79 5.11 -20.77
CA CYS D 18 5.86 3.77 -21.42
C CYS D 18 6.86 3.50 -22.56
N HIS D 19 7.14 2.19 -22.71
CA HIS D 19 7.80 1.58 -23.87
C HIS D 19 6.88 1.85 -25.08
N ASN D 20 7.10 1.09 -26.15
CA ASN D 20 6.19 1.09 -27.30
C ASN D 20 5.23 -0.13 -27.35
N ASN D 21 4.09 0.07 -28.01
CA ASN D 21 3.17 -0.99 -28.46
C ASN D 21 1.94 -1.28 -27.61
N LEU D 22 2.13 -1.39 -26.29
CA LEU D 22 1.00 -1.29 -25.35
C LEU D 22 -0.03 -2.43 -25.45
N MET D 23 -0.92 -2.34 -26.43
CA MET D 23 -2.00 -3.30 -26.57
C MET D 23 -1.41 -4.69 -26.65
N ASN D 24 -0.36 -4.84 -27.44
CA ASN D 24 0.34 -6.11 -27.51
C ASN D 24 1.01 -6.51 -26.19
N GLN D 25 1.13 -5.56 -25.25
CA GLN D 25 1.74 -5.84 -23.94
C GLN D 25 0.66 -6.25 -22.92
N ILE D 26 -0.38 -5.42 -22.78
CA ILE D 26 -1.48 -5.72 -21.87
C ILE D 26 -2.06 -7.08 -22.19
N ARG D 27 -1.77 -7.58 -23.38
CA ARG D 27 -2.26 -8.87 -23.80
C ARG D 27 -1.29 -9.94 -23.37
N SER D 28 -0.02 -9.79 -23.77
CA SER D 28 1.02 -10.79 -23.50
C SER D 28 1.51 -10.62 -22.06
N GLN D 29 0.60 -10.12 -21.26
CA GLN D 29 0.82 -9.86 -19.88
C GLN D 29 -0.43 -10.32 -19.15
N LEU D 30 -1.58 -9.93 -19.65
CA LEU D 30 -2.85 -10.41 -19.11
C LEU D 30 -2.86 -11.90 -19.23
N ALA D 31 -2.48 -12.37 -20.42
CA ALA D 31 -2.34 -13.79 -20.68
C ALA D 31 -1.28 -14.41 -19.79
N GLN D 32 -0.29 -13.62 -19.42
CA GLN D 32 0.74 -14.06 -18.48
C GLN D 32 0.13 -14.24 -17.06
N LEU D 33 -0.66 -13.26 -16.61
CA LEU D 33 -1.35 -13.33 -15.33
C LEU D 33 -2.15 -14.58 -15.29
N ASN D 34 -3.06 -14.68 -16.25
CA ASN D 34 -3.93 -15.81 -16.35
C ASN D 34 -3.18 -17.13 -16.21
N GLY D 35 -1.90 -17.08 -16.53
CA GLY D 35 -1.08 -18.27 -16.47
C GLY D 35 -0.98 -18.72 -15.04
N SER D 36 -0.12 -18.00 -14.32
CA SER D 36 0.09 -18.27 -12.92
C SER D 36 -1.29 -18.57 -12.31
N ALA D 37 -2.15 -17.56 -12.28
CA ALA D 37 -3.49 -17.66 -11.72
C ALA D 37 -3.75 -18.94 -10.92
N ASN D 38 -4.34 -19.93 -11.60
CA ASN D 38 -4.71 -21.19 -11.00
C ASN D 38 -3.68 -21.67 -9.95
N ALA D 39 -2.45 -21.88 -10.40
CA ALA D 39 -1.35 -22.34 -9.53
C ALA D 39 -1.21 -21.54 -8.22
N LEU D 40 -1.21 -20.20 -8.33
CA LEU D 40 -1.15 -19.35 -7.16
C LEU D 40 -2.28 -19.75 -6.24
N PHE D 41 -3.48 -19.76 -6.79
CA PHE D 41 -4.64 -20.09 -6.02
C PHE D 41 -4.48 -21.43 -5.36
N ILE D 42 -4.11 -22.44 -6.15
CA ILE D 42 -3.90 -23.75 -5.59
C ILE D 42 -2.93 -23.56 -4.42
N LEU D 43 -1.80 -22.91 -4.67
CA LEU D 43 -0.80 -22.63 -3.62
C LEU D 43 -1.35 -22.09 -2.30
N TYR D 44 -2.27 -21.12 -2.43
CA TYR D 44 -2.83 -20.43 -1.28
C TYR D 44 -3.69 -21.34 -0.45
N TYR D 45 -4.70 -21.91 -1.07
CA TYR D 45 -5.65 -22.66 -0.27
C TYR D 45 -4.97 -23.78 0.50
N THR D 46 -3.93 -24.37 -0.09
CA THR D 46 -3.22 -25.45 0.57
C THR D 46 -2.67 -24.97 1.90
N ALA D 47 -2.01 -23.83 1.83
CA ALA D 47 -1.37 -23.22 2.98
C ALA D 47 -2.32 -22.86 4.10
N GLN D 48 -3.57 -22.61 3.76
CA GLN D 48 -4.55 -22.22 4.77
C GLN D 48 -4.85 -23.36 5.74
N GLY D 49 -4.62 -24.59 5.29
CA GLY D 49 -4.69 -25.79 6.15
C GLY D 49 -5.98 -26.61 6.06
N GLU D 50 -5.87 -27.89 6.38
CA GLU D 50 -7.04 -28.75 6.46
C GLU D 50 -8.05 -28.11 7.39
N PRO D 51 -9.31 -28.05 6.94
CA PRO D 51 -9.85 -28.76 5.81
C PRO D 51 -10.16 -27.85 4.65
N PHE D 52 -9.27 -26.91 4.37
CA PHE D 52 -9.49 -26.03 3.22
C PHE D 52 -9.52 -26.72 1.85
N PRO D 53 -8.58 -27.66 1.57
CA PRO D 53 -8.66 -28.30 0.26
C PRO D 53 -10.01 -28.96 -0.04
N ASN D 54 -10.48 -29.81 0.87
CA ASN D 54 -11.58 -30.73 0.56
C ASN D 54 -12.94 -30.10 0.25
N ASN D 55 -13.30 -29.08 1.03
CA ASN D 55 -14.52 -28.32 0.75
C ASN D 55 -14.13 -26.98 0.18
N LEU D 56 -13.88 -26.99 -1.12
CA LEU D 56 -13.23 -25.89 -1.77
C LEU D 56 -14.19 -24.89 -2.39
N ASP D 57 -15.35 -25.39 -2.81
CA ASP D 57 -16.45 -24.54 -3.26
C ASP D 57 -17.17 -23.95 -2.04
N LYS D 58 -17.74 -24.82 -1.18
CA LYS D 58 -18.41 -24.41 0.07
C LYS D 58 -17.71 -23.20 0.72
N LEU D 59 -16.39 -23.30 0.85
CA LEU D 59 -15.59 -22.23 1.39
C LEU D 59 -15.36 -21.12 0.37
N CYS D 60 -14.15 -21.14 -0.19
CA CYS D 60 -13.63 -20.05 -1.01
C CYS D 60 -13.79 -20.27 -2.52
N GLY D 61 -15.03 -20.18 -2.99
CA GLY D 61 -15.35 -20.18 -4.41
C GLY D 61 -15.51 -18.75 -4.91
N PRO D 62 -15.51 -18.55 -6.24
CA PRO D 62 -15.52 -17.21 -6.84
C PRO D 62 -16.82 -16.45 -6.57
N ASN D 63 -16.98 -16.00 -5.32
CA ASN D 63 -18.30 -15.55 -4.86
C ASN D 63 -18.45 -14.09 -4.47
N VAL D 64 -17.37 -13.43 -4.03
CA VAL D 64 -17.48 -12.07 -3.45
C VAL D 64 -17.60 -10.96 -4.52
N THR D 65 -18.80 -10.37 -4.64
CA THR D 65 -19.03 -9.18 -5.50
C THR D 65 -18.77 -7.85 -4.71
N ASP D 66 -19.44 -6.75 -5.09
CA ASP D 66 -18.96 -5.35 -4.91
C ASP D 66 -17.78 -5.17 -5.84
N PHE D 67 -17.39 -6.29 -6.42
CA PHE D 67 -16.30 -6.50 -7.36
C PHE D 67 -16.67 -5.84 -8.67
N PRO D 68 -15.72 -5.14 -9.30
CA PRO D 68 -15.96 -4.41 -10.54
C PRO D 68 -16.54 -5.32 -11.60
N PRO D 69 -17.46 -4.79 -12.40
CA PRO D 69 -18.05 -5.67 -13.39
C PRO D 69 -17.17 -5.72 -14.65
N PHE D 70 -17.45 -6.67 -15.55
CA PHE D 70 -16.79 -6.69 -16.86
C PHE D 70 -17.75 -7.07 -17.97
N HIS D 71 -17.51 -6.48 -19.14
CA HIS D 71 -18.32 -6.67 -20.33
C HIS D 71 -17.52 -7.23 -21.52
N ALA D 72 -18.19 -8.06 -22.31
CA ALA D 72 -17.54 -8.78 -23.40
C ALA D 72 -17.36 -7.87 -24.58
N ASN D 73 -18.47 -7.62 -25.27
CA ASN D 73 -18.49 -6.69 -26.38
C ASN D 73 -18.41 -5.30 -25.78
N GLY D 74 -18.53 -4.26 -26.60
CA GLY D 74 -18.42 -2.88 -26.10
C GLY D 74 -17.04 -2.25 -26.29
N THR D 75 -17.00 -0.91 -26.29
CA THR D 75 -15.84 -0.13 -26.76
C THR D 75 -14.56 -0.63 -26.17
N GLU D 76 -13.52 -0.65 -26.99
CA GLU D 76 -12.18 -0.90 -26.51
C GLU D 76 -11.90 -0.01 -25.29
N LYS D 77 -12.38 1.24 -25.34
CA LYS D 77 -12.31 2.16 -24.19
C LYS D 77 -12.86 1.53 -22.93
N ALA D 78 -14.16 1.22 -22.96
CA ALA D 78 -14.88 0.68 -21.80
C ALA D 78 -14.19 -0.57 -21.30
N LYS D 79 -13.98 -1.52 -22.20
CA LYS D 79 -13.24 -2.73 -21.86
C LYS D 79 -12.03 -2.38 -21.02
N LEU D 80 -11.20 -1.45 -21.53
CA LEU D 80 -10.00 -1.01 -20.83
C LEU D 80 -10.27 -0.45 -19.43
N VAL D 81 -11.25 0.44 -19.34
CA VAL D 81 -11.62 1.05 -18.08
C VAL D 81 -11.95 -0.01 -17.07
N GLU D 82 -12.95 -0.83 -17.40
CA GLU D 82 -13.51 -1.86 -16.48
C GLU D 82 -12.43 -2.81 -15.96
N LEU D 83 -11.35 -2.95 -16.75
CA LEU D 83 -10.20 -3.72 -16.35
C LEU D 83 -9.40 -2.96 -15.31
N TYR D 84 -9.07 -1.72 -15.63
CA TYR D 84 -8.24 -0.89 -14.77
C TYR D 84 -8.85 -0.92 -13.43
N ARG D 85 -10.17 -0.83 -13.44
CA ARG D 85 -11.00 -1.03 -12.30
C ARG D 85 -10.68 -2.34 -11.61
N ILE D 86 -10.81 -3.44 -12.34
CA ILE D 86 -10.49 -4.76 -11.78
C ILE D 86 -9.07 -4.78 -11.22
N VAL D 87 -8.11 -4.36 -12.03
CA VAL D 87 -6.73 -4.38 -11.60
C VAL D 87 -6.67 -3.67 -10.28
N VAL D 88 -7.06 -2.39 -10.28
CA VAL D 88 -7.02 -1.55 -9.07
C VAL D 88 -7.65 -2.21 -7.85
N TYR D 89 -8.76 -2.89 -8.05
CA TYR D 89 -9.28 -3.75 -7.02
C TYR D 89 -8.22 -4.77 -6.61
N LEU D 90 -8.11 -5.86 -7.40
CA LEU D 90 -7.25 -7.02 -7.07
C LEU D 90 -5.96 -6.59 -6.40
N GLY D 91 -5.34 -5.57 -6.96
CA GLY D 91 -4.08 -5.05 -6.50
C GLY D 91 -4.10 -4.56 -5.06
N THR D 92 -5.02 -3.66 -4.74
CA THR D 92 -5.12 -3.21 -3.36
C THR D 92 -5.32 -4.45 -2.52
N SER D 93 -6.31 -5.23 -2.92
CA SER D 93 -6.67 -6.43 -2.21
C SER D 93 -5.46 -7.31 -1.91
N LEU D 94 -4.81 -7.80 -2.96
CA LEU D 94 -3.64 -8.66 -2.83
C LEU D 94 -2.70 -8.17 -1.73
N GLY D 95 -2.35 -6.89 -1.81
CA GLY D 95 -1.52 -6.20 -0.81
C GLY D 95 -1.95 -6.39 0.63
N ASN D 96 -3.18 -6.86 0.84
CA ASN D 96 -3.60 -7.31 2.15
C ASN D 96 -3.38 -8.78 2.23
N ILE D 97 -4.15 -9.55 1.48
CA ILE D 97 -4.01 -11.00 1.46
C ILE D 97 -2.55 -11.43 1.67
N THR D 98 -1.61 -10.53 1.44
CA THR D 98 -0.20 -10.82 1.68
C THR D 98 0.20 -10.55 3.13
N ARG D 99 0.07 -9.29 3.54
CA ARG D 99 0.32 -8.87 4.93
C ARG D 99 -0.35 -9.89 5.84
N ASP D 100 -1.44 -10.45 5.33
CA ASP D 100 -2.06 -11.60 5.93
C ASP D 100 -1.02 -12.73 5.97
N GLN D 101 -0.79 -13.37 4.83
CA GLN D 101 0.00 -14.60 4.78
C GLN D 101 1.42 -14.37 5.16
N LYS D 102 1.79 -13.11 5.35
CA LYS D 102 3.14 -12.79 5.80
C LYS D 102 3.40 -13.36 7.20
N ILE D 103 2.32 -13.53 7.98
CA ILE D 103 2.41 -13.90 9.40
C ILE D 103 1.63 -15.16 9.73
N LEU D 104 0.88 -15.64 8.76
CA LEU D 104 0.15 -16.89 8.92
C LEU D 104 0.98 -18.01 8.31
N ASN D 105 1.48 -17.76 7.11
CA ASN D 105 2.37 -18.69 6.43
C ASN D 105 3.66 -18.01 6.01
N PRO D 106 4.52 -17.71 6.98
CA PRO D 106 5.79 -17.12 6.60
C PRO D 106 6.58 -18.12 5.78
N SER D 107 6.90 -19.26 6.40
CA SER D 107 7.82 -20.27 5.88
C SER D 107 7.65 -20.60 4.41
N ALA D 108 6.40 -20.72 3.94
CA ALA D 108 6.09 -21.17 2.58
C ALA D 108 6.32 -20.08 1.56
N LEU D 109 7.54 -20.01 1.05
CA LEU D 109 7.94 -18.93 0.17
C LEU D 109 7.44 -19.16 -1.25
N SER D 110 7.30 -20.42 -1.61
CA SER D 110 6.60 -20.80 -2.83
C SER D 110 5.39 -19.89 -3.10
N LEU D 111 4.54 -19.74 -2.07
CA LEU D 111 3.32 -18.91 -2.15
C LEU D 111 3.66 -17.44 -2.16
N HIS D 112 4.53 -17.03 -1.27
CA HIS D 112 4.99 -15.67 -1.29
C HIS D 112 5.40 -15.24 -2.66
N SER D 113 6.43 -15.87 -3.22
CA SER D 113 6.85 -15.47 -4.55
C SER D 113 5.62 -15.30 -5.45
N LYS D 114 4.70 -16.28 -5.45
CA LYS D 114 3.53 -16.23 -6.35
C LYS D 114 2.71 -14.97 -6.24
N LEU D 115 2.31 -14.61 -5.03
CA LEU D 115 1.60 -13.36 -4.80
C LEU D 115 2.48 -12.19 -5.21
N ASN D 116 3.71 -12.16 -4.70
CA ASN D 116 4.63 -11.06 -4.99
C ASN D 116 5.01 -10.91 -6.45
N ALA D 117 4.88 -12.01 -7.21
CA ALA D 117 5.05 -11.98 -8.67
C ALA D 117 3.75 -11.44 -9.26
N THR D 118 2.65 -12.16 -9.04
CA THR D 118 1.32 -11.72 -9.54
C THR D 118 1.09 -10.22 -9.25
N ALA D 119 1.46 -9.77 -8.06
CA ALA D 119 1.33 -8.36 -7.68
C ALA D 119 2.03 -7.51 -8.70
N ASP D 120 3.33 -7.76 -8.80
CA ASP D 120 4.19 -7.12 -9.75
C ASP D 120 3.55 -6.94 -11.14
N ILE D 121 2.98 -8.01 -11.69
CA ILE D 121 2.39 -7.93 -13.04
C ILE D 121 1.15 -7.02 -13.10
N LEU D 122 0.23 -7.21 -12.16
CA LEU D 122 -0.87 -6.28 -11.99
C LEU D 122 -0.39 -4.85 -12.09
N ARG D 123 0.66 -4.55 -11.34
CA ARG D 123 1.19 -3.21 -11.21
C ARG D 123 1.49 -2.64 -12.56
N GLY D 124 2.25 -3.40 -13.33
CA GLY D 124 2.61 -3.05 -14.69
C GLY D 124 1.38 -2.96 -15.57
N LEU D 125 0.71 -4.09 -15.76
CA LEU D 125 -0.53 -4.17 -16.51
C LEU D 125 -1.25 -2.85 -16.40
N LEU D 126 -1.37 -2.39 -15.16
CA LEU D 126 -2.02 -1.15 -14.81
C LEU D 126 -1.50 0.08 -15.54
N SER D 127 -0.26 0.47 -15.23
CA SER D 127 0.38 1.69 -15.80
C SER D 127 0.50 1.65 -17.34
N ASN D 128 0.48 0.43 -17.89
CA ASN D 128 0.39 0.20 -19.32
C ASN D 128 -0.99 0.55 -19.79
N VAL D 129 -1.98 -0.09 -19.18
CA VAL D 129 -3.37 0.14 -19.51
C VAL D 129 -3.69 1.63 -19.47
N LEU D 130 -3.21 2.31 -18.44
CA LEU D 130 -3.55 3.71 -18.24
C LEU D 130 -2.94 4.57 -19.32
N CYS D 131 -1.61 4.50 -19.40
CA CYS D 131 -0.86 5.03 -20.52
C CYS D 131 -1.72 5.07 -21.77
N ARG D 132 -2.33 3.93 -22.09
CA ARG D 132 -3.23 3.80 -23.25
C ARG D 132 -4.43 4.71 -23.11
N LEU D 133 -5.17 4.61 -22.02
CA LEU D 133 -6.34 5.45 -21.84
C LEU D 133 -6.05 6.97 -21.83
N CYS D 134 -4.77 7.36 -21.78
CA CYS D 134 -4.37 8.78 -21.82
C CYS D 134 -3.86 9.18 -23.17
N SER D 135 -3.62 8.17 -23.98
CA SER D 135 -3.18 8.35 -25.34
C SER D 135 -4.33 7.97 -26.23
N LYS D 136 -4.68 8.87 -27.13
CA LYS D 136 -5.91 8.78 -27.95
C LYS D 136 -7.07 8.08 -27.21
N TYR D 137 -7.44 8.63 -26.05
CA TYR D 137 -8.70 8.38 -25.36
C TYR D 137 -8.83 9.50 -24.34
N HIS D 138 -7.67 9.97 -23.86
CA HIS D 138 -7.56 11.22 -23.12
C HIS D 138 -8.44 11.32 -21.88
N VAL D 139 -8.83 10.18 -21.32
CA VAL D 139 -9.88 10.14 -20.28
C VAL D 139 -9.62 11.07 -19.10
N GLY D 140 -8.36 11.19 -18.71
CA GLY D 140 -7.93 12.14 -17.66
C GLY D 140 -7.60 11.54 -16.31
N HIS D 141 -8.29 10.43 -16.00
CA HIS D 141 -8.11 9.68 -14.78
C HIS D 141 -9.20 8.66 -14.82
N VAL D 142 -9.02 7.59 -14.09
CA VAL D 142 -10.03 6.59 -14.08
C VAL D 142 -10.56 6.49 -12.68
N ASP D 143 -11.86 6.71 -12.54
CA ASP D 143 -12.53 6.59 -11.26
C ASP D 143 -12.47 5.17 -10.77
N VAL D 144 -12.12 5.01 -9.49
CA VAL D 144 -12.02 3.68 -8.87
C VAL D 144 -12.45 3.62 -7.41
N THR D 145 -12.69 2.39 -6.95
CA THR D 145 -12.81 2.08 -5.53
C THR D 145 -11.92 0.89 -5.15
N TYR D 146 -11.28 1.00 -3.99
CA TYR D 146 -10.39 -0.03 -3.45
C TYR D 146 -11.23 -1.22 -3.07
N GLY D 147 -10.65 -2.42 -3.17
CA GLY D 147 -11.34 -3.64 -2.79
C GLY D 147 -11.65 -3.86 -1.31
N PRO D 148 -11.11 -4.96 -0.76
CA PRO D 148 -11.33 -5.48 0.58
C PRO D 148 -10.28 -5.15 1.69
N ASP D 149 -10.84 -4.85 2.88
CA ASP D 149 -10.19 -4.80 4.22
C ASP D 149 -10.16 -3.38 4.88
N THR D 150 -11.20 -3.06 5.65
CA THR D 150 -11.11 -2.10 6.78
C THR D 150 -10.55 -2.90 8.00
N SER D 151 -10.70 -4.24 7.93
CA SER D 151 -10.04 -5.22 8.80
C SER D 151 -10.45 -6.60 8.35
N GLY D 152 -11.68 -7.00 8.71
CA GLY D 152 -12.10 -8.41 8.78
C GLY D 152 -11.83 -8.77 10.22
N LYS D 153 -11.18 -9.91 10.44
CA LYS D 153 -10.58 -10.25 11.74
C LYS D 153 -10.25 -11.73 11.81
N ASP D 154 -11.24 -12.50 12.26
CA ASP D 154 -11.12 -13.92 12.57
C ASP D 154 -10.09 -14.42 11.64
N VAL D 155 -8.96 -14.78 12.19
CA VAL D 155 -7.93 -15.29 11.34
C VAL D 155 -8.62 -16.20 10.35
N PHE D 156 -9.69 -16.88 10.80
CA PHE D 156 -10.41 -17.74 9.90
C PHE D 156 -10.87 -16.99 8.67
N GLN D 157 -11.73 -16.01 8.90
CA GLN D 157 -12.23 -15.15 7.84
C GLN D 157 -11.11 -14.79 6.88
N LYS D 158 -10.01 -14.30 7.43
CA LYS D 158 -8.93 -13.76 6.62
C LYS D 158 -8.35 -14.81 5.67
N LYS D 159 -8.52 -16.08 6.02
CA LYS D 159 -8.11 -17.18 5.15
C LYS D 159 -9.16 -17.30 4.10
N LYS D 160 -10.40 -17.38 4.54
CA LYS D 160 -11.54 -17.45 3.65
C LYS D 160 -11.49 -16.26 2.69
N LEU D 161 -11.77 -15.06 3.20
CA LEU D 161 -11.87 -13.89 2.35
C LEU D 161 -10.70 -13.80 1.40
N GLY D 162 -9.53 -14.16 1.88
CA GLY D 162 -8.33 -14.24 1.05
C GLY D 162 -8.49 -15.25 -0.04
N CYS D 163 -8.68 -16.51 0.35
CA CYS D 163 -9.02 -17.57 -0.58
C CYS D 163 -10.14 -17.07 -1.49
N GLN D 164 -11.30 -16.83 -0.88
CA GLN D 164 -12.52 -16.42 -1.56
C GLN D 164 -12.24 -15.41 -2.69
N LEU D 165 -11.31 -14.50 -2.43
CA LEU D 165 -10.94 -13.55 -3.45
C LEU D 165 -10.22 -14.21 -4.61
N LEU D 166 -9.02 -14.72 -4.36
CA LEU D 166 -8.23 -15.34 -5.39
C LEU D 166 -9.11 -16.16 -6.31
N GLY D 167 -10.07 -16.84 -5.68
CA GLY D 167 -11.08 -17.64 -6.35
C GLY D 167 -11.72 -16.94 -7.53
N LYS D 168 -12.05 -15.66 -7.35
CA LYS D 168 -12.58 -14.80 -8.42
C LYS D 168 -11.50 -14.37 -9.41
N TYR D 169 -10.36 -13.92 -8.91
CA TYR D 169 -9.29 -13.50 -9.77
C TYR D 169 -9.00 -14.58 -10.77
N LYS D 170 -8.68 -15.78 -10.29
CA LYS D 170 -8.53 -16.95 -11.13
C LYS D 170 -9.64 -17.06 -12.19
N GLN D 171 -10.87 -16.87 -11.73
CA GLN D 171 -12.02 -17.07 -12.55
C GLN D 171 -12.09 -15.98 -13.59
N ILE D 172 -11.86 -14.74 -13.18
CA ILE D 172 -12.08 -13.60 -14.06
C ILE D 172 -10.95 -13.33 -15.02
N ILE D 173 -9.72 -13.36 -14.51
CA ILE D 173 -8.53 -13.18 -15.33
C ILE D 173 -8.60 -14.02 -16.63
N ALA D 174 -9.22 -15.19 -16.52
CA ALA D 174 -9.42 -16.10 -17.64
C ALA D 174 -10.28 -15.50 -18.74
N VAL D 175 -11.21 -14.65 -18.33
CA VAL D 175 -12.09 -14.01 -19.27
C VAL D 175 -11.35 -12.80 -19.80
N LEU D 176 -10.85 -11.97 -18.90
CA LEU D 176 -10.03 -10.83 -19.26
C LEU D 176 -9.11 -11.21 -20.41
N ALA D 177 -8.33 -12.25 -20.18
CA ALA D 177 -7.34 -12.76 -21.14
C ALA D 177 -7.87 -12.80 -22.55
N GLN D 178 -8.55 -13.90 -22.86
CA GLN D 178 -9.13 -14.13 -24.18
C GLN D 178 -10.38 -13.29 -24.44
N ALA D 179 -10.30 -11.97 -24.24
CA ALA D 179 -11.42 -11.11 -24.55
C ALA D 179 -11.00 -10.01 -25.50
N PHE D 180 -10.07 -9.18 -25.03
CA PHE D 180 -9.65 -8.00 -25.79
C PHE D 180 -8.16 -8.00 -26.09
#